data_6GXS
#
_entry.id   6GXS
#
_cell.length_a   65.709
_cell.length_b   123.781
_cell.length_c   180.935
_cell.angle_alpha   90.00
_cell.angle_beta   90.00
_cell.angle_gamma   90.00
#
_symmetry.space_group_name_H-M   'P 21 21 21'
#
loop_
_entity.id
_entity.type
_entity.pdbx_description
1 polymer 'CV39L lectin'
2 non-polymer 'SULFATE ION'
3 non-polymer 1,2-ETHANEDIOL
4 non-polymer DI(HYDROXYETHYL)ETHER
5 non-polymer 'PENTAETHYLENE GLYCOL'
6 water water
#
_entity_poly.entity_id   1
_entity_poly.type   'polypeptide(L)'
_entity_poly.pdbx_seq_one_letter_code
;MHHHHHHENLYFQSSSQFHGLAIGNGNSNYLQVLGLANITDTAYLTDWQDSGGNWHAGFALPVPSDYPKGHFFQLTTGVG
NSNYLQVLGAGEDGNPYLVSWQDGSGKWHGGMPLPKPSGYSGGPLVTGIGNSNYLQVIGARVESSPYLVAWQDNGGNWHA
GMPLPNPSGYAGGFQQLATGNGNDHFLQVVGVGNDGNAYLVTWQNAQGQWSPGFALPKPSGYSGTFTQLATGVGNGNFLQ
VLGIGTDGNAYLVAWQDNGGNWHPGFALPKPSGYNGTFAKLVTGIGNSNYLQVFGIGSNGVAYLVSWQDSGGNWHGGLTL
PQPSGYNGSFSQLAAGNGNSHYLQVVGTDAQGNVYLVSWQDSEGKWHAGFELPRAS
;
_entity_poly.pdbx_strand_id   A,B,C,D
#
loop_
_chem_comp.id
_chem_comp.type
_chem_comp.name
_chem_comp.formula
1PE non-polymer 'PENTAETHYLENE GLYCOL' 'C10 H22 O6'
EDO non-polymer 1,2-ETHANEDIOL 'C2 H6 O2'
PEG non-polymer DI(HYDROXYETHYL)ETHER 'C4 H10 O3'
SO4 non-polymer 'SULFATE ION' 'O4 S -2'
#
# COMPACT_ATOMS: atom_id res chain seq x y z
N SER A 14 12.05 6.87 -0.61
CA SER A 14 12.17 5.92 -1.81
C SER A 14 11.22 6.31 -2.99
N SER A 15 11.83 6.34 -4.19
CA SER A 15 11.06 6.38 -5.44
C SER A 15 10.69 5.01 -5.92
N SER A 16 9.56 4.91 -6.65
CA SER A 16 9.18 3.61 -7.22
C SER A 16 8.84 3.61 -8.71
N GLN A 17 9.07 4.73 -9.41
CA GLN A 17 8.71 4.82 -10.82
C GLN A 17 9.92 5.39 -11.53
N PHE A 18 10.24 4.78 -12.62
CA PHE A 18 11.54 4.93 -13.28
C PHE A 18 11.45 5.11 -14.77
N HIS A 19 12.58 5.54 -15.33
CA HIS A 19 12.84 5.60 -16.80
C HIS A 19 14.27 5.18 -16.95
N GLY A 20 14.71 4.99 -18.19
CA GLY A 20 16.16 4.76 -18.44
C GLY A 20 16.75 3.52 -17.86
N LEU A 21 15.99 2.42 -17.90
CA LEU A 21 16.49 1.21 -17.31
C LEU A 21 17.75 0.76 -17.97
N ALA A 22 18.54 0.00 -17.20
CA ALA A 22 19.72 -0.70 -17.65
C ALA A 22 19.76 -1.99 -16.91
N ILE A 23 20.34 -3.03 -17.44
CA ILE A 23 20.22 -4.32 -16.84
C ILE A 23 21.59 -4.96 -16.87
N GLY A 24 21.98 -5.66 -15.81
CA GLY A 24 23.24 -6.44 -15.94
C GLY A 24 23.29 -7.51 -14.89
N ASN A 25 24.34 -8.36 -14.92
CA ASN A 25 24.46 -9.37 -13.88
C ASN A 25 25.49 -9.02 -12.87
N GLY A 26 25.14 -9.21 -11.63
CA GLY A 26 26.00 -8.91 -10.54
C GLY A 26 26.56 -10.12 -9.82
N ASN A 27 26.64 -9.99 -8.48
CA ASN A 27 27.26 -11.05 -7.66
C ASN A 27 26.48 -12.34 -7.89
N SER A 28 27.23 -13.46 -8.05
CA SER A 28 26.62 -14.76 -8.33
C SER A 28 25.72 -14.75 -9.57
N ASN A 29 26.04 -13.90 -10.53
CA ASN A 29 25.22 -13.61 -11.70
C ASN A 29 23.78 -13.25 -11.42
N TYR A 30 23.47 -12.76 -10.24
CA TYR A 30 22.09 -12.30 -10.00
C TYR A 30 21.74 -11.09 -10.90
N LEU A 31 20.63 -11.16 -11.56
CA LEU A 31 20.19 -10.07 -12.43
C LEU A 31 19.84 -8.82 -11.60
N GLN A 32 20.29 -7.65 -12.11
CA GLN A 32 20.16 -6.37 -11.48
C GLN A 32 19.47 -5.46 -12.48
N VAL A 33 18.39 -4.83 -12.06
CA VAL A 33 17.72 -3.87 -12.93
C VAL A 33 17.97 -2.51 -12.34
N LEU A 34 18.73 -1.69 -13.09
CA LEU A 34 18.98 -0.31 -12.70
C LEU A 34 17.97 0.62 -13.39
N GLY A 35 17.83 1.84 -12.85
CA GLY A 35 16.89 2.81 -13.36
C GLY A 35 17.12 4.20 -12.85
N LEU A 36 16.53 5.18 -13.55
CA LEU A 36 16.51 6.53 -13.10
C LEU A 36 15.12 6.87 -12.56
N ALA A 37 15.06 7.30 -11.31
CA ALA A 37 13.79 7.74 -10.76
C ALA A 37 13.18 8.84 -11.64
N ASN A 38 11.88 8.71 -11.85
CA ASN A 38 11.13 9.78 -12.44
C ASN A 38 11.20 11.03 -11.55
N ILE A 39 11.23 12.15 -12.23
CA ILE A 39 11.29 13.50 -11.64
C ILE A 39 12.68 13.88 -11.11
N THR A 40 13.35 13.02 -10.36
CA THR A 40 14.60 13.39 -9.66
C THR A 40 15.82 12.96 -10.44
N ASP A 41 15.69 11.94 -11.28
CA ASP A 41 16.81 11.35 -12.00
C ASP A 41 17.82 10.76 -11.11
N THR A 42 17.38 10.25 -9.98
CA THR A 42 18.27 9.57 -9.04
C THR A 42 18.51 8.14 -9.48
N ALA A 43 19.79 7.75 -9.50
CA ALA A 43 20.18 6.36 -9.87
C ALA A 43 19.76 5.34 -8.83
N TYR A 44 19.08 4.28 -9.28
CA TYR A 44 18.55 3.25 -8.40
C TYR A 44 18.85 1.86 -8.91
N LEU A 45 19.04 0.95 -7.99
CA LEU A 45 18.74 -0.43 -8.22
C LEU A 45 17.23 -0.53 -8.03
N THR A 46 16.47 -0.84 -9.07
CA THR A 46 15.03 -0.99 -8.84
C THR A 46 14.75 -2.31 -8.20
N ASP A 47 15.39 -3.37 -8.75
CA ASP A 47 15.08 -4.70 -8.32
C ASP A 47 16.26 -5.59 -8.64
N TRP A 48 16.34 -6.73 -7.95
CA TRP A 48 17.28 -7.75 -8.32
C TRP A 48 16.68 -9.11 -8.14
N GLN A 49 17.23 -10.12 -8.81
CA GLN A 49 16.60 -11.46 -8.80
C GLN A 49 17.59 -12.52 -8.23
N ASP A 50 17.12 -13.36 -7.32
CA ASP A 50 17.96 -14.38 -6.74
C ASP A 50 17.97 -15.66 -7.55
N SER A 51 18.75 -16.67 -7.04
CA SER A 51 18.97 -17.90 -7.82
C SER A 51 17.73 -18.80 -7.86
N GLY A 52 16.73 -18.51 -7.03
CA GLY A 52 15.42 -19.14 -7.13
C GLY A 52 14.41 -18.43 -8.01
N GLY A 53 14.82 -17.31 -8.62
CA GLY A 53 13.96 -16.57 -9.53
C GLY A 53 13.13 -15.52 -8.83
N ASN A 54 13.34 -15.39 -7.50
CA ASN A 54 12.64 -14.43 -6.73
C ASN A 54 13.20 -13.02 -6.88
N TRP A 55 12.27 -12.08 -7.04
CA TRP A 55 12.67 -10.66 -7.21
C TRP A 55 12.57 -9.89 -5.89
N HIS A 56 13.53 -8.99 -5.69
CA HIS A 56 13.65 -8.18 -4.49
C HIS A 56 13.76 -6.71 -4.83
N ALA A 57 13.10 -5.87 -4.01
CA ALA A 57 13.19 -4.46 -4.19
C ALA A 57 14.60 -3.98 -3.92
N GLY A 58 15.04 -2.97 -4.67
CA GLY A 58 16.29 -2.32 -4.43
C GLY A 58 16.11 -0.99 -3.71
N PHE A 59 16.92 -0.01 -4.12
CA PHE A 59 17.20 1.14 -3.35
C PHE A 59 18.08 2.10 -4.15
N ALA A 60 18.20 3.36 -3.70
CA ALA A 60 19.11 4.31 -4.38
C ALA A 60 20.55 3.88 -4.32
N LEU A 61 21.24 3.97 -5.44
CA LEU A 61 22.60 3.60 -5.49
C LEU A 61 23.45 4.64 -4.74
N PRO A 62 24.50 4.16 -4.06
CA PRO A 62 25.47 5.09 -3.46
C PRO A 62 26.23 5.86 -4.51
N VAL A 63 26.34 7.16 -4.36
CA VAL A 63 26.86 7.98 -5.39
C VAL A 63 28.30 8.32 -5.10
N PRO A 64 29.06 8.88 -6.09
CA PRO A 64 30.44 9.17 -5.88
C PRO A 64 30.62 10.25 -4.78
N SER A 65 31.64 10.12 -3.95
CA SER A 65 31.98 11.14 -2.95
C SER A 65 32.25 12.52 -3.59
N ASP A 66 32.75 12.51 -4.81
CA ASP A 66 32.91 13.74 -5.58
C ASP A 66 31.64 14.28 -6.33
N TYR A 67 30.53 13.63 -6.17
CA TYR A 67 29.26 14.05 -6.72
C TYR A 67 28.20 13.58 -5.75
N PRO A 68 28.25 14.16 -4.51
CA PRO A 68 27.57 13.46 -3.43
C PRO A 68 26.05 13.47 -3.35
N LYS A 69 25.41 14.36 -4.08
CA LYS A 69 23.99 14.40 -4.27
C LYS A 69 23.77 14.31 -5.80
N GLY A 70 24.51 13.44 -6.43
CA GLY A 70 24.56 13.50 -7.87
C GLY A 70 23.32 12.86 -8.50
N HIS A 71 23.02 13.27 -9.74
CA HIS A 71 21.90 12.80 -10.53
C HIS A 71 22.38 12.59 -11.92
N PHE A 72 21.67 11.78 -12.70
CA PHE A 72 22.16 11.25 -14.02
C PHE A 72 21.03 11.25 -14.99
N PHE A 73 21.33 11.56 -16.26
CA PHE A 73 20.29 11.50 -17.26
C PHE A 73 20.30 10.24 -18.10
N GLN A 74 21.32 9.42 -17.88
CA GLN A 74 21.41 8.16 -18.54
C GLN A 74 22.33 7.24 -17.72
N LEU A 75 22.00 5.97 -17.73
CA LEU A 75 22.80 4.91 -17.09
C LEU A 75 23.05 3.77 -18.02
N THR A 76 24.15 3.07 -17.75
CA THR A 76 24.36 1.83 -18.35
C THR A 76 25.27 0.95 -17.47
N THR A 77 25.30 -0.36 -17.72
CA THR A 77 26.14 -1.24 -16.95
C THR A 77 27.33 -1.79 -17.74
N GLY A 78 28.32 -2.25 -17.04
CA GLY A 78 29.44 -2.98 -17.62
C GLY A 78 30.03 -3.93 -16.62
N VAL A 79 30.52 -5.09 -17.08
CA VAL A 79 31.22 -6.01 -16.24
C VAL A 79 32.68 -5.60 -16.11
N GLY A 80 33.09 -5.35 -14.89
CA GLY A 80 34.42 -4.83 -14.63
C GLY A 80 35.32 -5.94 -14.10
N ASN A 81 36.35 -5.54 -13.43
CA ASN A 81 37.33 -6.41 -12.79
C ASN A 81 36.69 -7.35 -11.81
N SER A 82 37.21 -8.57 -11.79
CA SER A 82 36.68 -9.63 -10.96
C SER A 82 35.21 -9.77 -11.08
N ASN A 83 34.71 -9.58 -12.28
CA ASN A 83 33.30 -9.57 -12.64
C ASN A 83 32.41 -8.64 -11.71
N TYR A 84 32.98 -7.67 -11.15
CA TYR A 84 32.22 -6.60 -10.41
C TYR A 84 31.42 -5.78 -11.35
N LEU A 85 30.11 -5.82 -11.19
CA LEU A 85 29.18 -5.02 -11.96
C LEU A 85 29.46 -3.50 -11.73
N GLN A 86 29.63 -2.77 -12.84
CA GLN A 86 29.83 -1.35 -12.86
C GLN A 86 28.58 -0.67 -13.44
N VAL A 87 28.15 0.40 -12.80
CA VAL A 87 27.05 1.20 -13.28
C VAL A 87 27.61 2.57 -13.67
N LEU A 88 27.55 2.89 -14.97
CA LEU A 88 28.07 4.11 -15.52
CA LEU A 88 28.06 4.12 -15.50
C LEU A 88 26.92 5.11 -15.65
N GLY A 89 27.20 6.41 -15.46
CA GLY A 89 26.12 7.39 -15.58
C GLY A 89 26.62 8.68 -16.22
N ALA A 90 25.75 9.29 -17.01
CA ALA A 90 25.97 10.60 -17.54
C ALA A 90 25.45 11.64 -16.55
N GLY A 91 26.36 12.31 -15.87
CA GLY A 91 26.04 13.28 -14.84
C GLY A 91 25.28 14.44 -15.43
N GLU A 92 24.36 14.94 -14.61
CA GLU A 92 23.66 16.14 -14.98
C GLU A 92 24.50 17.42 -14.77
N ASP A 93 25.64 17.25 -14.16
CA ASP A 93 26.69 18.23 -14.05
C ASP A 93 27.65 18.24 -15.28
N GLY A 94 27.36 17.40 -16.28
CA GLY A 94 28.16 17.37 -17.50
C GLY A 94 29.33 16.49 -17.48
N ASN A 95 29.50 15.72 -16.39
CA ASN A 95 30.65 14.77 -16.32
C ASN A 95 30.20 13.32 -16.35
N PRO A 96 30.99 12.44 -16.97
CA PRO A 96 30.75 11.03 -16.93
C PRO A 96 31.25 10.38 -15.71
N TYR A 97 30.48 9.42 -15.17
CA TYR A 97 30.83 8.77 -13.94
C TYR A 97 30.72 7.29 -13.96
N LEU A 98 31.47 6.70 -13.06
CA LEU A 98 31.13 5.39 -12.51
C LEU A 98 30.25 5.83 -11.40
N VAL A 99 28.94 5.60 -11.49
CA VAL A 99 28.00 5.92 -10.42
C VAL A 99 28.33 5.06 -9.20
N SER A 100 28.37 3.75 -9.40
CA SER A 100 28.54 2.77 -8.32
C SER A 100 29.08 1.50 -8.88
N TRP A 101 29.71 0.68 -8.06
CA TRP A 101 30.05 -0.68 -8.42
C TRP A 101 29.63 -1.64 -7.35
N GLN A 102 29.40 -2.90 -7.70
CA GLN A 102 28.90 -3.92 -6.77
C GLN A 102 29.97 -5.01 -6.58
N ASP A 103 30.28 -5.33 -5.34
CA ASP A 103 31.30 -6.39 -5.03
C ASP A 103 30.70 -7.76 -5.08
N GLY A 104 31.50 -8.75 -4.79
CA GLY A 104 31.11 -10.14 -4.95
C GLY A 104 30.16 -10.63 -3.91
N SER A 105 30.03 -9.90 -2.80
CA SER A 105 28.97 -10.09 -1.81
C SER A 105 27.65 -9.45 -2.08
N GLY A 106 27.56 -8.61 -3.13
CA GLY A 106 26.35 -7.92 -3.49
C GLY A 106 26.26 -6.54 -2.93
N LYS A 107 27.32 -6.10 -2.27
CA LYS A 107 27.32 -4.74 -1.68
C LYS A 107 27.74 -3.72 -2.70
N TRP A 108 27.00 -2.61 -2.70
CA TRP A 108 27.26 -1.50 -3.59
C TRP A 108 28.13 -0.42 -2.92
N HIS A 109 28.97 0.21 -3.75
CA HIS A 109 29.93 1.17 -3.34
C HIS A 109 29.86 2.36 -4.26
N GLY A 110 30.02 3.54 -3.69
CA GLY A 110 30.04 4.76 -4.45
C GLY A 110 31.22 4.79 -5.44
N GLY A 111 30.99 5.41 -6.58
CA GLY A 111 31.87 5.47 -7.66
C GLY A 111 32.83 6.64 -7.72
N MET A 112 33.08 7.14 -8.92
CA MET A 112 34.06 8.20 -9.10
C MET A 112 33.87 8.80 -10.46
N PRO A 113 34.31 10.06 -10.66
CA PRO A 113 34.27 10.58 -11.98
C PRO A 113 35.25 9.82 -12.89
N LEU A 114 34.82 9.66 -14.14
CA LEU A 114 35.71 9.04 -15.11
C LEU A 114 36.80 9.93 -15.65
N PRO A 115 38.03 9.35 -15.86
CA PRO A 115 39.11 10.16 -16.35
C PRO A 115 38.93 10.56 -17.89
N LYS A 116 38.04 11.51 -18.17
CA LYS A 116 37.64 11.70 -19.49
C LYS A 116 38.75 12.45 -20.30
N PRO A 117 38.75 12.39 -21.65
CA PRO A 117 39.73 13.10 -22.46
C PRO A 117 39.29 14.48 -22.79
N SER A 118 40.27 15.31 -23.14
CA SER A 118 40.06 16.60 -23.76
C SER A 118 39.21 16.52 -25.03
N GLY A 119 38.21 17.37 -25.11
CA GLY A 119 37.37 17.48 -26.21
C GLY A 119 36.05 16.69 -26.06
N TYR A 120 36.01 15.78 -25.12
CA TYR A 120 34.75 15.05 -24.78
C TYR A 120 33.68 16.01 -24.18
N SER A 121 32.43 15.92 -24.65
CA SER A 121 31.30 16.78 -24.24
C SER A 121 30.26 15.80 -23.69
N GLY A 122 29.78 16.09 -22.49
CA GLY A 122 28.90 15.22 -21.76
C GLY A 122 27.73 14.70 -22.62
N GLY A 123 27.46 13.41 -22.45
CA GLY A 123 26.42 12.73 -23.13
C GLY A 123 26.26 11.29 -22.65
N PRO A 124 25.37 10.54 -23.25
CA PRO A 124 25.06 9.17 -22.89
C PRO A 124 26.31 8.29 -23.14
N LEU A 125 26.40 7.23 -22.40
CA LEU A 125 27.58 6.32 -22.46
C LEU A 125 27.16 4.97 -22.95
N VAL A 126 28.14 4.24 -23.52
CA VAL A 126 27.95 2.86 -23.90
C VAL A 126 29.17 2.09 -23.47
N THR A 127 29.01 0.88 -23.01
CA THR A 127 30.14 0.12 -22.61
C THR A 127 30.37 -1.06 -23.58
N GLY A 128 31.55 -1.57 -23.52
CA GLY A 128 31.89 -2.87 -24.19
C GLY A 128 33.04 -3.52 -23.50
N ILE A 129 33.14 -4.84 -23.71
CA ILE A 129 34.27 -5.61 -23.15
C ILE A 129 35.39 -5.67 -24.18
N GLY A 130 36.53 -5.05 -23.89
CA GLY A 130 37.66 -4.95 -24.78
C GLY A 130 38.70 -6.01 -24.61
N ASN A 131 39.88 -5.61 -24.99
CA ASN A 131 41.06 -6.48 -24.95
C ASN A 131 41.39 -6.85 -23.54
N SER A 132 41.73 -8.13 -23.37
CA SER A 132 42.01 -8.67 -22.02
C SER A 132 40.82 -8.49 -21.06
N ASN A 133 39.61 -8.46 -21.62
CA ASN A 133 38.40 -8.17 -20.89
C ASN A 133 38.33 -6.76 -20.27
N TYR A 134 39.19 -5.83 -20.63
CA TYR A 134 39.13 -4.50 -20.04
C TYR A 134 37.85 -3.79 -20.42
N LEU A 135 37.07 -3.37 -19.43
CA LEU A 135 35.89 -2.63 -19.70
C LEU A 135 36.17 -1.28 -20.36
N GLN A 136 35.46 -0.98 -21.46
CA GLN A 136 35.65 0.24 -22.18
C GLN A 136 34.38 1.07 -21.97
N VAL A 137 34.48 2.35 -21.70
CA VAL A 137 33.29 3.20 -21.59
C VAL A 137 33.43 4.22 -22.69
N ILE A 138 32.51 4.22 -23.60
CA ILE A 138 32.58 5.07 -24.81
C ILE A 138 31.44 6.09 -24.86
N GLY A 139 31.67 7.26 -25.47
CA GLY A 139 30.60 8.26 -25.63
C GLY A 139 29.64 7.71 -26.68
N ALA A 140 28.36 7.53 -26.33
CA ALA A 140 27.38 6.88 -27.20
C ALA A 140 26.79 7.81 -28.26
N ARG A 141 27.06 9.09 -28.19
CA ARG A 141 26.65 10.04 -29.24
C ARG A 141 27.92 10.76 -29.62
N VAL A 142 28.12 11.01 -30.90
CA VAL A 142 29.36 11.59 -31.40
C VAL A 142 29.05 12.88 -32.18
N GLU A 143 29.55 14.00 -31.68
CA GLU A 143 29.26 15.33 -32.25
C GLU A 143 30.39 15.73 -33.21
N SER A 144 31.58 15.26 -32.94
CA SER A 144 32.77 15.50 -33.73
C SER A 144 33.46 14.14 -34.04
N SER A 145 34.44 13.76 -33.23
CA SER A 145 35.20 12.47 -33.29
C SER A 145 34.66 11.61 -32.15
N PRO A 146 34.69 10.30 -32.35
CA PRO A 146 34.33 9.36 -31.26
C PRO A 146 35.37 9.45 -30.14
N TYR A 147 34.93 9.20 -28.92
CA TYR A 147 35.77 9.19 -27.75
C TYR A 147 35.62 7.92 -26.96
N LEU A 148 36.73 7.36 -26.57
CA LEU A 148 36.78 6.47 -25.39
C LEU A 148 36.89 7.37 -24.16
N VAL A 149 35.87 7.35 -23.35
CA VAL A 149 35.86 8.10 -22.11
C VAL A 149 36.90 7.57 -21.14
N ALA A 150 36.89 6.26 -20.90
CA ALA A 150 37.81 5.68 -19.97
C ALA A 150 37.83 4.21 -20.19
N TRP A 151 38.83 3.56 -19.67
CA TRP A 151 38.87 2.08 -19.63
C TRP A 151 39.39 1.58 -18.31
N GLN A 152 39.06 0.33 -17.99
CA GLN A 152 39.35 -0.20 -16.63
C GLN A 152 40.14 -1.51 -16.81
N ASP A 153 41.26 -1.58 -16.06
CA ASP A 153 42.10 -2.79 -16.09
C ASP A 153 41.54 -3.92 -15.19
N ASN A 154 42.22 -5.08 -15.22
CA ASN A 154 41.72 -6.21 -14.54
C ASN A 154 41.95 -6.18 -13.02
N GLY A 155 42.70 -5.21 -12.55
CA GLY A 155 42.75 -4.92 -11.10
C GLY A 155 41.79 -3.87 -10.64
N GLY A 156 40.93 -3.35 -11.51
CA GLY A 156 39.98 -2.35 -11.13
C GLY A 156 40.39 -0.89 -11.31
N ASN A 157 41.58 -0.67 -11.80
CA ASN A 157 42.08 0.70 -11.94
C ASN A 157 41.54 1.36 -13.26
N TRP A 158 41.10 2.59 -13.15
CA TRP A 158 40.58 3.33 -14.30
C TRP A 158 41.65 4.18 -14.96
N HIS A 159 41.56 4.27 -16.26
CA HIS A 159 42.59 4.88 -17.10
C HIS A 159 41.95 5.84 -18.04
N ALA A 160 42.69 6.90 -18.37
CA ALA A 160 42.25 8.00 -19.13
C ALA A 160 41.84 7.52 -20.54
N GLY A 161 40.77 8.11 -21.04
CA GLY A 161 40.36 7.89 -22.42
C GLY A 161 41.17 8.63 -23.49
N MET A 162 40.64 8.59 -24.71
CA MET A 162 41.27 9.19 -25.86
CA MET A 162 41.26 9.19 -25.85
C MET A 162 40.29 9.24 -27.00
N PRO A 163 40.58 10.06 -28.02
CA PRO A 163 39.74 9.93 -29.24
C PRO A 163 39.85 8.52 -29.85
N LEU A 164 38.79 8.12 -30.54
CA LEU A 164 38.81 6.89 -31.31
C LEU A 164 38.64 7.21 -32.77
N PRO A 165 39.07 6.32 -33.68
CA PRO A 165 38.89 6.57 -35.12
C PRO A 165 37.45 6.65 -35.65
N ASN A 166 37.22 7.60 -36.55
CA ASN A 166 36.07 7.57 -37.38
C ASN A 166 36.20 6.46 -38.36
N PRO A 167 35.07 6.03 -38.90
CA PRO A 167 35.14 5.07 -40.01
C PRO A 167 35.82 5.69 -41.23
N SER A 168 36.36 4.79 -42.05
CA SER A 168 36.67 5.10 -43.43
C SER A 168 35.62 5.99 -44.05
N GLY A 169 36.08 7.12 -44.57
CA GLY A 169 35.30 8.00 -45.34
C GLY A 169 34.26 8.90 -44.77
N TYR A 170 34.11 8.97 -43.45
CA TYR A 170 33.00 9.67 -42.88
C TYR A 170 33.39 10.29 -41.57
N ALA A 171 33.09 11.59 -41.40
CA ALA A 171 33.30 12.26 -40.10
C ALA A 171 32.16 13.18 -39.75
N GLY A 172 30.94 12.76 -40.06
CA GLY A 172 29.74 13.57 -39.85
C GLY A 172 29.04 13.43 -38.54
N GLY A 173 29.62 12.64 -37.63
CA GLY A 173 29.11 12.46 -36.33
C GLY A 173 28.14 11.27 -36.30
N PHE A 174 27.68 10.89 -35.11
CA PHE A 174 26.85 9.75 -34.96
C PHE A 174 25.75 10.00 -33.94
N GLN A 175 24.57 9.66 -34.32
CA GLN A 175 23.40 9.64 -33.40
C GLN A 175 23.53 8.71 -32.23
N GLN A 176 24.18 7.55 -32.46
CA GLN A 176 24.17 6.47 -31.52
C GLN A 176 25.27 5.52 -31.87
N LEU A 177 26.04 5.11 -30.88
CA LEU A 177 26.98 4.02 -30.94
C LEU A 177 26.52 2.89 -30.06
N ALA A 178 26.77 1.67 -30.55
CA ALA A 178 26.50 0.50 -29.87
C ALA A 178 27.71 -0.44 -30.00
N THR A 179 27.75 -1.46 -29.16
CA THR A 179 28.98 -2.33 -29.10
C THR A 179 28.57 -3.75 -29.14
N GLY A 180 29.49 -4.60 -29.57
CA GLY A 180 29.31 -6.02 -29.47
C GLY A 180 30.63 -6.70 -29.68
N ASN A 181 30.72 -7.94 -29.23
CA ASN A 181 31.94 -8.72 -29.50
C ASN A 181 31.85 -9.53 -30.73
N GLY A 182 32.86 -9.34 -31.54
CA GLY A 182 33.01 -9.98 -32.81
C GLY A 182 33.99 -11.15 -32.87
N ASN A 183 34.52 -11.34 -34.07
CA ASN A 183 35.47 -12.42 -34.29
C ASN A 183 36.63 -12.29 -33.33
N ASP A 184 37.06 -13.47 -32.79
CA ASP A 184 38.18 -13.50 -31.85
C ASP A 184 38.02 -12.57 -30.65
N HIS A 185 36.77 -12.39 -30.18
CA HIS A 185 36.40 -11.50 -29.13
C HIS A 185 36.68 -10.04 -29.37
N PHE A 186 36.98 -9.60 -30.58
CA PHE A 186 37.36 -8.19 -30.80
C PHE A 186 36.15 -7.33 -30.63
N LEU A 187 36.27 -6.27 -29.83
CA LEU A 187 35.13 -5.34 -29.63
C LEU A 187 34.88 -4.58 -30.88
N GLN A 188 33.59 -4.50 -31.28
CA GLN A 188 33.18 -3.74 -32.37
C GLN A 188 32.31 -2.62 -31.92
N VAL A 189 32.52 -1.43 -32.48
CA VAL A 189 31.69 -0.28 -32.14
C VAL A 189 30.97 0.11 -33.40
N VAL A 190 29.64 -0.06 -33.42
CA VAL A 190 28.81 0.30 -34.58
C VAL A 190 28.04 1.59 -34.29
N GLY A 191 27.62 2.29 -35.33
CA GLY A 191 26.89 3.56 -35.12
C GLY A 191 26.01 3.96 -36.27
N VAL A 192 25.01 4.76 -35.94
CA VAL A 192 24.13 5.36 -36.90
C VAL A 192 24.65 6.76 -37.10
N GLY A 193 25.07 7.08 -38.34
CA GLY A 193 25.66 8.35 -38.62
C GLY A 193 24.57 9.42 -38.54
N ASN A 194 24.99 10.66 -38.48
CA ASN A 194 24.07 11.76 -38.67
C ASN A 194 23.51 11.73 -40.08
N ASP A 195 24.16 10.95 -40.97
CA ASP A 195 23.64 10.76 -42.29
C ASP A 195 22.60 9.61 -42.37
N GLY A 196 22.34 8.99 -41.27
CA GLY A 196 21.36 7.86 -41.19
C GLY A 196 21.93 6.51 -41.62
N ASN A 197 23.20 6.44 -42.05
CA ASN A 197 23.80 5.21 -42.50
C ASN A 197 24.37 4.47 -41.31
N ALA A 198 24.40 3.14 -41.44
CA ALA A 198 25.01 2.24 -40.52
C ALA A 198 26.49 1.98 -40.79
N TYR A 199 27.27 2.23 -39.78
CA TYR A 199 28.76 2.02 -39.80
C TYR A 199 29.30 1.10 -38.75
N LEU A 200 30.39 0.37 -39.13
CA LEU A 200 31.32 -0.03 -38.15
C LEU A 200 32.15 1.23 -37.91
N VAL A 201 32.03 1.85 -36.75
CA VAL A 201 32.82 3.06 -36.48
C VAL A 201 34.30 2.68 -36.33
N THR A 202 34.56 1.70 -35.46
CA THR A 202 35.92 1.29 -35.11
C THR A 202 35.88 -0.03 -34.45
N TRP A 203 36.98 -0.76 -34.51
CA TRP A 203 37.09 -2.01 -33.83
C TRP A 203 38.49 -2.12 -33.13
N GLN A 204 38.56 -2.94 -32.13
CA GLN A 204 39.70 -3.02 -31.22
C GLN A 204 40.29 -4.43 -31.24
N ASN A 205 41.55 -4.54 -31.46
CA ASN A 205 42.20 -5.82 -31.43
C ASN A 205 42.57 -6.27 -30.08
N ALA A 206 43.20 -7.44 -30.04
CA ALA A 206 43.50 -8.07 -28.74
C ALA A 206 44.61 -7.40 -27.92
N GLN A 207 45.33 -6.48 -28.51
CA GLN A 207 46.39 -5.76 -27.89
C GLN A 207 45.83 -4.35 -27.53
N GLY A 208 44.57 -4.09 -27.79
CA GLY A 208 43.97 -2.81 -27.43
C GLY A 208 43.99 -1.72 -28.44
N GLN A 209 44.45 -2.05 -29.63
CA GLN A 209 44.57 -1.03 -30.67
C GLN A 209 43.29 -0.89 -31.47
N TRP A 210 42.95 0.36 -31.76
CA TRP A 210 41.71 0.67 -32.42
C TRP A 210 41.94 0.99 -33.89
N SER A 211 41.17 0.39 -34.76
CA SER A 211 41.27 0.60 -36.19
C SER A 211 40.01 1.24 -36.75
N PRO A 212 40.13 2.02 -37.82
CA PRO A 212 38.91 2.61 -38.44
C PRO A 212 38.05 1.52 -39.06
N GLY A 213 36.76 1.70 -38.90
CA GLY A 213 35.80 0.88 -39.62
C GLY A 213 35.41 1.47 -40.94
N PHE A 214 34.20 1.23 -41.30
CA PHE A 214 33.70 1.43 -42.67
C PHE A 214 32.16 1.34 -42.65
N ALA A 215 31.53 1.72 -43.73
CA ALA A 215 30.07 1.50 -43.88
C ALA A 215 29.74 0.01 -43.84
N LEU A 216 28.75 -0.36 -43.04
CA LEU A 216 28.26 -1.73 -43.05
C LEU A 216 27.47 -2.01 -44.35
N PRO A 217 27.55 -3.21 -44.86
CA PRO A 217 26.77 -3.57 -46.05
C PRO A 217 25.28 -3.33 -45.74
N LYS A 218 24.50 -2.78 -46.69
CA LYS A 218 23.10 -2.58 -46.43
C LYS A 218 22.37 -3.92 -46.40
N PRO A 219 21.30 -4.01 -45.62
CA PRO A 219 20.49 -5.20 -45.69
C PRO A 219 19.86 -5.44 -47.10
N SER A 220 19.62 -6.71 -47.38
CA SER A 220 18.84 -7.17 -48.54
C SER A 220 17.67 -6.25 -48.83
N GLY A 221 17.67 -5.72 -50.02
CA GLY A 221 16.50 -5.03 -50.54
C GLY A 221 16.20 -3.67 -49.93
N TYR A 222 17.08 -3.11 -49.12
CA TYR A 222 16.74 -1.86 -48.45
C TYR A 222 17.89 -0.91 -48.59
N SER A 223 17.64 0.20 -49.30
CA SER A 223 18.71 1.21 -49.52
C SER A 223 18.69 2.43 -48.56
N GLY A 224 17.69 2.44 -47.68
CA GLY A 224 17.35 3.55 -46.84
C GLY A 224 18.18 3.64 -45.58
N THR A 225 17.78 4.57 -44.72
CA THR A 225 18.54 4.90 -43.51
C THR A 225 17.92 4.29 -42.24
N PHE A 226 18.62 4.41 -41.12
CA PHE A 226 18.33 3.84 -39.85
C PHE A 226 18.31 4.89 -38.77
N THR A 227 17.56 4.57 -37.70
CA THR A 227 17.46 5.46 -36.56
C THR A 227 18.12 4.90 -35.28
N GLN A 228 18.35 3.58 -35.27
CA GLN A 228 18.83 2.92 -34.09
C GLN A 228 19.45 1.61 -34.44
N LEU A 229 20.49 1.26 -33.72
CA LEU A 229 21.13 -0.09 -33.86
C LEU A 229 21.15 -0.80 -32.52
N ALA A 230 21.25 -2.12 -32.52
CA ALA A 230 21.52 -2.84 -31.34
C ALA A 230 22.30 -4.08 -31.75
N THR A 231 23.12 -4.61 -30.92
CA THR A 231 23.86 -5.83 -31.30
C THR A 231 23.33 -7.04 -30.57
N GLY A 232 23.66 -8.21 -31.08
CA GLY A 232 23.26 -9.46 -30.38
C GLY A 232 24.23 -10.55 -30.87
N VAL A 233 24.55 -11.46 -30.00
CA VAL A 233 25.36 -12.64 -30.36
C VAL A 233 24.46 -13.71 -30.99
N GLY A 234 24.70 -13.98 -32.26
CA GLY A 234 23.99 -14.92 -33.03
C GLY A 234 24.49 -16.38 -33.12
N ASN A 235 23.95 -17.08 -34.10
CA ASN A 235 24.37 -18.50 -34.27
C ASN A 235 25.86 -18.49 -34.54
N GLY A 236 26.52 -19.54 -34.05
CA GLY A 236 27.95 -19.68 -34.34
C GLY A 236 28.83 -18.60 -33.73
N ASN A 237 28.30 -17.83 -32.76
CA ASN A 237 28.89 -16.62 -32.17
C ASN A 237 29.06 -15.49 -33.14
N PHE A 238 28.37 -15.53 -34.22
CA PHE A 238 28.42 -14.53 -35.27
C PHE A 238 27.74 -13.26 -34.69
N LEU A 239 28.49 -12.17 -34.58
CA LEU A 239 27.85 -10.90 -34.18
C LEU A 239 26.80 -10.42 -35.18
N GLN A 240 25.63 -10.04 -34.66
CA GLN A 240 24.52 -9.54 -35.45
C GLN A 240 24.32 -8.06 -35.09
N VAL A 241 24.17 -7.22 -36.11
CA VAL A 241 23.83 -5.80 -35.87
C VAL A 241 22.41 -5.60 -36.37
N LEU A 242 21.52 -5.38 -35.42
CA LEU A 242 20.13 -5.12 -35.73
C LEU A 242 19.86 -3.60 -35.84
N GLY A 243 18.82 -3.22 -36.54
CA GLY A 243 18.51 -1.76 -36.66
C GLY A 243 17.04 -1.58 -36.91
N ILE A 244 16.63 -0.38 -36.55
CA ILE A 244 15.33 0.17 -36.95
C ILE A 244 15.53 1.10 -38.11
N GLY A 245 14.79 0.83 -39.22
CA GLY A 245 14.87 1.66 -40.37
C GLY A 245 14.16 2.98 -40.17
N THR A 246 14.53 3.98 -40.91
CA THR A 246 13.66 5.21 -40.97
C THR A 246 12.27 4.88 -41.51
N ASP A 247 12.16 3.77 -42.22
CA ASP A 247 10.90 3.19 -42.65
C ASP A 247 10.03 2.56 -41.55
N GLY A 248 10.56 2.44 -40.38
CA GLY A 248 9.89 1.86 -39.26
C GLY A 248 10.03 0.35 -39.14
N ASN A 249 10.73 -0.28 -40.07
CA ASN A 249 10.89 -1.72 -40.01
C ASN A 249 12.10 -2.15 -39.28
N ALA A 250 12.04 -3.35 -38.72
CA ALA A 250 13.15 -3.96 -38.04
C ALA A 250 14.00 -4.73 -39.02
N TYR A 251 15.32 -4.59 -38.93
CA TYR A 251 16.27 -5.26 -39.81
C TYR A 251 17.35 -5.96 -39.06
N LEU A 252 17.86 -7.01 -39.68
CA LEU A 252 19.25 -7.38 -39.39
C LEU A 252 19.98 -6.54 -40.43
N VAL A 253 20.74 -5.54 -40.03
CA VAL A 253 21.51 -4.66 -40.93
C VAL A 253 22.61 -5.50 -41.59
N ALA A 254 23.40 -6.16 -40.76
CA ALA A 254 24.57 -6.93 -41.19
C ALA A 254 25.02 -7.84 -40.09
N TRP A 255 25.82 -8.87 -40.43
CA TRP A 255 26.37 -9.80 -39.48
C TRP A 255 27.80 -10.06 -39.86
N GLN A 256 28.57 -10.41 -38.87
CA GLN A 256 30.01 -10.64 -38.99
C GLN A 256 30.37 -12.10 -38.80
N ASP A 257 31.12 -12.63 -39.72
CA ASP A 257 31.63 -14.01 -39.58
C ASP A 257 32.80 -14.17 -38.61
N ASN A 258 33.21 -15.42 -38.43
CA ASN A 258 34.29 -15.76 -37.41
C ASN A 258 35.67 -15.35 -37.91
N GLY A 259 35.76 -14.92 -39.17
CA GLY A 259 36.94 -14.37 -39.78
C GLY A 259 37.00 -12.85 -39.80
N GLY A 260 35.93 -12.20 -39.35
CA GLY A 260 35.93 -10.77 -39.27
C GLY A 260 35.23 -10.08 -40.41
N ASN A 261 34.82 -10.81 -41.43
CA ASN A 261 34.17 -10.18 -42.59
C ASN A 261 32.67 -9.95 -42.38
N TRP A 262 32.17 -8.88 -42.95
CA TRP A 262 30.78 -8.49 -42.74
C TRP A 262 29.89 -8.88 -43.91
N HIS A 263 28.66 -9.25 -43.66
CA HIS A 263 27.75 -9.71 -44.68
C HIS A 263 26.41 -9.00 -44.52
N PRO A 264 25.70 -8.79 -45.63
CA PRO A 264 24.41 -8.13 -45.57
C PRO A 264 23.35 -8.90 -44.86
N GLY A 265 22.52 -8.13 -44.12
CA GLY A 265 21.33 -8.71 -43.52
C GLY A 265 20.07 -8.62 -44.36
N PHE A 266 18.95 -8.39 -43.70
CA PHE A 266 17.64 -8.38 -44.35
C PHE A 266 16.61 -7.91 -43.34
N ALA A 267 15.41 -7.57 -43.84
CA ALA A 267 14.25 -7.28 -42.93
C ALA A 267 13.96 -8.52 -42.08
N LEU A 268 13.83 -8.31 -40.78
CA LEU A 268 13.43 -9.36 -39.90
C LEU A 268 11.99 -9.87 -40.21
N PRO A 269 11.78 -11.19 -40.00
CA PRO A 269 10.42 -11.72 -40.17
C PRO A 269 9.55 -11.25 -39.01
N LYS A 270 8.41 -10.68 -39.32
CA LYS A 270 7.61 -9.99 -38.29
C LYS A 270 6.68 -11.03 -37.58
N PRO A 271 6.20 -10.71 -36.38
CA PRO A 271 5.22 -11.59 -35.75
C PRO A 271 4.01 -11.75 -36.69
N SER A 272 3.49 -12.97 -36.78
CA SER A 272 2.30 -13.24 -37.58
C SER A 272 1.19 -12.29 -37.28
N GLY A 273 0.70 -11.72 -38.31
CA GLY A 273 -0.49 -10.85 -38.17
C GLY A 273 -0.22 -9.40 -37.92
N TYR A 274 1.05 -9.09 -37.68
CA TYR A 274 1.35 -7.70 -37.23
C TYR A 274 1.77 -6.90 -38.44
N ASN A 275 1.18 -5.74 -38.65
CA ASN A 275 1.50 -4.91 -39.82
C ASN A 275 1.98 -3.50 -39.46
N GLY A 276 2.43 -3.32 -38.22
CA GLY A 276 2.87 -2.05 -37.77
C GLY A 276 4.36 -1.92 -37.91
N THR A 277 4.86 -0.91 -37.22
CA THR A 277 6.31 -0.57 -37.18
C THR A 277 6.92 -0.97 -35.78
N PHE A 278 8.23 -0.81 -35.67
CA PHE A 278 8.93 -1.02 -34.42
C PHE A 278 9.82 0.11 -34.06
N ALA A 279 10.08 0.22 -32.77
CA ALA A 279 11.09 1.12 -32.24
C ALA A 279 11.64 0.45 -30.99
N LYS A 280 12.65 1.05 -30.46
CA LYS A 280 13.18 0.72 -29.15
C LYS A 280 13.65 -0.72 -29.11
N LEU A 281 14.43 -1.11 -30.11
CA LEU A 281 14.81 -2.49 -30.26
C LEU A 281 15.90 -2.90 -29.24
N VAL A 282 15.80 -4.06 -28.59
CA VAL A 282 16.79 -4.63 -27.67
C VAL A 282 16.93 -6.11 -27.97
N THR A 283 18.05 -6.72 -27.62
CA THR A 283 18.25 -8.13 -27.81
C THR A 283 18.36 -8.86 -26.52
N GLY A 284 18.18 -10.17 -26.59
CA GLY A 284 18.38 -11.04 -25.46
C GLY A 284 18.82 -12.44 -25.95
N ILE A 285 19.44 -13.14 -25.03
CA ILE A 285 19.89 -14.53 -25.28
C ILE A 285 18.92 -15.52 -24.67
N GLY A 286 18.24 -16.25 -25.51
CA GLY A 286 17.20 -17.12 -25.06
C GLY A 286 17.58 -18.54 -24.84
N ASN A 287 16.56 -19.40 -24.86
CA ASN A 287 16.73 -20.81 -24.67
C ASN A 287 17.68 -21.33 -25.73
N SER A 288 18.56 -22.26 -25.33
CA SER A 288 19.57 -22.79 -26.27
C SER A 288 20.44 -21.70 -26.93
N ASN A 289 20.56 -20.59 -26.25
CA ASN A 289 21.24 -19.37 -26.67
C ASN A 289 20.76 -18.82 -27.97
N TYR A 290 19.52 -19.08 -28.32
CA TYR A 290 18.91 -18.51 -29.53
C TYR A 290 18.71 -17.03 -29.36
N LEU A 291 19.20 -16.24 -30.30
CA LEU A 291 19.12 -14.81 -30.13
C LEU A 291 17.69 -14.34 -30.26
N GLN A 292 17.28 -13.41 -29.39
CA GLN A 292 15.92 -12.86 -29.48
C GLN A 292 16.01 -11.37 -29.70
N VAL A 293 15.07 -10.84 -30.44
CA VAL A 293 15.01 -9.43 -30.75
C VAL A 293 13.66 -8.90 -30.34
N PHE A 294 13.66 -7.92 -29.44
CA PHE A 294 12.42 -7.35 -28.89
C PHE A 294 12.25 -5.95 -29.39
N GLY A 295 11.00 -5.50 -29.37
CA GLY A 295 10.70 -4.14 -29.79
C GLY A 295 9.28 -3.71 -29.39
N ILE A 296 9.03 -2.43 -29.57
CA ILE A 296 7.72 -1.82 -29.16
C ILE A 296 7.00 -1.44 -30.44
N GLY A 297 5.76 -1.86 -30.59
CA GLY A 297 5.01 -1.62 -31.75
C GLY A 297 4.34 -0.27 -31.88
N SER A 298 3.86 0.04 -33.06
CA SER A 298 3.11 1.31 -33.26
C SER A 298 1.70 1.27 -32.63
N ASN A 299 1.28 0.07 -32.24
CA ASN A 299 0.15 -0.13 -31.37
C ASN A 299 0.47 -0.12 -29.90
N GLY A 300 1.70 0.19 -29.52
CA GLY A 300 2.16 0.17 -28.15
C GLY A 300 2.54 -1.14 -27.57
N VAL A 301 2.33 -2.19 -28.36
CA VAL A 301 2.49 -3.54 -27.85
C VAL A 301 3.93 -4.01 -27.77
N ALA A 302 4.30 -4.66 -26.67
CA ALA A 302 5.63 -5.24 -26.46
C ALA A 302 5.71 -6.55 -27.20
N TYR A 303 6.67 -6.64 -28.12
CA TYR A 303 6.84 -7.82 -28.92
C TYR A 303 8.19 -8.46 -28.86
N LEU A 304 8.20 -9.76 -29.07
CA LEU A 304 9.40 -10.46 -29.55
C LEU A 304 9.25 -10.24 -31.04
N VAL A 305 10.11 -9.46 -31.69
CA VAL A 305 9.99 -9.16 -33.12
C VAL A 305 10.28 -10.45 -33.91
N SER A 306 11.38 -11.05 -33.51
CA SER A 306 11.87 -12.26 -34.22
C SER A 306 12.83 -12.96 -33.32
N TRP A 307 13.07 -14.24 -33.62
CA TRP A 307 14.13 -15.01 -32.94
C TRP A 307 14.93 -15.77 -33.98
N GLN A 308 16.13 -16.12 -33.62
CA GLN A 308 17.04 -16.81 -34.56
C GLN A 308 17.41 -18.16 -34.04
N ASP A 309 17.22 -19.19 -34.84
CA ASP A 309 17.64 -20.50 -34.39
C ASP A 309 19.13 -20.68 -34.44
N SER A 310 19.61 -21.82 -33.93
CA SER A 310 21.01 -22.16 -33.87
C SER A 310 21.63 -22.35 -35.29
N GLY A 311 20.83 -22.56 -36.28
CA GLY A 311 21.39 -22.59 -37.66
C GLY A 311 21.49 -21.25 -38.35
N GLY A 312 20.99 -20.18 -37.72
CA GLY A 312 20.98 -18.89 -38.31
C GLY A 312 19.70 -18.48 -38.94
N ASN A 313 18.68 -19.35 -38.92
CA ASN A 313 17.44 -19.05 -39.56
C ASN A 313 16.62 -18.19 -38.60
N TRP A 314 16.02 -17.14 -39.17
CA TRP A 314 15.14 -16.28 -38.40
C TRP A 314 13.67 -16.67 -38.50
N HIS A 315 12.95 -16.43 -37.40
CA HIS A 315 11.54 -16.83 -37.26
C HIS A 315 10.73 -15.62 -36.74
N GLY A 316 9.55 -15.46 -37.25
CA GLY A 316 8.66 -14.39 -36.77
C GLY A 316 8.39 -14.56 -35.31
N GLY A 317 8.30 -13.42 -34.62
CA GLY A 317 8.05 -13.38 -33.19
C GLY A 317 6.62 -13.49 -32.77
N LEU A 318 6.29 -12.83 -31.68
CA LEU A 318 4.95 -12.95 -31.07
C LEU A 318 4.74 -11.79 -30.12
N THR A 319 3.47 -11.59 -29.73
CA THR A 319 3.18 -10.66 -28.68
C THR A 319 3.70 -11.21 -27.40
N LEU A 320 4.44 -10.44 -26.61
CA LEU A 320 4.90 -10.97 -25.35
C LEU A 320 3.69 -11.18 -24.42
N PRO A 321 3.60 -12.29 -23.70
CA PRO A 321 2.36 -12.59 -22.89
C PRO A 321 2.29 -11.49 -21.82
N GLN A 322 1.16 -10.81 -21.76
CA GLN A 322 1.05 -9.60 -20.94
C GLN A 322 1.20 -10.00 -19.48
N PRO A 323 1.89 -9.19 -18.67
CA PRO A 323 2.04 -9.47 -17.26
C PRO A 323 0.71 -9.27 -16.56
N SER A 324 0.58 -9.92 -15.42
CA SER A 324 -0.72 -9.95 -14.75
C SER A 324 -1.19 -8.61 -14.39
N GLY A 325 -2.48 -8.41 -14.73
CA GLY A 325 -3.13 -7.15 -14.43
C GLY A 325 -2.72 -5.91 -15.15
N TYR A 326 -1.97 -6.02 -16.24
CA TYR A 326 -1.64 -4.85 -17.03
C TYR A 326 -1.74 -5.15 -18.50
N ASN A 327 -2.65 -4.49 -19.18
CA ASN A 327 -2.83 -4.74 -20.60
C ASN A 327 -2.39 -3.52 -21.36
N GLY A 328 -1.76 -2.57 -20.66
CA GLY A 328 -1.19 -1.38 -21.32
C GLY A 328 0.15 -1.59 -22.03
N SER A 329 0.77 -0.49 -22.37
CA SER A 329 1.95 -0.51 -23.17
C SER A 329 3.20 -0.30 -22.21
N PHE A 330 4.37 -0.73 -22.68
CA PHE A 330 5.61 -0.42 -22.04
C PHE A 330 6.40 0.60 -22.86
N SER A 331 7.04 1.53 -22.19
CA SER A 331 7.80 2.58 -22.86
C SER A 331 9.25 2.23 -23.09
N GLN A 332 9.69 1.14 -22.44
CA GLN A 332 11.05 0.62 -22.65
C GLN A 332 11.04 -0.86 -22.30
N LEU A 333 11.82 -1.66 -23.02
CA LEU A 333 12.08 -3.04 -22.72
C LEU A 333 13.55 -3.20 -22.55
N ALA A 334 13.93 -4.06 -21.62
CA ALA A 334 15.30 -4.49 -21.45
C ALA A 334 15.32 -5.97 -21.12
N ALA A 335 16.43 -6.63 -21.42
CA ALA A 335 16.47 -8.10 -21.26
C ALA A 335 17.73 -8.59 -20.67
N GLY A 336 17.64 -9.64 -19.93
CA GLY A 336 18.84 -10.31 -19.48
C GLY A 336 18.57 -11.68 -18.98
N ASN A 337 19.66 -12.43 -18.74
CA ASN A 337 19.50 -13.77 -18.19
C ASN A 337 19.52 -13.85 -16.71
N GLY A 338 18.47 -14.48 -16.16
CA GLY A 338 18.29 -14.72 -14.76
C GLY A 338 18.59 -16.13 -14.28
N ASN A 339 17.84 -16.50 -13.27
CA ASN A 339 18.03 -17.83 -12.65
C ASN A 339 17.84 -18.96 -13.70
N SER A 340 18.71 -19.98 -13.62
CA SER A 340 18.74 -21.07 -14.59
C SER A 340 19.02 -20.59 -16.01
N HIS A 341 19.47 -19.37 -16.21
CA HIS A 341 19.71 -18.75 -17.50
C HIS A 341 18.41 -18.32 -18.17
N TYR A 342 17.24 -18.41 -17.50
CA TYR A 342 15.94 -18.03 -18.13
C TYR A 342 15.97 -16.55 -18.52
N LEU A 343 15.61 -16.27 -19.76
CA LEU A 343 15.63 -14.91 -20.29
C LEU A 343 14.45 -14.13 -19.63
N GLN A 344 14.74 -12.91 -19.18
CA GLN A 344 13.76 -12.03 -18.59
C GLN A 344 13.65 -10.80 -19.39
N VAL A 345 12.44 -10.35 -19.66
CA VAL A 345 12.24 -9.06 -20.31
C VAL A 345 11.52 -8.17 -19.31
N VAL A 346 12.17 -7.10 -18.96
CA VAL A 346 11.65 -6.11 -18.03
C VAL A 346 11.29 -4.86 -18.78
N GLY A 347 10.45 -4.02 -18.17
CA GLY A 347 10.08 -2.81 -18.83
C GLY A 347 9.41 -1.85 -17.88
N THR A 348 9.24 -0.62 -18.33
CA THR A 348 8.51 0.40 -17.62
C THR A 348 7.13 0.60 -18.23
N ASP A 349 6.10 0.46 -17.37
CA ASP A 349 4.77 0.69 -17.84
C ASP A 349 4.58 2.20 -18.06
N ALA A 350 3.35 2.64 -18.32
CA ALA A 350 3.11 4.07 -18.67
C ALA A 350 3.40 5.04 -17.49
N GLN A 351 3.21 4.61 -16.24
CA GLN A 351 3.58 5.44 -15.04
C GLN A 351 5.05 5.41 -14.75
N GLY A 352 5.72 4.33 -15.22
CA GLY A 352 7.11 4.08 -14.86
C GLY A 352 7.36 2.99 -13.83
N ASN A 353 6.34 2.19 -13.51
CA ASN A 353 6.49 1.05 -12.61
C ASN A 353 7.28 0.00 -13.41
N VAL A 354 8.20 -0.66 -12.77
CA VAL A 354 8.98 -1.72 -13.42
C VAL A 354 8.24 -3.05 -13.33
N TYR A 355 8.11 -3.71 -14.47
CA TYR A 355 7.53 -5.00 -14.59
C TYR A 355 8.51 -5.99 -15.12
N LEU A 356 8.33 -7.22 -14.69
CA LEU A 356 8.81 -8.36 -15.54
C LEU A 356 7.69 -8.43 -16.55
N VAL A 357 7.94 -8.14 -17.83
CA VAL A 357 6.92 -8.21 -18.81
C VAL A 357 6.60 -9.69 -19.07
N SER A 358 7.66 -10.46 -19.35
CA SER A 358 7.51 -11.91 -19.58
C SER A 358 8.88 -12.55 -19.32
N TRP A 359 8.84 -13.85 -19.03
CA TRP A 359 10.07 -14.61 -18.95
C TRP A 359 9.92 -15.84 -19.80
N GLN A 360 11.07 -16.44 -20.19
CA GLN A 360 11.08 -17.55 -21.14
C GLN A 360 11.79 -18.75 -20.53
N ASP A 361 11.18 -19.92 -20.74
CA ASP A 361 11.69 -21.13 -20.16
C ASP A 361 12.69 -21.81 -21.06
N SER A 362 13.21 -22.97 -20.62
CA SER A 362 14.30 -23.64 -21.45
C SER A 362 13.86 -24.18 -22.73
N GLU A 363 12.57 -24.36 -22.90
CA GLU A 363 11.99 -24.75 -24.15
C GLU A 363 11.62 -23.67 -25.09
N GLY A 364 11.80 -22.42 -24.70
CA GLY A 364 11.51 -21.37 -25.57
C GLY A 364 10.15 -20.76 -25.35
N LYS A 365 9.36 -21.32 -24.45
CA LYS A 365 7.99 -20.84 -24.25
C LYS A 365 8.04 -19.60 -23.34
N TRP A 366 7.23 -18.61 -23.65
CA TRP A 366 7.16 -17.37 -22.89
C TRP A 366 6.02 -17.37 -21.87
N HIS A 367 6.23 -16.74 -20.70
CA HIS A 367 5.29 -16.78 -19.60
C HIS A 367 5.06 -15.33 -19.13
N ALA A 368 3.83 -15.03 -18.78
CA ALA A 368 3.47 -13.73 -18.29
C ALA A 368 4.22 -13.39 -17.05
N GLY A 369 4.68 -12.12 -17.00
CA GLY A 369 5.33 -11.61 -15.82
C GLY A 369 4.36 -10.90 -14.84
N PHE A 370 4.89 -9.88 -14.17
CA PHE A 370 4.21 -9.22 -13.03
C PHE A 370 4.98 -8.00 -12.65
N GLU A 371 4.33 -7.08 -11.96
CA GLU A 371 4.95 -5.82 -11.51
C GLU A 371 5.94 -6.17 -10.36
N LEU A 372 7.16 -5.71 -10.51
CA LEU A 372 8.19 -6.16 -9.59
C LEU A 372 8.06 -5.38 -8.25
N PRO A 373 8.64 -5.89 -7.17
CA PRO A 373 8.53 -5.17 -5.89
C PRO A 373 9.07 -3.78 -5.94
N ARG A 374 8.44 -2.87 -5.20
CA ARG A 374 8.80 -1.43 -5.29
C ARG A 374 10.04 -1.05 -4.53
N ALA A 375 11.02 -0.40 -5.19
CA ALA A 375 12.30 -0.03 -4.53
C ALA A 375 12.11 0.85 -3.29
N SER B 14 3.02 -9.48 25.00
CA SER B 14 2.61 -8.69 26.21
C SER B 14 1.64 -9.56 27.12
N SER B 15 0.43 -10.04 26.78
CA SER B 15 -0.25 -11.08 27.67
C SER B 15 -0.17 -12.57 27.27
N SER B 16 0.18 -12.86 25.99
CA SER B 16 -0.05 -14.17 25.42
C SER B 16 -1.46 -14.73 25.52
N GLN B 17 -2.46 -13.81 25.52
CA GLN B 17 -3.87 -14.17 25.56
C GLN B 17 -4.48 -13.48 24.37
N PHE B 18 -5.30 -14.20 23.63
CA PHE B 18 -5.65 -13.90 22.27
C PHE B 18 -7.10 -14.12 22.03
N HIS B 19 -7.59 -13.46 20.94
CA HIS B 19 -8.89 -13.68 20.38
C HIS B 19 -8.69 -13.61 18.91
N GLY B 20 -9.75 -13.96 18.19
CA GLY B 20 -9.72 -13.88 16.75
C GLY B 20 -8.64 -14.67 16.06
N LEU B 21 -8.48 -15.92 16.44
CA LEU B 21 -7.52 -16.78 15.84
C LEU B 21 -7.76 -16.91 14.36
N ALA B 22 -6.69 -17.25 13.62
CA ALA B 22 -6.76 -17.66 12.28
C ALA B 22 -5.68 -18.71 12.12
N ILE B 23 -5.76 -19.47 11.07
CA ILE B 23 -4.88 -20.62 10.94
C ILE B 23 -4.50 -20.84 9.53
N GLY B 24 -3.22 -21.20 9.30
CA GLY B 24 -2.81 -21.47 7.91
C GLY B 24 -1.54 -22.30 7.90
N ASN B 25 -1.08 -22.66 6.69
CA ASN B 25 0.19 -23.45 6.59
C ASN B 25 1.20 -22.56 5.91
N GLY B 26 2.40 -22.54 6.49
CA GLY B 26 3.54 -21.74 6.03
C GLY B 26 4.64 -22.61 5.40
N ASN B 27 5.83 -22.15 5.58
CA ASN B 27 7.03 -22.78 5.09
C ASN B 27 7.09 -24.22 5.52
N SER B 28 7.55 -25.07 4.59
CA SER B 28 7.51 -26.57 4.76
C SER B 28 6.17 -27.13 5.28
N ASN B 29 5.12 -26.43 4.92
CA ASN B 29 3.74 -26.73 5.40
C ASN B 29 3.52 -26.70 6.85
N TYR B 30 4.38 -26.02 7.61
CA TYR B 30 4.22 -25.92 9.05
C TYR B 30 2.94 -25.13 9.39
N LEU B 31 2.10 -25.69 10.26
CA LEU B 31 0.89 -25.00 10.72
C LEU B 31 1.27 -23.74 11.54
N GLN B 32 0.60 -22.63 11.28
CA GLN B 32 0.78 -21.36 11.88
C GLN B 32 -0.57 -20.89 12.49
N VAL B 33 -0.55 -20.54 13.76
CA VAL B 33 -1.73 -20.06 14.47
C VAL B 33 -1.52 -18.60 14.66
N LEU B 34 -2.40 -17.79 14.04
CA LEU B 34 -2.38 -16.36 14.18
C LEU B 34 -3.45 -15.94 15.18
N GLY B 35 -3.29 -14.76 15.77
CA GLY B 35 -4.38 -14.19 16.55
C GLY B 35 -4.14 -12.77 16.98
N LEU B 36 -5.13 -12.17 17.63
CA LEU B 36 -5.11 -10.83 18.03
C LEU B 36 -4.91 -10.75 19.54
N ALA B 37 -3.86 -10.07 20.01
CA ALA B 37 -3.70 -9.95 21.45
C ALA B 37 -4.95 -9.28 22.06
N ASN B 38 -5.43 -9.85 23.16
CA ASN B 38 -6.49 -9.28 23.93
C ASN B 38 -6.12 -7.84 24.37
N ILE B 39 -7.12 -7.00 24.33
CA ILE B 39 -7.03 -5.59 24.73
C ILE B 39 -6.42 -4.72 23.67
N THR B 40 -5.23 -5.08 23.20
CA THR B 40 -4.52 -4.23 22.24
C THR B 40 -4.81 -4.51 20.79
N ASP B 41 -5.35 -5.69 20.44
CA ASP B 41 -5.60 -6.07 19.00
C ASP B 41 -4.32 -6.06 18.13
N THR B 42 -3.24 -6.47 18.77
CA THR B 42 -1.97 -6.59 18.11
C THR B 42 -1.90 -7.94 17.40
N ALA B 43 -1.53 -7.92 16.09
CA ALA B 43 -1.47 -9.13 15.30
C ALA B 43 -0.23 -9.97 15.78
N TYR B 44 -0.50 -11.22 16.10
CA TYR B 44 0.50 -12.18 16.49
C TYR B 44 0.48 -13.48 15.75
N LEU B 45 1.63 -14.08 15.62
CA LEU B 45 1.82 -15.48 15.42
C LEU B 45 1.79 -16.03 16.86
N THR B 46 0.78 -16.80 17.26
CA THR B 46 0.72 -17.25 18.59
C THR B 46 1.70 -18.43 18.79
N ASP B 47 1.70 -19.32 17.80
CA ASP B 47 2.35 -20.61 17.88
C ASP B 47 2.47 -21.19 16.49
N TRP B 48 3.48 -22.05 16.30
CA TRP B 48 3.62 -22.75 15.04
C TRP B 48 4.10 -24.17 15.36
N GLN B 49 3.90 -25.09 14.43
CA GLN B 49 4.26 -26.51 14.70
C GLN B 49 5.19 -27.00 13.65
N ASP B 50 6.22 -27.74 14.03
CA ASP B 50 7.18 -28.26 13.05
C ASP B 50 6.83 -29.69 12.61
N SER B 51 7.69 -30.28 11.78
CA SER B 51 7.30 -31.57 11.12
C SER B 51 7.42 -32.71 12.07
N GLY B 52 8.05 -32.51 13.23
CA GLY B 52 7.97 -33.48 14.31
C GLY B 52 6.79 -33.40 15.21
N GLY B 53 5.83 -32.48 14.95
CA GLY B 53 4.72 -32.31 15.88
C GLY B 53 4.95 -31.37 17.04
N ASN B 54 6.15 -30.75 17.08
CA ASN B 54 6.52 -29.96 18.20
C ASN B 54 6.00 -28.54 17.95
N TRP B 55 5.44 -27.95 18.99
CA TRP B 55 4.96 -26.51 18.96
C TRP B 55 5.96 -25.53 19.54
N HIS B 56 5.96 -24.33 18.95
CA HIS B 56 6.92 -23.29 19.19
C HIS B 56 6.17 -22.01 19.43
N ALA B 57 6.66 -21.28 20.40
CA ALA B 57 6.06 -19.98 20.75
C ALA B 57 6.25 -19.01 19.59
N GLY B 58 5.21 -18.18 19.34
CA GLY B 58 5.33 -17.14 18.27
C GLY B 58 5.78 -15.79 18.80
N PHE B 59 5.25 -14.73 18.22
CA PHE B 59 5.77 -13.36 18.46
C PHE B 59 4.90 -12.40 17.69
N ALA B 60 5.02 -11.12 17.96
CA ALA B 60 4.19 -10.14 17.22
C ALA B 60 4.55 -10.13 15.76
N LEU B 61 3.58 -10.08 14.88
CA LEU B 61 3.87 -10.00 13.49
C LEU B 61 4.50 -8.66 13.09
N PRO B 62 5.38 -8.68 12.10
CA PRO B 62 5.91 -7.37 11.64
C PRO B 62 4.77 -6.64 10.92
N VAL B 63 4.53 -5.41 11.24
CA VAL B 63 3.42 -4.64 10.62
C VAL B 63 3.84 -3.89 9.35
N PRO B 64 2.89 -3.44 8.52
CA PRO B 64 3.23 -2.64 7.35
C PRO B 64 3.96 -1.36 7.70
N SER B 65 5.00 -1.02 6.92
CA SER B 65 5.71 0.22 7.14
C SER B 65 4.83 1.42 7.00
N ASP B 66 3.73 1.35 6.21
CA ASP B 66 2.74 2.42 6.18
C ASP B 66 1.80 2.49 7.36
N TYR B 67 1.83 1.49 8.27
CA TYR B 67 1.02 1.48 9.48
C TYR B 67 1.82 0.98 10.64
N PRO B 68 2.94 1.69 11.01
CA PRO B 68 4.04 1.00 11.70
C PRO B 68 3.79 0.65 13.19
N LYS B 69 2.74 1.23 13.72
CA LYS B 69 2.21 0.84 15.05
C LYS B 69 0.79 0.44 14.93
N GLY B 70 0.50 -0.25 13.84
CA GLY B 70 -0.83 -0.59 13.55
C GLY B 70 -1.45 -1.79 14.31
N HIS B 71 -2.80 -1.79 14.33
CA HIS B 71 -3.61 -2.76 15.10
C HIS B 71 -4.78 -3.14 14.24
N PHE B 72 -5.35 -4.33 14.50
CA PHE B 72 -6.34 -4.90 13.59
C PHE B 72 -7.46 -5.54 14.36
N PHE B 73 -8.72 -5.30 13.93
CA PHE B 73 -9.85 -5.93 14.61
C PHE B 73 -10.23 -7.33 14.17
N GLN B 74 -9.64 -7.79 13.06
CA GLN B 74 -9.87 -9.11 12.56
C GLN B 74 -8.71 -9.46 11.67
N LEU B 75 -8.35 -10.71 11.68
CA LEU B 75 -7.34 -11.30 10.87
C LEU B 75 -7.87 -12.53 10.09
N THR B 76 -7.23 -12.78 8.96
CA THR B 76 -7.46 -14.07 8.27
C THR B 76 -6.25 -14.43 7.42
N THR B 77 -6.16 -15.64 6.92
CA THR B 77 -4.97 -16.03 6.11
C THR B 77 -5.38 -16.34 4.71
N GLY B 78 -4.40 -16.30 3.80
CA GLY B 78 -4.58 -16.92 2.51
C GLY B 78 -3.30 -17.47 1.99
N VAL B 79 -3.35 -18.47 1.10
CA VAL B 79 -2.18 -18.98 0.39
C VAL B 79 -1.87 -18.06 -0.80
N GLY B 80 -0.69 -17.47 -0.78
CA GLY B 80 -0.33 -16.54 -1.84
C GLY B 80 0.68 -17.09 -2.83
N ASN B 81 1.39 -16.18 -3.52
CA ASN B 81 2.35 -16.59 -4.48
C ASN B 81 3.37 -17.50 -3.88
N SER B 82 3.83 -18.46 -4.70
CA SER B 82 4.82 -19.43 -4.23
C SER B 82 4.44 -20.15 -2.93
N ASN B 83 3.13 -20.26 -2.72
CA ASN B 83 2.51 -20.78 -1.46
C ASN B 83 2.99 -20.07 -0.22
N TYR B 84 3.41 -18.79 -0.32
CA TYR B 84 3.78 -18.01 0.83
C TYR B 84 2.52 -17.64 1.61
N LEU B 85 2.57 -17.80 2.93
CA LEU B 85 1.39 -17.55 3.72
C LEU B 85 1.19 -16.04 3.84
N GLN B 86 -0.04 -15.54 3.58
CA GLN B 86 -0.42 -14.10 3.68
C GLN B 86 -1.36 -13.94 4.86
N VAL B 87 -1.13 -12.96 5.70
CA VAL B 87 -2.05 -12.65 6.83
C VAL B 87 -2.67 -11.35 6.54
N LEU B 88 -3.98 -11.35 6.33
CA LEU B 88 -4.75 -10.15 6.08
C LEU B 88 -5.34 -9.66 7.37
N GLY B 89 -5.55 -8.34 7.46
CA GLY B 89 -6.09 -7.72 8.65
C GLY B 89 -6.93 -6.51 8.33
N ALA B 90 -7.97 -6.35 9.09
CA ALA B 90 -8.87 -5.19 9.08
C ALA B 90 -8.32 -4.16 10.01
N GLY B 91 -7.76 -3.09 9.48
CA GLY B 91 -7.12 -2.10 10.33
C GLY B 91 -8.07 -1.26 11.12
N GLU B 92 -7.64 -0.91 12.34
CA GLU B 92 -8.41 -0.07 13.20
C GLU B 92 -8.46 1.39 12.77
N ASP B 93 -7.60 1.73 11.81
CA ASP B 93 -7.64 2.97 11.04
C ASP B 93 -8.64 2.99 9.91
N GLY B 94 -9.44 1.90 9.77
CA GLY B 94 -10.42 1.84 8.66
C GLY B 94 -9.94 1.34 7.34
N ASN B 95 -8.69 0.92 7.27
CA ASN B 95 -8.08 0.37 6.11
C ASN B 95 -7.77 -1.09 6.16
N PRO B 96 -8.01 -1.79 5.01
CA PRO B 96 -7.64 -3.19 4.89
C PRO B 96 -6.16 -3.34 4.56
N TYR B 97 -5.52 -4.37 5.10
CA TYR B 97 -4.13 -4.59 4.95
C TYR B 97 -3.73 -6.00 4.69
N LEU B 98 -2.60 -6.15 4.04
CA LEU B 98 -1.83 -7.37 4.15
C LEU B 98 -0.98 -7.05 5.38
N VAL B 99 -1.21 -7.64 6.54
CA VAL B 99 -0.44 -7.39 7.75
C VAL B 99 1.00 -7.80 7.55
N SER B 100 1.20 -9.04 7.08
CA SER B 100 2.48 -9.69 6.91
C SER B 100 2.39 -10.82 5.99
N TRP B 101 3.54 -11.24 5.42
CA TRP B 101 3.65 -12.51 4.70
C TRP B 101 4.92 -13.23 5.11
N GLN B 102 4.89 -14.54 4.91
CA GLN B 102 5.99 -15.39 5.33
C GLN B 102 6.60 -16.05 4.12
N ASP B 103 7.95 -16.00 4.02
CA ASP B 103 8.63 -16.62 2.95
C ASP B 103 8.91 -18.10 3.22
N GLY B 104 9.53 -18.73 2.24
CA GLY B 104 9.77 -20.15 2.27
C GLY B 104 10.78 -20.61 3.26
N SER B 105 11.51 -19.71 3.85
CA SER B 105 12.40 -20.04 4.93
C SER B 105 11.76 -19.81 6.32
N GLY B 106 10.51 -19.31 6.36
CA GLY B 106 9.82 -19.02 7.62
C GLY B 106 9.91 -17.63 8.17
N LYS B 107 10.60 -16.74 7.44
CA LYS B 107 10.77 -15.39 7.85
C LYS B 107 9.56 -14.57 7.47
N TRP B 108 9.10 -13.77 8.44
CA TRP B 108 7.95 -12.91 8.25
C TRP B 108 8.41 -11.53 7.77
N HIS B 109 7.58 -10.91 6.92
CA HIS B 109 7.84 -9.63 6.32
C HIS B 109 6.66 -8.74 6.53
N GLY B 110 6.93 -7.49 6.89
CA GLY B 110 5.88 -6.46 6.99
C GLY B 110 5.11 -6.32 5.68
N GLY B 111 3.79 -6.13 5.77
CA GLY B 111 2.91 -6.10 4.60
C GLY B 111 2.66 -4.68 4.05
N MET B 112 1.42 -4.38 3.61
CA MET B 112 1.12 -3.11 2.95
C MET B 112 -0.35 -2.86 2.99
N PRO B 113 -0.79 -1.61 2.87
CA PRO B 113 -2.22 -1.41 2.77
C PRO B 113 -2.71 -2.00 1.46
N LEU B 114 -3.96 -2.45 1.43
CA LEU B 114 -4.63 -2.78 0.20
C LEU B 114 -5.48 -1.54 -0.16
N PRO B 115 -5.26 -0.95 -1.27
CA PRO B 115 -6.14 0.20 -1.62
C PRO B 115 -7.66 -0.06 -1.56
N LYS B 116 -8.46 0.85 -0.93
CA LYS B 116 -9.88 0.56 -0.81
C LYS B 116 -10.59 0.85 -2.21
N PRO B 117 -11.24 -0.17 -2.91
CA PRO B 117 -12.07 0.31 -4.04
C PRO B 117 -13.00 1.36 -3.56
N SER B 118 -13.37 2.25 -4.47
CA SER B 118 -14.40 3.24 -4.21
C SER B 118 -15.69 2.60 -3.69
N GLY B 119 -16.14 3.11 -2.53
CA GLY B 119 -17.35 2.70 -1.91
C GLY B 119 -17.19 1.63 -0.83
N TYR B 120 -16.05 0.96 -0.82
CA TYR B 120 -15.72 -0.02 0.22
C TYR B 120 -15.64 0.70 1.57
N SER B 121 -16.28 0.13 2.60
CA SER B 121 -16.14 0.61 3.94
C SER B 121 -15.49 -0.46 4.80
N GLY B 122 -14.58 -0.05 5.70
CA GLY B 122 -13.77 -1.01 6.47
C GLY B 122 -14.55 -2.03 7.30
N GLY B 123 -14.03 -3.21 7.23
CA GLY B 123 -14.71 -4.35 7.76
C GLY B 123 -13.86 -5.59 7.73
N PRO B 124 -14.38 -6.69 8.28
CA PRO B 124 -13.63 -7.94 8.22
C PRO B 124 -13.37 -8.43 6.81
N LEU B 125 -12.37 -9.31 6.66
CA LEU B 125 -11.93 -9.76 5.37
C LEU B 125 -12.07 -11.27 5.23
N VAL B 126 -12.30 -11.76 4.00
CA VAL B 126 -12.27 -13.18 3.75
C VAL B 126 -11.46 -13.44 2.49
N THR B 127 -10.75 -14.54 2.45
CA THR B 127 -9.92 -14.82 1.29
C THR B 127 -10.50 -16.01 0.52
N GLY B 128 -10.16 -16.09 -0.75
CA GLY B 128 -10.48 -17.24 -1.59
C GLY B 128 -9.40 -17.43 -2.64
N ILE B 129 -9.33 -18.59 -3.20
CA ILE B 129 -8.36 -18.86 -4.28
C ILE B 129 -9.10 -18.83 -5.58
N GLY B 130 -8.72 -17.88 -6.41
CA GLY B 130 -9.37 -17.63 -7.63
C GLY B 130 -8.67 -18.28 -8.84
N ASN B 131 -9.07 -17.79 -10.01
CA ASN B 131 -8.45 -18.23 -11.26
C ASN B 131 -6.95 -18.08 -11.24
N SER B 132 -6.30 -19.05 -11.87
CA SER B 132 -4.79 -19.10 -11.91
C SER B 132 -4.19 -19.11 -10.51
N ASN B 133 -4.94 -19.59 -9.55
CA ASN B 133 -4.59 -19.55 -8.13
C ASN B 133 -4.30 -18.17 -7.59
N TYR B 134 -4.87 -17.15 -8.20
CA TYR B 134 -4.66 -15.83 -7.70
C TYR B 134 -5.45 -15.68 -6.40
N LEU B 135 -4.77 -15.25 -5.36
CA LEU B 135 -5.44 -14.94 -4.09
C LEU B 135 -6.40 -13.76 -4.16
N GLN B 136 -7.63 -13.92 -3.65
CA GLN B 136 -8.64 -12.85 -3.68
C GLN B 136 -8.93 -12.49 -2.25
N VAL B 137 -9.07 -11.20 -2.00
CA VAL B 137 -9.37 -10.71 -0.66
C VAL B 137 -10.69 -9.94 -0.81
N ILE B 138 -11.72 -10.41 -0.12
CA ILE B 138 -13.07 -9.94 -0.26
C ILE B 138 -13.56 -9.32 1.08
N GLY B 139 -14.47 -8.32 1.03
CA GLY B 139 -15.10 -7.78 2.22
C GLY B 139 -16.03 -8.85 2.79
N ALA B 140 -15.81 -9.27 4.02
CA ALA B 140 -16.56 -10.35 4.59
C ALA B 140 -17.89 -9.94 5.13
N ARG B 141 -18.16 -8.66 5.22
CA ARG B 141 -19.48 -8.11 5.57
C ARG B 141 -19.80 -7.15 4.43
N VAL B 142 -21.06 -7.12 4.00
CA VAL B 142 -21.50 -6.23 2.93
C VAL B 142 -22.57 -5.30 3.44
N GLU B 143 -22.42 -4.03 3.20
CA GLU B 143 -23.46 -3.06 3.55
C GLU B 143 -24.38 -2.78 2.38
N SER B 144 -23.79 -2.51 1.23
CA SER B 144 -24.52 -2.30 -0.01
C SER B 144 -24.06 -3.24 -1.16
N SER B 145 -22.98 -2.89 -1.80
CA SER B 145 -22.34 -3.74 -2.77
C SER B 145 -21.31 -4.66 -2.12
N PRO B 146 -21.23 -5.91 -2.55
CA PRO B 146 -20.03 -6.63 -2.23
C PRO B 146 -18.80 -6.01 -2.92
N TYR B 147 -17.61 -6.30 -2.34
CA TYR B 147 -16.34 -5.87 -2.87
C TYR B 147 -15.30 -6.93 -2.88
N LEU B 148 -14.56 -6.95 -4.00
CA LEU B 148 -13.24 -7.52 -4.01
C LEU B 148 -12.34 -6.37 -3.56
N VAL B 149 -11.67 -6.53 -2.41
CA VAL B 149 -10.78 -5.50 -1.92
C VAL B 149 -9.47 -5.45 -2.75
N ALA B 150 -8.96 -6.64 -3.02
CA ALA B 150 -7.71 -6.79 -3.73
C ALA B 150 -7.52 -8.20 -4.19
N TRP B 151 -6.61 -8.34 -5.14
CA TRP B 151 -6.12 -9.65 -5.56
C TRP B 151 -4.64 -9.66 -5.80
N GLN B 152 -4.07 -10.87 -5.67
CA GLN B 152 -2.63 -11.02 -5.75
C GLN B 152 -2.25 -11.97 -6.89
N ASP B 153 -1.30 -11.55 -7.71
CA ASP B 153 -0.85 -12.40 -8.80
C ASP B 153 0.15 -13.47 -8.37
N ASN B 154 0.58 -14.29 -9.33
CA ASN B 154 1.55 -15.36 -9.00
C ASN B 154 2.94 -14.93 -8.76
N GLY B 155 3.26 -13.63 -8.95
CA GLY B 155 4.50 -13.02 -8.56
C GLY B 155 4.53 -12.39 -7.19
N GLY B 156 3.34 -12.23 -6.59
CA GLY B 156 3.19 -11.52 -5.35
C GLY B 156 2.65 -10.10 -5.38
N ASN B 157 2.45 -9.54 -6.57
CA ASN B 157 2.02 -8.19 -6.67
C ASN B 157 0.51 -8.14 -6.34
N TRP B 158 0.14 -7.11 -5.62
CA TRP B 158 -1.26 -6.79 -5.31
C TRP B 158 -1.94 -5.85 -6.28
N HIS B 159 -3.21 -6.11 -6.58
CA HIS B 159 -3.97 -5.40 -7.52
C HIS B 159 -5.18 -4.79 -6.91
N ALA B 160 -5.58 -3.62 -7.40
CA ALA B 160 -6.79 -2.97 -6.96
C ALA B 160 -8.02 -3.82 -7.13
N GLY B 161 -8.97 -3.58 -6.21
CA GLY B 161 -10.20 -4.30 -6.26
C GLY B 161 -11.30 -3.62 -7.05
N MET B 162 -12.53 -4.05 -6.80
CA MET B 162 -13.70 -3.59 -7.55
C MET B 162 -14.95 -4.04 -6.85
N PRO B 163 -16.12 -3.48 -7.21
CA PRO B 163 -17.37 -4.12 -6.73
C PRO B 163 -17.57 -5.45 -7.34
N LEU B 164 -18.23 -6.33 -6.59
CA LEU B 164 -18.61 -7.64 -7.10
C LEU B 164 -20.15 -7.66 -7.10
N PRO B 165 -20.76 -8.47 -7.92
CA PRO B 165 -22.27 -8.45 -7.99
C PRO B 165 -22.96 -8.98 -6.82
N ASN B 166 -24.06 -8.32 -6.40
CA ASN B 166 -25.01 -8.97 -5.51
C ASN B 166 -25.66 -10.20 -6.15
N PRO B 167 -26.26 -11.07 -5.36
CA PRO B 167 -26.99 -12.12 -6.00
C PRO B 167 -28.27 -11.62 -6.67
N SER B 168 -28.81 -12.46 -7.53
CA SER B 168 -30.15 -12.28 -8.09
C SER B 168 -31.16 -11.78 -7.07
N GLY B 169 -31.84 -10.67 -7.35
CA GLY B 169 -32.95 -10.19 -6.57
C GLY B 169 -32.76 -9.58 -5.23
N TYR B 170 -31.53 -9.45 -4.74
CA TYR B 170 -31.28 -9.03 -3.40
C TYR B 170 -30.06 -8.11 -3.23
N ALA B 171 -30.27 -7.00 -2.51
CA ALA B 171 -29.21 -6.05 -2.26
C ALA B 171 -29.32 -5.55 -0.83
N GLY B 172 -29.74 -6.42 0.09
CA GLY B 172 -29.93 -6.00 1.47
C GLY B 172 -28.75 -6.06 2.40
N GLY B 173 -27.56 -6.37 1.89
CA GLY B 173 -26.36 -6.51 2.66
C GLY B 173 -26.20 -7.94 3.16
N PHE B 174 -25.02 -8.25 3.66
CA PHE B 174 -24.61 -9.56 4.08
C PHE B 174 -23.94 -9.46 5.43
N GLN B 175 -24.39 -10.30 6.36
CA GLN B 175 -23.74 -10.46 7.66
C GLN B 175 -22.35 -11.03 7.51
N GLN B 176 -22.18 -11.94 6.63
CA GLN B 176 -20.98 -12.73 6.56
C GLN B 176 -20.86 -13.37 5.20
N LEU B 177 -19.66 -13.31 4.61
CA LEU B 177 -19.32 -14.04 3.35
C LEU B 177 -18.28 -15.04 3.64
N ALA B 178 -18.35 -16.20 2.96
CA ALA B 178 -17.38 -17.25 3.07
C ALA B 178 -17.10 -17.76 1.66
N THR B 179 -15.96 -18.40 1.50
CA THR B 179 -15.53 -18.84 0.16
C THR B 179 -15.19 -20.30 0.09
N GLY B 180 -15.29 -20.86 -1.10
CA GLY B 180 -14.71 -22.14 -1.37
C GLY B 180 -14.65 -22.43 -2.84
N ASN B 181 -14.00 -23.52 -3.20
CA ASN B 181 -13.87 -23.84 -4.63
C ASN B 181 -14.81 -24.93 -4.97
N GLY B 182 -15.53 -24.72 -6.09
CA GLY B 182 -16.48 -25.61 -6.57
C GLY B 182 -16.14 -26.32 -7.85
N ASN B 183 -17.14 -26.38 -8.73
CA ASN B 183 -17.01 -27.12 -10.01
C ASN B 183 -15.94 -26.40 -10.77
N ASP B 184 -15.13 -27.22 -11.49
CA ASP B 184 -14.00 -26.72 -12.26
C ASP B 184 -13.05 -25.78 -11.48
N HIS B 185 -12.95 -26.00 -10.19
CA HIS B 185 -12.19 -25.20 -9.24
C HIS B 185 -12.64 -23.73 -9.18
N PHE B 186 -13.81 -23.40 -9.71
CA PHE B 186 -14.32 -22.03 -9.68
C PHE B 186 -14.58 -21.57 -8.24
N LEU B 187 -14.07 -20.36 -7.93
CA LEU B 187 -14.29 -19.76 -6.63
C LEU B 187 -15.72 -19.36 -6.41
N GLN B 188 -16.34 -19.83 -5.31
CA GLN B 188 -17.73 -19.51 -4.93
C GLN B 188 -17.67 -18.66 -3.68
N VAL B 189 -18.49 -17.59 -3.64
CA VAL B 189 -18.55 -16.72 -2.48
C VAL B 189 -19.99 -16.84 -2.04
N VAL B 190 -20.20 -17.44 -0.88
CA VAL B 190 -21.50 -17.60 -0.28
C VAL B 190 -21.67 -16.62 0.84
N GLY B 191 -22.89 -16.38 1.22
CA GLY B 191 -23.13 -15.33 2.24
C GLY B 191 -24.45 -15.52 2.96
N VAL B 192 -24.49 -15.05 4.18
CA VAL B 192 -25.72 -14.92 4.97
C VAL B 192 -26.23 -13.50 4.86
N GLY B 193 -27.39 -13.32 4.23
CA GLY B 193 -27.95 -11.97 4.10
C GLY B 193 -28.31 -11.34 5.38
N ASN B 194 -28.56 -10.03 5.33
CA ASN B 194 -29.22 -9.36 6.43
C ASN B 194 -30.63 -9.79 6.60
N ASP B 195 -31.17 -10.48 5.59
CA ASP B 195 -32.44 -11.20 5.73
C ASP B 195 -32.33 -12.56 6.39
N GLY B 196 -31.12 -12.94 6.77
CA GLY B 196 -30.89 -14.26 7.37
C GLY B 196 -30.81 -15.42 6.39
N ASN B 197 -31.03 -15.18 5.11
CA ASN B 197 -31.08 -16.23 4.12
C ASN B 197 -29.66 -16.52 3.57
N ALA B 198 -29.42 -17.76 3.10
CA ALA B 198 -28.18 -18.18 2.55
C ALA B 198 -28.16 -18.02 1.06
N TYR B 199 -27.09 -17.39 0.56
CA TYR B 199 -26.93 -17.10 -0.84
C TYR B 199 -25.58 -17.54 -1.39
N LEU B 200 -25.55 -17.81 -2.70
CA LEU B 200 -24.33 -17.73 -3.48
C LEU B 200 -24.36 -16.28 -3.90
N VAL B 201 -23.44 -15.49 -3.41
CA VAL B 201 -23.37 -14.08 -3.67
C VAL B 201 -22.90 -13.90 -5.06
N THR B 202 -21.76 -14.54 -5.39
CA THR B 202 -21.13 -14.32 -6.67
C THR B 202 -20.13 -15.46 -6.88
N TRP B 203 -19.79 -15.75 -8.13
CA TRP B 203 -18.79 -16.76 -8.38
C TRP B 203 -17.90 -16.32 -9.55
N GLN B 204 -16.75 -16.95 -9.66
CA GLN B 204 -15.69 -16.49 -10.61
C GLN B 204 -15.30 -17.62 -11.54
N ASN B 205 -15.22 -17.31 -12.82
CA ASN B 205 -14.89 -18.38 -13.79
C ASN B 205 -13.39 -18.39 -14.03
N ALA B 206 -12.97 -19.22 -14.98
CA ALA B 206 -11.56 -19.44 -15.23
C ALA B 206 -10.90 -18.28 -15.90
N GLN B 207 -11.73 -17.44 -16.51
CA GLN B 207 -11.26 -16.20 -17.06
C GLN B 207 -11.24 -15.06 -16.04
N GLY B 208 -11.60 -15.33 -14.78
CA GLY B 208 -11.55 -14.30 -13.78
C GLY B 208 -12.80 -13.45 -13.70
N GLN B 209 -13.82 -13.78 -14.48
CA GLN B 209 -15.05 -13.01 -14.55
C GLN B 209 -15.96 -13.38 -13.39
N TRP B 210 -16.53 -12.35 -12.76
CA TRP B 210 -17.47 -12.53 -11.67
C TRP B 210 -18.94 -12.45 -12.11
N SER B 211 -19.78 -13.41 -11.70
CA SER B 211 -21.18 -13.43 -12.06
C SER B 211 -22.07 -13.42 -10.83
N PRO B 212 -23.23 -12.84 -10.92
CA PRO B 212 -24.10 -12.84 -9.73
C PRO B 212 -24.56 -14.22 -9.37
N GLY B 213 -24.74 -14.41 -8.10
CA GLY B 213 -25.39 -15.56 -7.57
C GLY B 213 -26.89 -15.54 -7.39
N PHE B 214 -27.34 -16.28 -6.40
CA PHE B 214 -28.77 -16.55 -6.22
C PHE B 214 -28.97 -17.16 -4.81
N ALA B 215 -30.18 -17.18 -4.33
CA ALA B 215 -30.46 -17.86 -3.11
C ALA B 215 -30.05 -19.36 -3.19
N LEU B 216 -29.39 -19.89 -2.17
CA LEU B 216 -29.04 -21.30 -2.15
C LEU B 216 -30.37 -22.11 -1.80
N PRO B 217 -30.43 -23.38 -2.27
CA PRO B 217 -31.52 -24.22 -1.79
C PRO B 217 -31.39 -24.41 -0.33
N LYS B 218 -32.51 -24.26 0.36
CA LYS B 218 -32.49 -24.43 1.78
C LYS B 218 -32.32 -25.87 2.18
N PRO B 219 -31.80 -26.12 3.36
CA PRO B 219 -31.60 -27.53 3.75
C PRO B 219 -32.94 -28.21 4.01
N SER B 220 -32.94 -29.53 3.87
CA SER B 220 -34.08 -30.43 4.18
C SER B 220 -34.75 -30.01 5.51
N GLY B 221 -36.05 -29.82 5.47
CA GLY B 221 -36.82 -29.62 6.67
C GLY B 221 -36.59 -28.37 7.49
N TYR B 222 -36.01 -27.31 6.93
CA TYR B 222 -35.77 -26.09 7.64
C TYR B 222 -36.04 -24.89 6.78
N SER B 223 -37.06 -24.11 7.15
CA SER B 223 -37.39 -22.92 6.44
C SER B 223 -36.73 -21.71 6.97
N GLY B 224 -36.09 -21.80 8.13
CA GLY B 224 -35.67 -20.59 8.85
C GLY B 224 -34.34 -20.05 8.35
N THR B 225 -33.84 -19.06 9.11
CA THR B 225 -32.66 -18.29 8.76
C THR B 225 -31.32 -18.86 9.39
N PHE B 226 -30.19 -18.22 9.03
CA PHE B 226 -28.91 -18.59 9.41
C PHE B 226 -28.19 -17.42 10.02
N THR B 227 -27.20 -17.76 10.87
CA THR B 227 -26.38 -16.74 11.49
C THR B 227 -24.95 -16.78 10.95
N GLN B 228 -24.53 -17.88 10.35
CA GLN B 228 -23.12 -18.06 10.08
C GLN B 228 -22.99 -19.17 9.08
N LEU B 229 -22.08 -19.07 8.15
CA LEU B 229 -21.74 -20.14 7.16
C LEU B 229 -20.26 -20.51 7.26
N ALA B 230 -19.95 -21.67 6.75
CA ALA B 230 -18.56 -22.15 6.55
C ALA B 230 -18.56 -23.12 5.40
N THR B 231 -17.46 -23.20 4.66
CA THR B 231 -17.43 -24.11 3.60
C THR B 231 -16.46 -25.25 3.95
N GLY B 232 -16.63 -26.35 3.26
CA GLY B 232 -15.65 -27.44 3.31
C GLY B 232 -15.58 -28.22 2.04
N VAL B 233 -14.43 -28.85 1.80
CA VAL B 233 -14.25 -29.74 0.68
C VAL B 233 -14.71 -31.14 1.06
N GLY B 234 -15.77 -31.55 0.39
CA GLY B 234 -16.45 -32.80 0.65
C GLY B 234 -15.94 -33.97 -0.20
N ASN B 235 -16.62 -35.08 0.00
CA ASN B 235 -16.47 -36.26 -0.87
C ASN B 235 -16.55 -35.84 -2.33
N GLY B 236 -15.74 -36.47 -3.15
CA GLY B 236 -15.74 -36.17 -4.60
C GLY B 236 -15.30 -34.76 -4.95
N ASN B 237 -14.66 -34.11 -4.00
CA ASN B 237 -14.35 -32.69 -4.00
C ASN B 237 -15.57 -31.77 -4.18
N PHE B 238 -16.75 -32.23 -3.84
CA PHE B 238 -17.91 -31.40 -3.93
C PHE B 238 -17.87 -30.35 -2.83
N LEU B 239 -18.13 -29.11 -3.22
CA LEU B 239 -18.12 -28.04 -2.18
C LEU B 239 -19.34 -28.18 -1.31
N GLN B 240 -19.13 -28.14 0.01
CA GLN B 240 -20.15 -28.17 1.04
C GLN B 240 -20.26 -26.82 1.70
N VAL B 241 -21.49 -26.30 1.84
CA VAL B 241 -21.73 -25.06 2.59
C VAL B 241 -22.45 -25.43 3.87
N LEU B 242 -21.79 -25.28 5.01
CA LEU B 242 -22.32 -25.59 6.29
C LEU B 242 -22.84 -24.30 6.92
N GLY B 243 -23.78 -24.44 7.84
CA GLY B 243 -24.40 -23.28 8.46
C GLY B 243 -24.88 -23.50 9.87
N ILE B 244 -24.93 -22.39 10.63
CA ILE B 244 -25.60 -22.36 11.88
C ILE B 244 -26.95 -21.67 11.73
N GLY B 245 -28.02 -22.40 12.08
CA GLY B 245 -29.36 -21.85 12.02
C GLY B 245 -29.59 -20.89 13.14
N THR B 246 -30.48 -19.92 12.92
CA THR B 246 -31.00 -19.14 14.01
C THR B 246 -31.71 -20.00 15.06
N ASP B 247 -32.14 -21.18 14.65
CA ASP B 247 -32.59 -22.27 15.58
C ASP B 247 -31.48 -22.91 16.48
N GLY B 248 -30.22 -22.55 16.24
CA GLY B 248 -29.09 -23.10 16.93
C GLY B 248 -28.57 -24.44 16.45
N ASN B 249 -29.18 -25.01 15.43
CA ASN B 249 -28.70 -26.27 14.91
C ASN B 249 -27.70 -26.08 13.81
N ALA B 250 -26.81 -27.06 13.65
CA ALA B 250 -25.83 -27.11 12.58
C ALA B 250 -26.42 -27.80 11.36
N TYR B 251 -26.20 -27.23 10.19
CA TYR B 251 -26.70 -27.76 8.95
C TYR B 251 -25.68 -27.87 7.91
N LEU B 252 -25.87 -28.82 7.01
CA LEU B 252 -25.30 -28.74 5.67
C LEU B 252 -26.38 -27.92 5.01
N VAL B 253 -26.09 -26.70 4.65
CA VAL B 253 -27.07 -25.87 3.94
C VAL B 253 -27.40 -26.40 2.58
N ALA B 254 -26.36 -26.56 1.76
CA ALA B 254 -26.44 -27.03 0.36
C ALA B 254 -25.07 -27.50 -0.04
N TRP B 255 -24.95 -28.24 -1.13
CA TRP B 255 -23.70 -28.66 -1.68
C TRP B 255 -23.78 -28.54 -3.20
N GLN B 256 -22.62 -28.42 -3.84
CA GLN B 256 -22.58 -28.14 -5.24
C GLN B 256 -21.96 -29.34 -6.00
N ASP B 257 -22.57 -29.73 -7.12
CA ASP B 257 -22.06 -30.84 -7.87
C ASP B 257 -21.07 -30.40 -8.95
N ASN B 258 -20.56 -31.39 -9.75
CA ASN B 258 -19.55 -31.02 -10.73
C ASN B 258 -20.04 -30.25 -11.88
N GLY B 259 -21.37 -30.18 -12.08
CA GLY B 259 -22.00 -29.35 -13.07
C GLY B 259 -22.25 -27.93 -12.64
N GLY B 260 -21.86 -27.61 -11.38
CA GLY B 260 -22.15 -26.33 -10.79
C GLY B 260 -23.54 -26.19 -10.17
N ASN B 261 -24.31 -27.27 -10.11
CA ASN B 261 -25.70 -27.24 -9.66
C ASN B 261 -25.69 -27.44 -8.14
N TRP B 262 -26.58 -26.72 -7.48
CA TRP B 262 -26.66 -26.79 -6.02
C TRP B 262 -27.80 -27.70 -5.57
N HIS B 263 -27.53 -28.43 -4.51
CA HIS B 263 -28.45 -29.40 -3.95
C HIS B 263 -28.71 -29.11 -2.51
N PRO B 264 -29.94 -29.36 -2.03
CA PRO B 264 -30.25 -29.15 -0.58
C PRO B 264 -29.51 -30.05 0.32
N GLY B 265 -29.18 -29.47 1.49
CA GLY B 265 -28.51 -30.21 2.54
C GLY B 265 -29.57 -30.66 3.54
N PHE B 266 -29.24 -30.64 4.81
CA PHE B 266 -29.98 -31.26 5.87
C PHE B 266 -29.30 -30.91 7.23
N ALA B 267 -30.04 -31.14 8.29
CA ALA B 267 -29.42 -30.97 9.63
C ALA B 267 -28.36 -32.04 9.77
N LEU B 268 -27.22 -31.60 10.31
CA LEU B 268 -26.14 -32.52 10.54
C LEU B 268 -26.49 -33.51 11.66
N PRO B 269 -26.04 -34.76 11.52
CA PRO B 269 -26.28 -35.67 12.61
C PRO B 269 -25.41 -35.28 13.82
N LYS B 270 -26.03 -35.14 14.95
CA LYS B 270 -25.40 -34.56 16.14
C LYS B 270 -24.60 -35.65 16.90
N PRO B 271 -23.67 -35.26 17.78
CA PRO B 271 -23.00 -36.25 18.61
C PRO B 271 -24.02 -36.97 19.45
N SER B 272 -23.82 -38.28 19.63
CA SER B 272 -24.82 -39.07 20.36
C SER B 272 -25.00 -38.49 21.75
N GLY B 273 -26.27 -38.28 22.08
CA GLY B 273 -26.65 -37.89 23.40
C GLY B 273 -26.58 -36.38 23.60
N TYR B 274 -26.13 -35.63 22.57
CA TYR B 274 -26.09 -34.15 22.68
C TYR B 274 -27.41 -33.49 22.20
N ASN B 275 -28.04 -32.77 23.12
CA ASN B 275 -29.38 -32.18 22.96
C ASN B 275 -29.28 -30.65 22.98
N GLY B 276 -28.08 -30.11 22.79
CA GLY B 276 -27.87 -28.66 22.81
C GLY B 276 -27.78 -28.04 21.38
N THR B 277 -27.35 -26.79 21.33
CA THR B 277 -27.11 -26.01 20.10
C THR B 277 -25.66 -25.87 19.82
N PHE B 278 -25.35 -25.31 18.66
CA PHE B 278 -23.99 -25.00 18.32
C PHE B 278 -23.83 -23.57 17.82
N ALA B 279 -22.62 -23.10 17.92
CA ALA B 279 -22.21 -21.84 17.30
C ALA B 279 -20.77 -21.92 16.98
N LYS B 280 -20.29 -20.94 16.24
CA LYS B 280 -18.86 -20.81 15.97
C LYS B 280 -18.32 -22.07 15.19
N LEU B 281 -19.04 -22.44 14.13
CA LEU B 281 -18.70 -23.62 13.37
C LEU B 281 -17.52 -23.43 12.47
N VAL B 282 -16.62 -24.40 12.41
CA VAL B 282 -15.47 -24.37 11.53
C VAL B 282 -15.31 -25.77 10.92
N THR B 283 -14.65 -25.88 9.81
CA THR B 283 -14.42 -27.21 9.24
C THR B 283 -12.94 -27.55 9.20
N GLY B 284 -12.66 -28.81 8.98
CA GLY B 284 -11.31 -29.30 8.75
C GLY B 284 -11.31 -30.53 7.92
N ILE B 285 -10.12 -30.89 7.40
CA ILE B 285 -9.94 -32.05 6.59
C ILE B 285 -9.21 -33.07 7.45
N GLY B 286 -9.85 -34.22 7.69
CA GLY B 286 -9.34 -35.22 8.63
C GLY B 286 -8.71 -36.37 7.89
N ASN B 287 -8.56 -37.49 8.63
CA ASN B 287 -7.97 -38.68 8.04
C ASN B 287 -8.69 -39.06 6.73
N SER B 288 -7.93 -39.57 5.76
CA SER B 288 -8.48 -40.06 4.48
C SER B 288 -9.28 -38.94 3.75
N ASN B 289 -8.94 -37.70 4.08
CA ASN B 289 -9.63 -36.50 3.55
C ASN B 289 -11.09 -36.42 3.95
N TYR B 290 -11.54 -37.06 5.03
CA TYR B 290 -12.88 -36.96 5.50
C TYR B 290 -13.19 -35.59 6.10
N LEU B 291 -14.17 -34.91 5.54
CA LEU B 291 -14.54 -33.60 6.05
C LEU B 291 -15.03 -33.68 7.52
N GLN B 292 -14.55 -32.76 8.39
CA GLN B 292 -14.91 -32.70 9.79
C GLN B 292 -15.56 -31.32 10.05
N VAL B 293 -16.60 -31.30 10.87
CA VAL B 293 -17.26 -30.05 11.21
C VAL B 293 -17.19 -29.92 12.73
N PHE B 294 -16.71 -28.79 13.23
CA PHE B 294 -16.56 -28.52 14.64
C PHE B 294 -17.45 -27.40 15.07
N GLY B 295 -17.79 -27.40 16.33
CA GLY B 295 -18.48 -26.24 16.89
C GLY B 295 -18.49 -26.25 18.37
N ILE B 296 -18.99 -25.14 18.91
CA ILE B 296 -19.05 -24.87 20.37
C ILE B 296 -20.49 -25.02 20.85
N GLY B 297 -20.68 -25.91 21.82
CA GLY B 297 -21.96 -26.16 22.43
C GLY B 297 -22.53 -25.04 23.25
N SER B 298 -23.84 -25.15 23.55
CA SER B 298 -24.48 -24.23 24.51
C SER B 298 -24.00 -24.44 25.99
N ASN B 299 -23.31 -25.54 26.20
CA ASN B 299 -22.62 -25.90 27.48
C ASN B 299 -21.18 -25.44 27.51
N GLY B 300 -20.73 -24.79 26.44
CA GLY B 300 -19.37 -24.40 26.29
C GLY B 300 -18.41 -25.41 25.78
N VAL B 301 -18.94 -26.60 25.53
CA VAL B 301 -18.11 -27.77 25.19
C VAL B 301 -17.71 -27.77 23.73
N ALA B 302 -16.45 -28.08 23.45
CA ALA B 302 -15.94 -28.19 22.11
C ALA B 302 -16.29 -29.57 21.48
N TYR B 303 -16.97 -29.55 20.33
CA TYR B 303 -17.39 -30.73 19.66
C TYR B 303 -16.91 -30.90 18.24
N LEU B 304 -16.71 -32.14 17.86
CA LEU B 304 -16.84 -32.56 16.50
C LEU B 304 -18.32 -32.74 16.35
N VAL B 305 -18.99 -31.91 15.55
CA VAL B 305 -20.38 -32.04 15.32
C VAL B 305 -20.68 -33.30 14.51
N SER B 306 -20.00 -33.47 13.38
CA SER B 306 -20.26 -34.56 12.38
C SER B 306 -19.01 -34.70 11.57
N TRP B 307 -18.87 -35.82 10.85
CA TRP B 307 -17.82 -36.01 9.85
C TRP B 307 -18.45 -36.73 8.68
N GLN B 308 -17.81 -36.62 7.54
CA GLN B 308 -18.35 -37.15 6.27
C GLN B 308 -17.42 -38.19 5.67
N ASP B 309 -17.94 -39.36 5.33
CA ASP B 309 -17.07 -40.41 4.71
C ASP B 309 -16.90 -40.21 3.20
N SER B 310 -16.16 -41.08 2.51
CA SER B 310 -15.81 -40.81 1.10
C SER B 310 -17.00 -41.00 0.19
N GLY B 311 -17.98 -41.71 0.73
CA GLY B 311 -19.31 -41.89 0.19
C GLY B 311 -20.23 -40.70 0.23
N GLY B 312 -19.85 -39.63 0.93
CA GLY B 312 -20.72 -38.50 1.16
C GLY B 312 -21.63 -38.70 2.34
N ASN B 313 -21.53 -39.83 3.06
CA ASN B 313 -22.47 -40.10 4.21
C ASN B 313 -21.97 -39.39 5.48
N TRP B 314 -22.86 -38.76 6.23
CA TRP B 314 -22.45 -38.02 7.41
C TRP B 314 -22.68 -38.87 8.66
N HIS B 315 -21.86 -38.66 9.68
CA HIS B 315 -21.88 -39.44 10.93
C HIS B 315 -21.84 -38.47 12.08
N GLY B 316 -22.54 -38.85 13.15
CA GLY B 316 -22.63 -38.10 14.39
C GLY B 316 -21.24 -37.98 14.99
N GLY B 317 -20.94 -36.80 15.52
CA GLY B 317 -19.63 -36.52 16.04
C GLY B 317 -19.40 -37.01 17.48
N LEU B 318 -18.59 -36.25 18.24
CA LEU B 318 -18.19 -36.59 19.62
C LEU B 318 -17.67 -35.40 20.32
N THR B 319 -17.54 -35.56 21.63
CA THR B 319 -16.91 -34.55 22.46
C THR B 319 -15.41 -34.55 22.20
N LEU B 320 -14.80 -33.39 21.89
CA LEU B 320 -13.37 -33.43 21.61
C LEU B 320 -12.68 -33.75 22.95
N PRO B 321 -11.73 -34.69 22.92
CA PRO B 321 -11.03 -35.03 24.20
C PRO B 321 -10.40 -33.79 24.81
N GLN B 322 -10.83 -33.50 26.03
CA GLN B 322 -10.42 -32.32 26.75
C GLN B 322 -8.89 -32.27 26.94
N PRO B 323 -8.28 -31.14 26.63
CA PRO B 323 -6.86 -31.05 26.82
C PRO B 323 -6.42 -31.09 28.29
N SER B 324 -5.19 -31.57 28.48
CA SER B 324 -4.51 -31.54 29.78
C SER B 324 -4.55 -30.20 30.40
N GLY B 325 -4.89 -30.24 31.70
CA GLY B 325 -4.77 -29.09 32.60
C GLY B 325 -5.90 -28.08 32.48
N TYR B 326 -6.94 -28.36 31.68
CA TYR B 326 -8.07 -27.34 31.59
C TYR B 326 -9.39 -28.06 31.35
N ASN B 327 -10.35 -27.85 32.23
CA ASN B 327 -11.67 -28.40 32.08
C ASN B 327 -12.75 -27.38 31.73
N GLY B 328 -12.36 -26.17 31.31
CA GLY B 328 -13.36 -25.14 31.03
C GLY B 328 -13.70 -25.12 29.56
N SER B 329 -14.31 -24.02 29.15
CA SER B 329 -14.83 -23.91 27.83
C SER B 329 -13.81 -23.25 26.90
N PHE B 330 -14.00 -23.45 25.61
CA PHE B 330 -13.28 -22.66 24.61
C PHE B 330 -14.21 -21.71 23.89
N SER B 331 -13.69 -20.51 23.65
CA SER B 331 -14.44 -19.41 23.07
C SER B 331 -14.32 -19.36 21.54
N GLN B 332 -13.40 -20.15 20.95
CA GLN B 332 -13.16 -20.21 19.52
C GLN B 332 -12.38 -21.44 19.24
N LEU B 333 -12.69 -22.08 18.13
CA LEU B 333 -11.93 -23.24 17.64
C LEU B 333 -11.42 -22.85 16.29
N ALA B 334 -10.27 -23.38 15.89
CA ALA B 334 -9.73 -23.27 14.58
C ALA B 334 -8.98 -24.56 14.27
N ALA B 335 -8.98 -24.94 13.00
CA ALA B 335 -8.56 -26.28 12.61
C ALA B 335 -7.63 -26.20 11.42
N GLY B 336 -6.66 -27.10 11.36
CA GLY B 336 -5.80 -27.13 10.23
C GLY B 336 -4.90 -28.35 10.32
N ASN B 337 -4.30 -28.69 9.18
CA ASN B 337 -3.42 -29.86 9.11
C ASN B 337 -1.96 -29.59 9.45
N GLY B 338 -1.42 -30.42 10.33
CA GLY B 338 -0.07 -30.31 10.84
C GLY B 338 0.80 -31.48 10.39
N ASN B 339 1.74 -31.84 11.24
CA ASN B 339 2.71 -32.94 10.94
C ASN B 339 1.97 -34.21 10.60
N SER B 340 2.51 -34.92 9.60
CA SER B 340 1.91 -36.11 9.01
C SER B 340 0.47 -35.97 8.62
N HIS B 341 0.06 -34.74 8.26
CA HIS B 341 -1.27 -34.38 7.86
C HIS B 341 -2.29 -34.46 9.00
N TYR B 342 -1.85 -34.71 10.24
CA TYR B 342 -2.75 -34.84 11.32
C TYR B 342 -3.53 -33.54 11.56
N LEU B 343 -4.83 -33.68 11.65
CA LEU B 343 -5.72 -32.54 11.92
C LEU B 343 -5.59 -32.06 13.36
N GLN B 344 -5.39 -30.77 13.51
CA GLN B 344 -5.19 -30.12 14.80
C GLN B 344 -6.36 -29.19 15.02
N VAL B 345 -6.99 -29.26 16.17
CA VAL B 345 -7.96 -28.24 16.55
C VAL B 345 -7.43 -27.44 17.71
N VAL B 346 -7.25 -26.15 17.49
CA VAL B 346 -6.74 -25.25 18.53
C VAL B 346 -7.89 -24.33 18.99
N GLY B 347 -7.73 -23.70 20.13
CA GLY B 347 -8.78 -22.81 20.60
C GLY B 347 -8.30 -21.94 21.69
N THR B 348 -9.06 -20.93 22.02
CA THR B 348 -8.74 -20.02 23.12
C THR B 348 -9.59 -20.41 24.32
N ASP B 349 -8.94 -20.58 25.48
CA ASP B 349 -9.65 -20.82 26.72
C ASP B 349 -10.35 -19.54 27.17
N ALA B 350 -11.02 -19.59 28.31
CA ALA B 350 -11.77 -18.42 28.81
C ALA B 350 -10.93 -17.13 28.97
N GLN B 351 -9.67 -17.26 29.37
CA GLN B 351 -8.71 -16.14 29.50
C GLN B 351 -8.17 -15.62 28.17
N GLY B 352 -8.19 -16.48 27.17
CA GLY B 352 -7.50 -16.25 25.90
C GLY B 352 -6.24 -17.06 25.69
N ASN B 353 -5.84 -17.93 26.62
CA ASN B 353 -4.67 -18.74 26.37
C ASN B 353 -4.96 -19.70 25.23
N VAL B 354 -4.02 -19.91 24.32
CA VAL B 354 -4.24 -20.83 23.23
C VAL B 354 -3.91 -22.28 23.64
N TYR B 355 -4.81 -23.21 23.39
CA TYR B 355 -4.62 -24.64 23.61
C TYR B 355 -4.63 -25.34 22.27
N LEU B 356 -3.92 -26.48 22.19
CA LEU B 356 -4.34 -27.50 21.28
C LEU B 356 -5.43 -28.19 22.02
N VAL B 357 -6.64 -28.20 21.46
CA VAL B 357 -7.76 -28.79 22.17
C VAL B 357 -7.54 -30.29 21.97
N SER B 358 -7.42 -30.70 20.71
CA SER B 358 -7.34 -32.15 20.36
C SER B 358 -6.69 -32.24 18.99
N TRP B 359 -6.07 -33.38 18.74
CA TRP B 359 -5.54 -33.71 17.48
C TRP B 359 -6.00 -35.13 17.04
N GLN B 360 -6.03 -35.32 15.72
CA GLN B 360 -6.54 -36.57 15.13
C GLN B 360 -5.50 -37.35 14.43
N ASP B 361 -5.41 -38.64 14.71
CA ASP B 361 -4.44 -39.46 13.97
C ASP B 361 -4.92 -39.96 12.61
N SER B 362 -4.07 -40.72 11.92
CA SER B 362 -4.38 -41.23 10.60
C SER B 362 -5.54 -42.15 10.48
N GLU B 363 -5.88 -42.74 11.59
CA GLU B 363 -7.00 -43.63 11.72
C GLU B 363 -8.25 -42.93 12.14
N GLY B 364 -8.24 -41.60 12.34
CA GLY B 364 -9.44 -40.92 12.72
C GLY B 364 -9.69 -40.76 14.20
N LYS B 365 -8.77 -41.30 15.02
CA LYS B 365 -8.93 -41.22 16.47
C LYS B 365 -8.46 -39.91 16.98
N TRP B 366 -9.21 -39.35 17.92
CA TRP B 366 -8.89 -38.09 18.51
C TRP B 366 -8.11 -38.24 19.80
N HIS B 367 -7.25 -37.27 20.07
CA HIS B 367 -6.34 -37.31 21.26
C HIS B 367 -6.33 -35.99 21.98
N ALA B 368 -6.35 -36.01 23.34
CA ALA B 368 -6.24 -34.72 24.12
C ALA B 368 -5.05 -33.88 23.77
N GLY B 369 -5.27 -32.55 23.77
CA GLY B 369 -4.21 -31.64 23.58
C GLY B 369 -3.68 -31.14 24.92
N PHE B 370 -3.22 -29.88 24.89
CA PHE B 370 -2.49 -29.23 25.98
C PHE B 370 -2.30 -27.78 25.64
N GLU B 371 -1.89 -27.02 26.62
CA GLU B 371 -1.72 -25.57 26.49
C GLU B 371 -0.47 -25.29 25.70
N LEU B 372 -0.57 -24.51 24.61
CA LEU B 372 0.55 -24.27 23.76
C LEU B 372 1.56 -23.29 24.41
N PRO B 373 2.83 -23.31 23.92
CA PRO B 373 3.81 -22.38 24.43
C PRO B 373 3.32 -20.89 24.30
N ARG B 374 3.66 -20.06 25.26
CA ARG B 374 3.17 -18.70 25.27
C ARG B 374 4.01 -17.79 24.36
N ALA B 375 3.38 -17.00 23.52
CA ALA B 375 4.11 -16.18 22.53
C ALA B 375 4.96 -15.15 23.27
N SER B 376 6.14 -14.84 22.76
CA SER B 376 6.97 -13.86 23.51
C SER B 376 6.31 -12.49 23.35
N SER C 15 -28.30 -13.15 15.54
CA SER C 15 -28.08 -14.33 16.45
C SER C 15 -28.37 -14.08 17.93
N SER C 16 -28.37 -12.81 18.36
CA SER C 16 -28.36 -12.53 19.79
C SER C 16 -27.14 -13.16 20.51
N GLN C 17 -26.02 -13.25 19.78
CA GLN C 17 -24.72 -13.58 20.37
C GLN C 17 -23.77 -12.41 20.18
N PHE C 18 -23.08 -12.08 21.25
CA PHE C 18 -22.35 -10.81 21.42
C PHE C 18 -20.97 -10.99 21.99
N HIS C 19 -20.15 -9.96 21.83
CA HIS C 19 -18.82 -9.82 22.50
C HIS C 19 -18.69 -8.38 22.79
N GLY C 20 -17.60 -8.03 23.52
CA GLY C 20 -17.32 -6.64 23.78
C GLY C 20 -18.38 -5.92 24.57
N LEU C 21 -18.91 -6.53 25.61
CA LEU C 21 -19.93 -5.88 26.37
C LEU C 21 -19.52 -4.63 27.04
N ALA C 22 -20.44 -3.68 27.18
CA ALA C 22 -20.21 -2.51 28.00
C ALA C 22 -21.46 -2.23 28.83
N ILE C 23 -21.33 -1.57 29.95
CA ILE C 23 -22.46 -1.43 30.83
C ILE C 23 -22.58 -0.01 31.30
N GLY C 24 -23.80 0.45 31.46
CA GLY C 24 -23.96 1.76 32.02
C GLY C 24 -25.33 1.95 32.52
N ASN C 25 -25.58 3.05 33.18
CA ASN C 25 -26.92 3.36 33.71
C ASN C 25 -27.55 4.50 32.93
N GLY C 26 -28.82 4.30 32.61
CA GLY C 26 -29.56 5.19 31.74
C GLY C 26 -30.73 5.86 32.44
N ASN C 27 -31.81 6.00 31.70
CA ASN C 27 -32.99 6.67 32.24
C ASN C 27 -33.41 6.01 33.56
N SER C 28 -33.74 6.85 34.54
CA SER C 28 -34.19 6.37 35.83
C SER C 28 -33.16 5.44 36.52
N ASN C 29 -31.90 5.57 36.11
CA ASN C 29 -30.85 4.70 36.55
C ASN C 29 -30.94 3.26 36.15
N TYR C 30 -31.71 2.97 35.12
CA TYR C 30 -31.89 1.63 34.65
C TYR C 30 -30.59 1.14 34.03
N LEU C 31 -30.14 -0.03 34.45
CA LEU C 31 -28.93 -0.63 33.87
C LEU C 31 -29.13 -1.01 32.45
N GLN C 32 -28.14 -0.72 31.60
CA GLN C 32 -28.13 -0.99 30.16
C GLN C 32 -26.85 -1.81 29.84
N VAL C 33 -27.02 -2.89 29.16
CA VAL C 33 -25.95 -3.78 28.72
C VAL C 33 -25.84 -3.62 27.22
N LEU C 34 -24.69 -3.07 26.80
CA LEU C 34 -24.43 -2.82 25.32
C LEU C 34 -23.49 -3.95 24.90
N GLY C 35 -23.47 -4.20 23.61
CA GLY C 35 -22.55 -5.17 23.05
C GLY C 35 -22.45 -5.15 21.57
N LEU C 36 -21.49 -5.90 21.06
CA LEU C 36 -21.26 -5.97 19.60
C LEU C 36 -21.79 -7.34 19.15
N ALA C 37 -22.64 -7.40 18.12
CA ALA C 37 -23.00 -8.65 17.57
C ALA C 37 -21.80 -9.42 17.12
N ASN C 38 -21.80 -10.72 17.42
CA ASN C 38 -20.80 -11.56 16.83
C ASN C 38 -20.90 -11.55 15.28
N ILE C 39 -19.75 -11.71 14.62
CA ILE C 39 -19.55 -11.76 13.16
C ILE C 39 -19.74 -10.36 12.53
N THR C 40 -20.81 -9.66 12.88
CA THR C 40 -21.10 -8.40 12.19
C THR C 40 -20.55 -7.15 12.89
N ASP C 41 -20.26 -7.21 14.19
CA ASP C 41 -19.90 -6.04 14.95
C ASP C 41 -20.91 -4.90 14.87
N THR C 42 -22.16 -5.28 14.93
CA THR C 42 -23.27 -4.36 14.98
C THR C 42 -23.44 -3.98 16.46
N ALA C 43 -23.54 -2.68 16.69
CA ALA C 43 -23.80 -2.21 18.05
C ALA C 43 -25.22 -2.45 18.50
N TYR C 44 -25.36 -3.03 19.67
CA TYR C 44 -26.64 -3.36 20.31
C TYR C 44 -26.75 -2.88 21.69
N LEU C 45 -27.99 -2.58 22.06
CA LEU C 45 -28.42 -2.66 23.45
C LEU C 45 -28.83 -4.14 23.56
N THR C 46 -28.09 -4.94 24.27
CA THR C 46 -28.47 -6.37 24.40
C THR C 46 -29.69 -6.46 25.30
N ASP C 47 -29.71 -5.78 26.45
CA ASP C 47 -30.74 -5.97 27.48
C ASP C 47 -30.70 -4.76 28.35
N TRP C 48 -31.81 -4.47 29.06
CA TRP C 48 -31.84 -3.51 30.10
C TRP C 48 -32.71 -3.99 31.24
N GLN C 49 -32.51 -3.39 32.40
CA GLN C 49 -33.18 -3.80 33.61
C GLN C 49 -33.92 -2.65 34.21
N ASP C 50 -35.15 -2.96 34.58
CA ASP C 50 -36.00 -1.92 35.17
C ASP C 50 -35.83 -1.79 36.72
N SER C 51 -36.63 -0.92 37.35
CA SER C 51 -36.45 -0.66 38.75
C SER C 51 -36.98 -1.79 39.67
N GLY C 52 -37.69 -2.76 39.10
CA GLY C 52 -38.22 -3.95 39.75
C GLY C 52 -37.25 -5.09 39.62
N GLY C 53 -36.15 -4.87 38.92
CA GLY C 53 -35.15 -5.94 38.66
C GLY C 53 -35.45 -6.80 37.47
N ASN C 54 -36.47 -6.45 36.72
CA ASN C 54 -36.86 -7.25 35.57
C ASN C 54 -36.05 -6.89 34.32
N TRP C 55 -35.61 -7.91 33.60
CA TRP C 55 -34.75 -7.68 32.38
C TRP C 55 -35.65 -7.62 31.13
N HIS C 56 -35.21 -6.87 30.13
CA HIS C 56 -35.87 -6.61 28.90
C HIS C 56 -34.89 -6.70 27.74
N ALA C 57 -35.32 -7.36 26.69
CA ALA C 57 -34.53 -7.50 25.48
C ALA C 57 -34.30 -6.15 24.81
N GLY C 58 -33.12 -6.03 24.25
CA GLY C 58 -32.74 -4.85 23.50
C GLY C 58 -32.94 -4.97 21.99
N PHE C 59 -32.04 -4.30 21.26
CA PHE C 59 -32.19 -4.07 19.82
C PHE C 59 -30.97 -3.35 19.35
N ALA C 60 -30.83 -3.27 18.05
CA ALA C 60 -29.64 -2.63 17.46
C ALA C 60 -29.72 -1.15 17.73
N LEU C 61 -28.63 -0.54 18.14
CA LEU C 61 -28.61 0.87 18.42
C LEU C 61 -28.79 1.64 17.12
N PRO C 62 -29.52 2.75 17.18
CA PRO C 62 -29.51 3.65 15.99
C PRO C 62 -28.15 4.25 15.75
N VAL C 63 -27.67 4.17 14.51
CA VAL C 63 -26.32 4.57 14.20
C VAL C 63 -26.31 6.03 13.72
N PRO C 64 -25.14 6.64 13.73
CA PRO C 64 -25.03 8.06 13.29
C PRO C 64 -25.45 8.22 11.81
N SER C 65 -26.23 9.26 11.53
CA SER C 65 -26.66 9.50 10.17
C SER C 65 -25.48 9.66 9.23
N ASP C 66 -24.31 10.04 9.72
CA ASP C 66 -23.08 10.13 8.90
C ASP C 66 -22.36 8.76 8.68
N TYR C 67 -22.78 7.73 9.38
CA TYR C 67 -22.23 6.35 9.24
C TYR C 67 -23.41 5.39 9.26
N PRO C 68 -24.31 5.47 8.23
CA PRO C 68 -25.65 4.92 8.47
C PRO C 68 -25.92 3.40 8.41
N LYS C 69 -24.92 2.69 7.93
CA LYS C 69 -24.83 1.27 8.09
C LYS C 69 -23.50 0.95 8.81
N GLY C 70 -23.18 1.72 9.83
CA GLY C 70 -21.85 1.63 10.46
C GLY C 70 -21.75 0.42 11.39
N HIS C 71 -20.51 0.01 11.63
CA HIS C 71 -20.18 -1.04 12.57
C HIS C 71 -18.96 -0.62 13.40
N PHE C 72 -18.73 -1.32 14.50
CA PHE C 72 -17.81 -0.89 15.53
C PHE C 72 -17.05 -2.08 16.08
N PHE C 73 -15.75 -1.92 16.34
CA PHE C 73 -14.97 -3.03 16.90
C PHE C 73 -14.86 -2.94 18.41
N GLN C 74 -15.25 -1.81 18.97
CA GLN C 74 -15.29 -1.63 20.41
C GLN C 74 -16.34 -0.56 20.80
N LEU C 75 -16.95 -0.74 21.98
CA LEU C 75 -17.95 0.19 22.54
C LEU C 75 -17.61 0.50 24.00
N THR C 76 -18.00 1.69 24.46
CA THR C 76 -18.00 1.97 25.87
C THR C 76 -19.09 2.97 26.16
N THR C 77 -19.35 3.26 27.44
CA THR C 77 -20.36 4.23 27.78
C THR C 77 -19.81 5.34 28.63
N GLY C 78 -20.56 6.45 28.74
CA GLY C 78 -20.19 7.46 29.67
C GLY C 78 -21.48 8.24 30.04
N VAL C 79 -21.46 8.75 31.22
CA VAL C 79 -22.52 9.67 31.67
C VAL C 79 -22.38 11.01 31.11
N GLY C 80 -23.39 11.43 30.34
CA GLY C 80 -23.32 12.70 29.62
C GLY C 80 -24.18 13.76 30.34
N ASN C 81 -24.49 14.83 29.64
CA ASN C 81 -25.31 15.95 30.21
C ASN C 81 -26.68 15.46 30.62
N SER C 82 -27.32 16.13 31.61
CA SER C 82 -28.56 15.69 32.22
C SER C 82 -28.63 14.15 32.51
N ASN C 83 -27.49 13.57 32.86
CA ASN C 83 -27.36 12.11 33.08
C ASN C 83 -27.78 11.22 31.91
N TYR C 84 -27.84 11.76 30.73
CA TYR C 84 -28.05 10.99 29.46
C TYR C 84 -26.88 10.07 29.14
N LEU C 85 -27.17 8.78 29.04
CA LEU C 85 -26.15 7.77 28.80
C LEU C 85 -25.69 7.98 27.35
N GLN C 86 -24.38 7.92 27.17
CA GLN C 86 -23.72 8.06 25.88
C GLN C 86 -23.03 6.78 25.56
N VAL C 87 -23.21 6.31 24.34
CA VAL C 87 -22.48 5.10 23.89
C VAL C 87 -21.49 5.52 22.84
N LEU C 88 -20.19 5.33 23.13
CA LEU C 88 -19.08 5.68 22.25
C LEU C 88 -18.59 4.44 21.57
N GLY C 89 -18.17 4.58 20.30
CA GLY C 89 -17.79 3.42 19.51
C GLY C 89 -16.62 3.69 18.60
N ALA C 90 -15.74 2.70 18.46
CA ALA C 90 -14.66 2.74 17.53
C ALA C 90 -15.09 2.19 16.20
N GLY C 91 -15.24 3.11 15.24
CA GLY C 91 -15.79 2.74 13.94
C GLY C 91 -14.83 1.87 13.16
N GLU C 92 -15.37 0.89 12.45
CA GLU C 92 -14.57 0.06 11.55
C GLU C 92 -14.09 0.80 10.32
N ASP C 93 -14.58 2.04 10.11
CA ASP C 93 -14.09 2.99 9.18
C ASP C 93 -12.92 3.82 9.71
N GLY C 94 -12.40 3.49 10.91
CA GLY C 94 -11.29 4.21 11.46
C GLY C 94 -11.65 5.50 12.15
N ASN C 95 -12.91 5.78 12.31
CA ASN C 95 -13.33 7.00 13.01
C ASN C 95 -13.97 6.69 14.37
N PRO C 96 -13.73 7.55 15.38
CA PRO C 96 -14.45 7.43 16.64
C PRO C 96 -15.81 8.14 16.54
N TYR C 97 -16.83 7.54 17.20
CA TYR C 97 -18.15 8.08 17.19
C TYR C 97 -18.83 8.12 18.52
N LEU C 98 -19.81 9.01 18.66
CA LEU C 98 -20.87 8.82 19.61
C LEU C 98 -21.81 7.97 18.78
N VAL C 99 -21.98 6.69 19.14
CA VAL C 99 -22.86 5.80 18.38
C VAL C 99 -24.32 6.25 18.56
N SER C 100 -24.74 6.45 19.82
CA SER C 100 -26.12 6.71 20.18
C SER C 100 -26.10 7.38 21.54
N TRP C 101 -27.13 8.19 21.85
CA TRP C 101 -27.35 8.63 23.22
C TRP C 101 -28.81 8.32 23.60
N GLN C 102 -29.08 8.21 24.89
CA GLN C 102 -30.37 7.82 25.38
C GLN C 102 -30.90 8.98 26.22
N ASP C 103 -32.13 9.37 25.94
CA ASP C 103 -32.77 10.43 26.68
C ASP C 103 -33.36 9.96 27.97
N GLY C 104 -34.00 10.92 28.68
CA GLY C 104 -34.52 10.65 29.99
C GLY C 104 -35.75 9.78 30.06
N SER C 105 -36.35 9.50 28.92
CA SER C 105 -37.49 8.59 28.88
CA SER C 105 -37.52 8.61 28.84
C SER C 105 -37.08 7.25 28.33
N GLY C 106 -35.78 7.07 28.07
CA GLY C 106 -35.28 5.76 27.63
C GLY C 106 -35.22 5.57 26.16
N LYS C 107 -35.53 6.64 25.39
CA LYS C 107 -35.42 6.55 23.95
C LYS C 107 -33.99 6.80 23.45
N TRP C 108 -33.58 6.00 22.45
CA TRP C 108 -32.22 6.07 21.86
C TRP C 108 -32.21 6.92 20.61
N HIS C 109 -31.18 7.71 20.48
CA HIS C 109 -31.00 8.59 19.36
C HIS C 109 -29.68 8.38 18.72
N GLY C 110 -29.67 8.38 17.38
CA GLY C 110 -28.43 8.24 16.62
C GLY C 110 -27.43 9.38 16.88
N GLY C 111 -26.13 9.04 16.95
CA GLY C 111 -25.10 10.03 17.32
C GLY C 111 -24.42 10.69 16.13
N MET C 112 -23.14 10.88 16.24
CA MET C 112 -22.37 11.67 15.32
C MET C 112 -20.91 11.24 15.39
N PRO C 113 -20.12 11.56 14.38
CA PRO C 113 -18.67 11.37 14.51
C PRO C 113 -18.12 12.34 15.51
N LEU C 114 -17.07 11.90 16.21
CA LEU C 114 -16.48 12.77 17.20
C LEU C 114 -15.48 13.73 16.66
N PRO C 115 -15.41 14.96 17.28
CA PRO C 115 -14.47 15.99 16.75
C PRO C 115 -13.01 15.65 17.12
N LYS C 116 -12.46 14.58 16.47
CA LYS C 116 -11.23 14.01 16.85
C LYS C 116 -10.06 14.95 16.47
N PRO C 117 -8.89 14.71 17.06
CA PRO C 117 -7.73 15.56 16.80
C PRO C 117 -6.77 14.99 15.77
N SER C 118 -6.02 15.90 15.17
CA SER C 118 -4.85 15.59 14.36
C SER C 118 -3.86 14.68 15.07
N GLY C 119 -3.52 13.61 14.39
CA GLY C 119 -2.67 12.59 14.91
C GLY C 119 -3.34 11.38 15.53
N TYR C 120 -4.57 11.49 15.94
CA TYR C 120 -5.30 10.36 16.57
C TYR C 120 -5.46 9.22 15.52
N SER C 121 -5.20 7.94 15.89
CA SER C 121 -5.36 6.87 14.99
C SER C 121 -6.36 5.95 15.66
N GLY C 122 -7.27 5.41 14.86
CA GLY C 122 -8.42 4.66 15.39
C GLY C 122 -8.04 3.53 16.34
N GLY C 123 -8.85 3.43 17.40
CA GLY C 123 -8.70 2.38 18.36
C GLY C 123 -9.81 2.42 19.38
N PRO C 124 -9.74 1.58 20.44
CA PRO C 124 -10.73 1.56 21.47
C PRO C 124 -10.77 2.83 22.28
N LEU C 125 -11.91 3.08 22.86
CA LEU C 125 -12.13 4.30 23.61
C LEU C 125 -12.41 4.00 25.08
N VAL C 126 -12.11 4.99 25.92
CA VAL C 126 -12.41 4.98 27.31
C VAL C 126 -12.95 6.35 27.72
N THR C 127 -13.90 6.37 28.64
CA THR C 127 -14.45 7.61 29.12
C THR C 127 -14.04 7.87 30.54
N GLY C 128 -14.10 9.12 30.93
CA GLY C 128 -13.99 9.49 32.32
C GLY C 128 -14.81 10.75 32.56
N ILE C 129 -15.13 11.03 33.83
CA ILE C 129 -15.83 12.23 34.21
C ILE C 129 -14.87 13.29 34.71
N GLY C 130 -14.80 14.41 34.03
CA GLY C 130 -13.84 15.44 34.28
C GLY C 130 -14.42 16.60 35.10
N ASN C 131 -13.68 17.68 35.03
CA ASN C 131 -14.06 18.97 35.73
C ASN C 131 -15.44 19.39 35.28
N SER C 132 -16.22 19.92 36.22
CA SER C 132 -17.59 20.32 35.89
CA SER C 132 -17.62 20.30 35.97
C SER C 132 -18.50 19.12 35.44
N ASN C 133 -18.09 17.86 35.69
CA ASN C 133 -18.77 16.68 35.23
C ASN C 133 -18.77 16.55 33.74
N TYR C 134 -17.83 17.18 33.07
CA TYR C 134 -17.74 17.18 31.60
C TYR C 134 -17.24 15.79 31.17
N LEU C 135 -18.05 15.08 30.42
CA LEU C 135 -17.60 13.73 29.95
C LEU C 135 -16.42 13.86 29.03
N GLN C 136 -15.37 13.06 29.24
CA GLN C 136 -14.19 13.04 28.44
C GLN C 136 -14.09 11.68 27.68
N VAL C 137 -13.78 11.73 26.39
CA VAL C 137 -13.63 10.48 25.59
C VAL C 137 -12.19 10.43 25.17
N ILE C 138 -11.48 9.37 25.56
CA ILE C 138 -10.01 9.29 25.47
C ILE C 138 -9.66 8.00 24.70
N GLY C 139 -8.57 8.04 23.95
CA GLY C 139 -8.07 6.89 23.22
C GLY C 139 -7.57 5.84 24.24
N ALA C 140 -8.11 4.62 24.24
CA ALA C 140 -7.81 3.63 25.29
C ALA C 140 -6.58 2.84 25.03
N ARG C 141 -6.02 2.98 23.86
CA ARG C 141 -4.72 2.46 23.49
C ARG C 141 -3.89 3.63 22.89
N VAL C 142 -2.61 3.70 23.23
CA VAL C 142 -1.69 4.79 22.85
C VAL C 142 -0.61 4.25 21.99
N GLU C 143 -0.40 4.85 20.85
CA GLU C 143 0.76 4.38 20.02
C GLU C 143 1.96 5.29 20.23
N SER C 144 1.72 6.60 20.14
CA SER C 144 2.74 7.57 20.38
C SER C 144 2.27 8.55 21.45
N SER C 145 1.39 9.47 21.11
CA SER C 145 0.84 10.40 22.05
C SER C 145 -0.52 9.87 22.54
N PRO C 146 -0.87 10.09 23.80
CA PRO C 146 -2.31 9.87 24.22
C PRO C 146 -3.16 10.98 23.63
N TYR C 147 -4.44 10.72 23.50
CA TYR C 147 -5.40 11.71 22.96
C TYR C 147 -6.69 11.78 23.70
N LEU C 148 -7.15 13.00 23.92
CA LEU C 148 -8.52 13.31 24.25
C LEU C 148 -9.14 13.37 22.87
N VAL C 149 -10.07 12.46 22.59
CA VAL C 149 -10.81 12.44 21.34
C VAL C 149 -11.77 13.58 21.32
N ALA C 150 -12.50 13.71 22.40
CA ALA C 150 -13.51 14.74 22.53
C ALA C 150 -13.98 14.90 23.90
N TRP C 151 -14.67 16.02 24.15
CA TRP C 151 -15.33 16.20 25.44
C TRP C 151 -16.70 16.88 25.24
N GLN C 152 -17.57 16.68 26.23
CA GLN C 152 -18.94 17.16 26.17
C GLN C 152 -19.23 18.10 27.30
N ASP C 153 -19.83 19.24 27.00
CA ASP C 153 -20.23 20.18 28.00
C ASP C 153 -21.55 19.79 28.72
N ASN C 154 -21.92 20.58 29.74
CA ASN C 154 -23.11 20.34 30.49
C ASN C 154 -24.45 20.62 29.75
N GLY C 155 -24.38 21.30 28.62
CA GLY C 155 -25.50 21.42 27.67
C GLY C 155 -25.62 20.34 26.64
N GLY C 156 -24.71 19.35 26.67
CA GLY C 156 -24.69 18.30 25.65
C GLY C 156 -23.90 18.53 24.42
N ASN C 157 -23.27 19.70 24.31
CA ASN C 157 -22.55 19.99 23.14
C ASN C 157 -21.15 19.38 23.18
N TRP C 158 -20.72 18.84 22.05
CA TRP C 158 -19.38 18.21 21.92
C TRP C 158 -18.31 19.19 21.40
N HIS C 159 -17.08 19.02 21.91
CA HIS C 159 -15.96 19.88 21.69
C HIS C 159 -14.75 19.07 21.23
N ALA C 160 -13.93 19.70 20.41
CA ALA C 160 -12.74 19.11 19.88
C ALA C 160 -11.78 18.61 20.93
N GLY C 161 -11.15 17.50 20.58
CA GLY C 161 -10.15 16.93 21.44
C GLY C 161 -8.78 17.58 21.21
N MET C 162 -7.75 16.91 21.73
CA MET C 162 -6.37 17.40 21.72
CA MET C 162 -6.36 17.34 21.58
C MET C 162 -5.44 16.26 22.14
N PRO C 163 -4.14 16.38 21.83
CA PRO C 163 -3.22 15.44 22.49
C PRO C 163 -3.21 15.65 24.02
N LEU C 164 -3.04 14.55 24.74
CA LEU C 164 -2.87 14.63 26.21
C LEU C 164 -1.41 14.22 26.52
N PRO C 165 -0.89 14.59 27.72
CA PRO C 165 0.51 14.24 27.98
C PRO C 165 0.80 12.76 28.25
N ASN C 166 1.91 12.25 27.68
CA ASN C 166 2.49 11.04 28.19
C ASN C 166 2.99 11.19 29.63
N PRO C 167 3.26 10.10 30.33
CA PRO C 167 3.84 10.28 31.64
C PRO C 167 5.32 10.75 31.46
N SER C 168 5.88 11.23 32.58
CA SER C 168 7.33 11.44 32.73
C SER C 168 8.12 10.28 32.18
N GLY C 169 9.01 10.58 31.29
CA GLY C 169 10.04 9.71 30.88
C GLY C 169 9.66 8.59 29.95
N TYR C 170 8.47 8.59 29.34
CA TYR C 170 8.07 7.39 28.57
C TYR C 170 7.13 7.77 27.42
N ALA C 171 7.48 7.29 26.24
CA ALA C 171 6.62 7.46 25.05
C ALA C 171 6.59 6.14 24.25
N GLY C 172 6.65 5.02 24.97
CA GLY C 172 6.68 3.68 24.37
C GLY C 172 5.35 3.16 23.96
N GLY C 173 4.30 3.88 24.22
CA GLY C 173 2.97 3.45 23.97
C GLY C 173 2.32 2.77 25.10
N PHE C 174 0.99 2.67 25.05
CA PHE C 174 0.20 2.05 26.11
C PHE C 174 -0.71 0.96 25.54
N GLN C 175 -0.66 -0.18 26.18
CA GLN C 175 -1.58 -1.26 25.84
C GLN C 175 -3.04 -0.93 26.17
N GLN C 176 -3.23 -0.21 27.27
CA GLN C 176 -4.49 -0.01 27.87
C GLN C 176 -4.43 1.20 28.77
N LEU C 177 -5.42 2.09 28.62
CA LEU C 177 -5.70 3.17 29.52
C LEU C 177 -6.98 2.95 30.28
N ALA C 178 -7.03 3.41 31.54
CA ALA C 178 -8.22 3.28 32.37
C ALA C 178 -8.35 4.58 33.12
N THR C 179 -9.55 4.88 33.51
CA THR C 179 -9.84 6.10 34.17
C THR C 179 -10.47 5.90 35.55
N GLY C 180 -10.23 6.93 36.37
CA GLY C 180 -10.98 6.98 37.67
C GLY C 180 -10.85 8.33 38.30
N ASN C 181 -11.68 8.59 39.26
CA ASN C 181 -11.59 9.92 39.94
C ASN C 181 -10.89 9.77 41.23
N GLY C 182 -9.94 10.67 41.42
CA GLY C 182 -9.01 10.66 42.51
C GLY C 182 -9.26 11.82 43.48
N ASN C 183 -8.16 12.25 44.05
CA ASN C 183 -8.19 13.33 45.11
C ASN C 183 -8.88 14.57 44.49
N ASP C 184 -9.71 15.30 45.30
CA ASP C 184 -10.42 16.48 44.79
C ASP C 184 -11.29 16.22 43.55
N HIS C 185 -11.69 14.96 43.36
CA HIS C 185 -12.47 14.48 42.22
C HIS C 185 -11.67 14.64 40.90
N PHE C 186 -10.34 14.86 40.95
CA PHE C 186 -9.59 15.04 39.73
C PHE C 186 -9.59 13.74 38.89
N LEU C 187 -9.82 13.85 37.56
CA LEU C 187 -9.77 12.68 36.70
C LEU C 187 -8.34 12.22 36.49
N GLN C 188 -8.13 10.93 36.72
CA GLN C 188 -6.84 10.27 36.58
C GLN C 188 -6.92 9.28 35.43
N VAL C 189 -5.91 9.26 34.60
CA VAL C 189 -5.83 8.30 33.53
C VAL C 189 -4.60 7.47 33.78
N VAL C 190 -4.80 6.20 34.08
CA VAL C 190 -3.70 5.26 34.30
C VAL C 190 -3.57 4.33 33.13
N GLY C 191 -2.43 3.66 33.04
CA GLY C 191 -2.20 2.81 31.92
C GLY C 191 -1.13 1.77 32.11
N VAL C 192 -1.20 0.74 31.33
CA VAL C 192 -0.13 -0.28 31.27
C VAL C 192 0.60 0.01 30.04
N GLY C 193 1.91 0.30 30.13
CA GLY C 193 2.73 0.59 28.94
C GLY C 193 2.96 -0.65 28.06
N ASN C 194 3.50 -0.40 26.89
CA ASN C 194 4.07 -1.48 26.07
C ASN C 194 5.28 -2.15 26.74
N ASP C 195 5.83 -1.49 27.76
CA ASP C 195 6.85 -2.05 28.61
C ASP C 195 6.36 -2.87 29.76
N GLY C 196 5.03 -3.01 29.90
CA GLY C 196 4.42 -3.78 30.94
C GLY C 196 4.37 -3.08 32.28
N ASN C 197 4.82 -1.85 32.37
CA ASN C 197 4.80 -1.12 33.59
C ASN C 197 3.51 -0.30 33.73
N ALA C 198 3.08 -0.07 34.96
CA ALA C 198 1.96 0.74 35.28
C ALA C 198 2.29 2.14 35.55
N TYR C 199 1.52 3.02 34.89
CA TYR C 199 1.73 4.46 35.01
C TYR C 199 0.48 5.22 35.39
N LEU C 200 0.64 6.38 36.00
CA LEU C 200 -0.35 7.44 35.83
C LEU C 200 0.10 8.11 34.54
N VAL C 201 -0.73 8.09 33.52
CA VAL C 201 -0.38 8.68 32.26
C VAL C 201 -0.51 10.21 32.40
N THR C 202 -1.67 10.64 32.87
CA THR C 202 -2.02 12.09 32.97
C THR C 202 -3.17 12.27 33.94
N TRP C 203 -3.32 13.49 34.51
CA TRP C 203 -4.43 13.81 35.31
C TRP C 203 -4.90 15.24 35.05
N GLN C 204 -6.16 15.47 35.30
CA GLN C 204 -6.85 16.72 35.01
C GLN C 204 -7.28 17.42 36.29
N ASN C 205 -6.99 18.69 36.33
CA ASN C 205 -7.39 19.52 37.44
C ASN C 205 -8.81 20.13 37.25
N ALA C 206 -9.20 20.95 38.22
CA ALA C 206 -10.58 21.51 38.28
C ALA C 206 -10.88 22.52 37.22
N GLN C 207 -9.85 23.04 36.57
CA GLN C 207 -9.87 23.96 35.46
C GLN C 207 -9.75 23.24 34.15
N GLY C 208 -9.76 21.91 34.16
CA GLY C 208 -9.70 21.12 32.91
C GLY C 208 -8.30 20.95 32.28
N GLN C 209 -7.26 21.33 32.99
CA GLN C 209 -5.92 21.34 32.46
C GLN C 209 -5.32 19.96 32.80
N TRP C 210 -4.52 19.44 31.90
CA TRP C 210 -3.96 18.11 32.04
C TRP C 210 -2.45 18.21 32.30
N SER C 211 -1.97 17.37 33.20
CA SER C 211 -0.58 17.36 33.59
C SER C 211 -0.03 15.95 33.39
N PRO C 212 1.26 15.87 33.12
CA PRO C 212 1.82 14.51 32.96
C PRO C 212 1.93 13.77 34.23
N GLY C 213 1.86 12.43 34.13
CA GLY C 213 2.02 11.56 35.23
C GLY C 213 3.39 10.94 35.26
N PHE C 214 3.46 9.68 35.68
CA PHE C 214 4.74 9.08 36.07
C PHE C 214 4.47 7.63 36.35
N ALA C 215 5.53 6.83 36.51
CA ALA C 215 5.36 5.41 36.88
C ALA C 215 4.71 5.27 38.26
N LEU C 216 3.76 4.36 38.39
CA LEU C 216 3.24 4.03 39.69
C LEU C 216 4.20 3.20 40.50
N PRO C 217 4.10 3.31 41.84
CA PRO C 217 4.93 2.40 42.64
C PRO C 217 4.51 0.97 42.44
N LYS C 218 5.46 0.04 42.36
CA LYS C 218 5.10 -1.36 42.19
C LYS C 218 4.49 -1.93 43.46
N PRO C 219 3.63 -2.93 43.34
CA PRO C 219 3.05 -3.51 44.55
C PRO C 219 4.15 -4.23 45.38
N SER C 220 3.91 -4.31 46.68
CA SER C 220 4.63 -5.15 47.63
C SER C 220 5.03 -6.46 47.05
N GLY C 221 6.32 -6.77 47.05
CA GLY C 221 6.83 -8.07 46.69
C GLY C 221 6.75 -8.56 45.24
N TYR C 222 6.50 -7.67 44.30
CA TYR C 222 6.41 -8.08 42.92
C TYR C 222 7.20 -7.11 42.08
N SER C 223 8.21 -7.62 41.43
CA SER C 223 9.09 -6.84 40.56
C SER C 223 8.66 -6.84 39.10
N GLY C 224 7.67 -7.68 38.78
CA GLY C 224 7.33 -7.98 37.42
C GLY C 224 6.39 -6.92 36.77
N THR C 225 6.02 -7.26 35.55
CA THR C 225 5.11 -6.45 34.73
C THR C 225 3.63 -6.86 34.80
N PHE C 226 2.81 -6.08 34.09
CA PHE C 226 1.34 -6.16 34.11
C PHE C 226 0.84 -6.31 32.73
N THR C 227 -0.33 -6.92 32.65
CA THR C 227 -1.04 -7.10 31.34
C THR C 227 -2.31 -6.29 31.23
N GLN C 228 -2.87 -5.81 32.33
CA GLN C 228 -4.16 -5.25 32.31
C GLN C 228 -4.36 -4.50 33.60
N LEU C 229 -5.08 -3.36 33.55
CA LEU C 229 -5.43 -2.60 34.74
C LEU C 229 -6.94 -2.31 34.78
N ALA C 230 -7.42 -1.98 35.97
CA ALA C 230 -8.78 -1.49 36.16
C ALA C 230 -8.80 -0.63 37.37
N THR C 231 -9.63 0.39 37.41
CA THR C 231 -9.68 1.23 38.57
C THR C 231 -10.93 0.90 39.44
N GLY C 232 -10.89 1.26 40.68
CA GLY C 232 -12.06 1.14 41.56
C GLY C 232 -12.07 2.19 42.61
N VAL C 233 -13.26 2.63 43.02
CA VAL C 233 -13.37 3.59 44.12
C VAL C 233 -13.35 2.74 45.39
N GLY C 234 -12.36 2.96 46.25
CA GLY C 234 -12.16 2.22 47.48
C GLY C 234 -12.65 2.96 48.71
N ASN C 235 -12.37 2.31 49.81
CA ASN C 235 -12.66 2.87 51.15
C ASN C 235 -12.16 4.32 51.18
N GLY C 236 -12.95 5.24 51.80
CA GLY C 236 -12.59 6.63 51.94
C GLY C 236 -12.50 7.40 50.62
N ASN C 237 -13.10 6.82 49.58
CA ASN C 237 -13.06 7.24 48.22
C ASN C 237 -11.64 7.37 47.67
N PHE C 238 -10.67 6.64 48.23
CA PHE C 238 -9.37 6.59 47.65
C PHE C 238 -9.42 5.70 46.35
N LEU C 239 -8.77 6.19 45.32
CA LEU C 239 -8.73 5.57 44.05
C LEU C 239 -7.76 4.39 44.11
N GLN C 240 -8.23 3.22 43.71
CA GLN C 240 -7.46 2.03 43.63
C GLN C 240 -7.15 1.64 42.18
N VAL C 241 -5.94 1.14 41.92
CA VAL C 241 -5.61 0.66 40.60
C VAL C 241 -5.29 -0.79 40.75
N LEU C 242 -6.16 -1.62 40.19
CA LEU C 242 -5.98 -3.04 40.21
C LEU C 242 -5.28 -3.49 38.96
N GLY C 243 -4.58 -4.65 38.98
CA GLY C 243 -3.90 -5.09 37.82
C GLY C 243 -3.77 -6.61 37.78
N ILE C 244 -3.47 -7.10 36.61
CA ILE C 244 -3.17 -8.49 36.39
C ILE C 244 -1.75 -8.55 36.03
N GLY C 245 -0.99 -9.32 36.80
CA GLY C 245 0.41 -9.46 36.60
C GLY C 245 0.70 -10.35 35.40
N THR C 246 1.83 -10.15 34.78
CA THR C 246 2.40 -11.17 33.85
C THR C 246 2.60 -12.52 34.50
N ASP C 247 2.74 -12.53 35.81
CA ASP C 247 2.73 -13.78 36.62
C ASP C 247 1.36 -14.42 36.74
N GLY C 248 0.29 -13.77 36.31
CA GLY C 248 -1.06 -14.32 36.37
C GLY C 248 -1.79 -13.96 37.65
N ASN C 249 -1.13 -13.27 38.56
CA ASN C 249 -1.78 -12.94 39.82
C ASN C 249 -2.49 -11.60 39.77
N ALA C 250 -3.52 -11.48 40.56
CA ALA C 250 -4.22 -10.20 40.70
C ALA C 250 -3.62 -9.34 41.81
N TYR C 251 -3.38 -8.08 41.54
CA TYR C 251 -2.81 -7.13 42.50
C TYR C 251 -3.63 -5.86 42.68
N LEU C 252 -3.57 -5.27 43.85
CA LEU C 252 -3.76 -3.83 43.98
C LEU C 252 -2.39 -3.32 43.60
N VAL C 253 -2.28 -2.68 42.46
CA VAL C 253 -0.98 -2.15 42.00
C VAL C 253 -0.58 -1.05 42.92
N ALA C 254 -1.47 -0.07 43.10
CA ALA C 254 -1.18 1.13 43.92
C ALA C 254 -2.48 1.81 44.25
N TRP C 255 -2.47 2.66 45.26
CA TRP C 255 -3.66 3.47 45.58
C TRP C 255 -3.24 4.89 45.80
N GLN C 256 -4.20 5.84 45.69
CA GLN C 256 -3.86 7.25 45.65
C GLN C 256 -4.48 7.95 46.88
N ASP C 257 -3.66 8.74 47.57
CA ASP C 257 -4.14 9.42 48.75
C ASP C 257 -4.77 10.78 48.40
N ASN C 258 -5.16 11.56 49.42
CA ASN C 258 -5.79 12.82 49.20
C ASN C 258 -4.89 13.95 48.62
N GLY C 259 -3.59 13.81 48.70
CA GLY C 259 -2.67 14.75 48.16
C GLY C 259 -2.24 14.40 46.76
N GLY C 260 -2.83 13.34 46.22
CA GLY C 260 -2.49 12.85 44.92
C GLY C 260 -1.24 12.02 44.88
N ASN C 261 -0.79 11.56 46.02
CA ASN C 261 0.43 10.71 46.09
C ASN C 261 0.01 9.23 46.02
N TRP C 262 0.84 8.44 45.37
CA TRP C 262 0.53 7.07 45.14
C TRP C 262 1.40 6.15 46.04
N HIS C 263 0.75 5.11 46.53
CA HIS C 263 1.31 4.21 47.48
C HIS C 263 1.29 2.82 46.92
N PRO C 264 2.28 1.99 47.24
CA PRO C 264 2.28 0.65 46.71
C PRO C 264 1.19 -0.22 47.25
N GLY C 265 0.66 -1.09 46.38
CA GLY C 265 -0.27 -2.09 46.80
C GLY C 265 0.39 -3.41 47.11
N PHE C 266 -0.25 -4.48 46.74
CA PHE C 266 0.10 -5.81 47.17
C PHE C 266 -0.77 -6.85 46.46
N ALA C 267 -0.37 -8.12 46.57
CA ALA C 267 -1.18 -9.16 45.92
C ALA C 267 -2.54 -9.25 46.59
N LEU C 268 -3.63 -9.38 45.83
CA LEU C 268 -4.92 -9.47 46.46
C LEU C 268 -5.08 -10.88 47.08
N PRO C 269 -5.83 -10.94 48.16
CA PRO C 269 -6.11 -12.26 48.80
C PRO C 269 -7.10 -13.05 47.90
N LYS C 270 -6.69 -14.24 47.54
CA LYS C 270 -7.37 -15.09 46.58
C LYS C 270 -8.54 -15.81 47.23
N PRO C 271 -9.50 -16.25 46.42
CA PRO C 271 -10.57 -17.13 46.98
C PRO C 271 -9.99 -18.35 47.65
N SER C 272 -10.59 -18.68 48.79
CA SER C 272 -10.15 -19.85 49.48
C SER C 272 -9.94 -21.07 48.63
N GLY C 273 -8.75 -21.63 48.71
CA GLY C 273 -8.40 -22.88 48.04
C GLY C 273 -8.10 -22.77 46.55
N TYR C 274 -8.21 -21.58 45.97
CA TYR C 274 -7.90 -21.38 44.53
C TYR C 274 -6.41 -21.19 44.28
N ASN C 275 -5.79 -22.02 43.46
CA ASN C 275 -4.35 -21.92 43.17
C ASN C 275 -4.02 -21.53 41.74
N GLY C 276 -4.98 -21.11 40.97
CA GLY C 276 -4.71 -20.69 39.61
C GLY C 276 -4.44 -19.20 39.42
N THR C 277 -4.56 -18.80 38.19
CA THR C 277 -4.27 -17.43 37.77
C THR C 277 -5.58 -16.73 37.42
N PHE C 278 -5.47 -15.42 37.21
CA PHE C 278 -6.59 -14.60 36.80
C PHE C 278 -6.30 -13.76 35.57
N ALA C 279 -7.35 -13.47 34.82
CA ALA C 279 -7.34 -12.48 33.75
C ALA C 279 -8.68 -11.79 33.68
N LYS C 280 -8.77 -10.79 32.76
CA LYS C 280 -10.09 -10.18 32.41
C LYS C 280 -10.74 -9.64 33.72
N LEU C 281 -9.94 -8.87 34.46
CA LEU C 281 -10.31 -8.35 35.72
C LEU C 281 -11.23 -7.11 35.52
N VAL C 282 -12.29 -7.05 36.33
CA VAL C 282 -13.19 -5.86 36.32
C VAL C 282 -13.58 -5.63 37.77
N THR C 283 -13.99 -4.41 38.06
CA THR C 283 -14.44 -4.08 39.39
C THR C 283 -15.94 -3.70 39.42
N GLY C 284 -16.45 -3.63 40.63
CA GLY C 284 -17.78 -3.16 40.87
C GLY C 284 -17.91 -2.67 42.28
N ILE C 285 -18.95 -1.88 42.49
CA ILE C 285 -19.27 -1.37 43.85
C ILE C 285 -20.42 -2.20 44.41
N GLY C 286 -20.19 -2.89 45.53
CA GLY C 286 -21.17 -3.76 46.13
C GLY C 286 -21.95 -3.16 47.29
N ASN C 287 -22.48 -4.04 48.10
CA ASN C 287 -23.21 -3.67 49.35
C ASN C 287 -22.33 -2.74 50.16
N SER C 288 -22.94 -1.71 50.75
CA SER C 288 -22.21 -0.76 51.61
C SER C 288 -21.06 -0.10 50.88
N ASN C 289 -21.15 0.03 49.55
CA ASN C 289 -20.09 0.59 48.73
C ASN C 289 -18.78 -0.20 48.79
N TYR C 290 -18.78 -1.44 49.23
CA TYR C 290 -17.56 -2.27 49.27
C TYR C 290 -17.12 -2.54 47.86
N LEU C 291 -15.88 -2.17 47.57
CA LEU C 291 -15.26 -2.50 46.30
C LEU C 291 -15.09 -3.95 46.07
N GLN C 292 -15.53 -4.41 44.90
CA GLN C 292 -15.42 -5.81 44.50
C GLN C 292 -14.52 -5.95 43.26
N VAL C 293 -13.77 -7.04 43.20
CA VAL C 293 -12.89 -7.33 42.11
C VAL C 293 -13.16 -8.73 41.59
N PHE C 294 -13.50 -8.82 40.31
CA PHE C 294 -13.90 -10.01 39.61
C PHE C 294 -12.84 -10.42 38.64
N GLY C 295 -12.74 -11.70 38.35
CA GLY C 295 -11.89 -12.15 37.25
C GLY C 295 -12.24 -13.57 36.81
N ILE C 296 -11.62 -13.99 35.73
CA ILE C 296 -11.79 -15.31 35.11
C ILE C 296 -10.53 -16.10 35.41
N GLY C 297 -10.69 -17.27 36.00
CA GLY C 297 -9.58 -18.13 36.35
C GLY C 297 -9.03 -18.98 35.21
N SER C 298 -7.87 -19.54 35.44
CA SER C 298 -7.21 -20.40 34.52
C SER C 298 -7.93 -21.74 34.31
N ASN C 299 -8.81 -22.05 35.18
CA ASN C 299 -9.81 -23.14 35.04
C ASN C 299 -11.10 -22.74 34.31
N GLY C 300 -11.16 -21.51 33.80
CA GLY C 300 -12.34 -20.90 33.21
C GLY C 300 -13.48 -20.51 34.10
N VAL C 301 -13.28 -20.55 35.42
CA VAL C 301 -14.34 -20.24 36.33
C VAL C 301 -14.32 -18.76 36.63
N ALA C 302 -15.52 -18.23 36.77
CA ALA C 302 -15.70 -16.84 37.12
C ALA C 302 -15.68 -16.67 38.65
N TYR C 303 -14.88 -15.72 39.08
CA TYR C 303 -14.67 -15.42 40.46
C TYR C 303 -14.82 -13.97 40.94
N LEU C 304 -15.29 -13.85 42.16
CA LEU C 304 -15.12 -12.63 42.89
C LEU C 304 -13.69 -12.92 43.43
N VAL C 305 -12.69 -12.19 42.97
CA VAL C 305 -11.35 -12.36 43.39
C VAL C 305 -11.22 -11.96 44.89
N SER C 306 -11.65 -10.76 45.24
CA SER C 306 -11.47 -10.21 46.57
C SER C 306 -12.48 -9.10 46.67
N TRP C 307 -12.75 -8.66 47.92
CA TRP C 307 -13.52 -7.50 48.18
C TRP C 307 -12.89 -6.70 49.37
N GLN C 308 -13.18 -5.39 49.39
CA GLN C 308 -12.52 -4.45 50.37
C GLN C 308 -13.57 -3.91 51.32
N ASP C 309 -13.25 -3.94 52.61
CA ASP C 309 -14.17 -3.35 53.58
C ASP C 309 -14.00 -1.85 53.79
N SER C 310 -14.78 -1.25 54.68
CA SER C 310 -14.74 0.22 54.84
C SER C 310 -13.46 0.77 55.53
N GLY C 311 -12.75 -0.13 56.25
CA GLY C 311 -11.41 0.10 56.76
C GLY C 311 -10.33 -0.10 55.71
N GLY C 312 -10.70 -0.46 54.49
CA GLY C 312 -9.69 -0.70 53.46
C GLY C 312 -9.04 -2.02 53.51
N ASN C 313 -9.51 -2.95 54.34
CA ASN C 313 -8.96 -4.26 54.40
C ASN C 313 -9.58 -5.18 53.34
N TRP C 314 -8.75 -5.95 52.71
CA TRP C 314 -9.21 -6.86 51.64
C TRP C 314 -9.46 -8.28 52.14
N HIS C 315 -10.39 -8.97 51.52
CA HIS C 315 -10.84 -10.25 51.90
C HIS C 315 -10.89 -11.14 50.68
N GLY C 316 -10.51 -12.40 50.84
CA GLY C 316 -10.59 -13.41 49.81
C GLY C 316 -12.01 -13.52 49.28
N GLY C 317 -12.12 -13.74 47.98
CA GLY C 317 -13.40 -13.87 47.37
C GLY C 317 -14.02 -15.26 47.35
N LEU C 318 -14.70 -15.59 46.27
CA LEU C 318 -15.50 -16.81 46.17
C LEU C 318 -15.80 -17.12 44.70
N THR C 319 -16.21 -18.35 44.46
CA THR C 319 -16.72 -18.77 43.14
C THR C 319 -18.07 -18.11 42.92
N LEU C 320 -18.21 -17.38 41.83
CA LEU C 320 -19.48 -16.75 41.58
C LEU C 320 -20.54 -17.87 41.31
N PRO C 321 -21.73 -17.72 41.92
CA PRO C 321 -22.77 -18.77 41.68
C PRO C 321 -23.09 -18.91 40.20
N GLN C 322 -23.04 -20.11 39.68
CA GLN C 322 -23.16 -20.36 38.24
C GLN C 322 -24.62 -20.02 37.92
N PRO C 323 -24.87 -19.34 36.81
CA PRO C 323 -26.27 -18.97 36.49
C PRO C 323 -27.07 -20.19 35.99
N SER C 324 -28.38 -20.08 36.09
CA SER C 324 -29.26 -21.05 35.51
C SER C 324 -29.01 -21.13 33.98
N GLY C 325 -28.85 -22.34 33.45
CA GLY C 325 -28.69 -22.50 31.99
C GLY C 325 -27.35 -22.70 31.44
N TYR C 326 -26.31 -22.44 32.21
CA TYR C 326 -24.93 -22.60 31.75
C TYR C 326 -24.01 -22.87 32.87
N ASN C 327 -23.26 -23.97 32.81
CA ASN C 327 -22.26 -24.22 33.80
C ASN C 327 -20.84 -24.22 33.17
N GLY C 328 -20.74 -23.71 31.94
CA GLY C 328 -19.43 -23.48 31.39
C GLY C 328 -18.71 -22.21 31.79
N SER C 329 -17.75 -21.84 30.94
CA SER C 329 -16.89 -20.68 31.19
C SER C 329 -17.42 -19.43 30.48
N PHE C 330 -17.32 -18.32 31.15
CA PHE C 330 -17.57 -17.04 30.58
C PHE C 330 -16.29 -16.48 29.94
N SER C 331 -16.42 -15.74 28.85
CA SER C 331 -15.26 -15.14 28.19
C SER C 331 -15.10 -13.65 28.50
N GLN C 332 -16.10 -13.08 29.21
CA GLN C 332 -16.02 -11.70 29.63
C GLN C 332 -16.98 -11.51 30.75
N LEU C 333 -16.56 -10.72 31.77
CA LEU C 333 -17.45 -10.27 32.86
C LEU C 333 -17.53 -8.80 32.81
N ALA C 334 -18.66 -8.26 33.09
CA ALA C 334 -18.79 -6.81 33.26
C ALA C 334 -19.73 -6.58 34.41
N ALA C 335 -19.64 -5.44 35.08
CA ALA C 335 -20.44 -5.26 36.32
C ALA C 335 -21.02 -3.87 36.42
N GLY C 336 -22.18 -3.77 37.00
CA GLY C 336 -22.76 -2.47 37.28
C GLY C 336 -23.93 -2.62 38.24
N ASN C 337 -24.38 -1.49 38.80
CA ASN C 337 -25.44 -1.49 39.81
C ASN C 337 -26.80 -1.34 39.16
N GLY C 338 -27.70 -2.22 39.57
CA GLY C 338 -29.07 -2.21 39.06
C GLY C 338 -30.06 -1.78 40.13
N ASN C 339 -31.23 -2.41 40.07
CA ASN C 339 -32.32 -2.11 41.00
C ASN C 339 -31.88 -2.27 42.41
N SER C 340 -32.36 -1.34 43.26
CA SER C 340 -32.02 -1.31 44.70
C SER C 340 -30.50 -1.33 44.96
N HIS C 341 -29.71 -0.81 44.02
N HIS C 341 -29.76 -0.85 43.97
CA HIS C 341 -28.23 -0.73 44.04
CA HIS C 341 -28.30 -0.71 43.95
C HIS C 341 -27.60 -2.10 43.86
C HIS C 341 -27.63 -2.09 43.86
N TYR C 342 -28.38 -3.14 43.63
CA TYR C 342 -27.78 -4.50 43.66
C TYR C 342 -26.74 -4.57 42.54
N LEU C 343 -25.55 -5.02 42.88
CA LEU C 343 -24.49 -5.24 41.89
C LEU C 343 -24.82 -6.44 41.03
N GLN C 344 -24.76 -6.26 39.70
CA GLN C 344 -25.00 -7.29 38.73
C GLN C 344 -23.69 -7.61 38.03
N VAL C 345 -23.39 -8.86 37.82
CA VAL C 345 -22.23 -9.26 36.98
C VAL C 345 -22.82 -9.97 35.76
N VAL C 346 -22.52 -9.40 34.56
CA VAL C 346 -23.07 -9.93 33.31
C VAL C 346 -21.93 -10.52 32.57
N GLY C 347 -22.21 -11.38 31.64
CA GLY C 347 -21.16 -12.00 30.89
C GLY C 347 -21.61 -12.65 29.61
N THR C 348 -20.63 -12.97 28.73
CA THR C 348 -20.91 -13.78 27.53
C THR C 348 -20.38 -15.19 27.70
N ASP C 349 -21.26 -16.16 27.44
CA ASP C 349 -20.87 -17.61 27.40
C ASP C 349 -20.02 -17.90 26.21
N ALA C 350 -19.59 -19.14 26.02
CA ALA C 350 -18.71 -19.45 24.98
C ALA C 350 -19.22 -19.22 23.58
N GLN C 351 -20.51 -19.32 23.38
CA GLN C 351 -21.13 -19.01 22.09
C GLN C 351 -21.34 -17.49 21.93
N GLY C 352 -21.42 -16.75 23.04
CA GLY C 352 -21.75 -15.31 22.98
C GLY C 352 -23.11 -14.93 23.51
N ASN C 353 -23.86 -15.89 24.03
CA ASN C 353 -25.10 -15.56 24.69
C ASN C 353 -24.86 -14.82 25.96
N VAL C 354 -25.67 -13.80 26.19
CA VAL C 354 -25.50 -12.90 27.33
C VAL C 354 -26.23 -13.42 28.53
N TYR C 355 -25.54 -13.49 29.66
CA TYR C 355 -26.15 -13.93 30.91
C TYR C 355 -26.01 -12.87 31.97
N LEU C 356 -26.90 -12.89 32.94
CA LEU C 356 -26.55 -12.39 34.25
C LEU C 356 -25.81 -13.56 34.87
N VAL C 357 -24.55 -13.38 35.19
CA VAL C 357 -23.81 -14.45 35.80
C VAL C 357 -24.25 -14.61 37.22
N SER C 358 -24.18 -13.54 38.02
CA SER C 358 -24.58 -13.56 39.45
C SER C 358 -24.99 -12.17 39.78
N TRP C 359 -25.73 -11.98 40.88
CA TRP C 359 -26.03 -10.68 41.39
C TRP C 359 -25.89 -10.72 42.93
N GLN C 360 -25.69 -9.53 43.53
CA GLN C 360 -25.45 -9.47 44.98
C GLN C 360 -26.52 -8.61 45.69
N ASP C 361 -27.08 -9.16 46.76
CA ASP C 361 -28.04 -8.45 47.54
C ASP C 361 -27.39 -7.39 48.49
N SER C 362 -28.23 -6.71 49.32
CA SER C 362 -27.76 -5.70 50.22
C SER C 362 -26.93 -6.16 51.36
N GLU C 363 -26.96 -7.44 51.66
CA GLU C 363 -26.15 -8.03 52.70
C GLU C 363 -24.85 -8.59 52.19
N GLY C 364 -24.59 -8.41 50.90
CA GLY C 364 -23.38 -8.92 50.30
C GLY C 364 -23.44 -10.35 49.84
N LYS C 365 -24.56 -11.05 49.87
CA LYS C 365 -24.64 -12.42 49.48
C LYS C 365 -24.87 -12.53 47.96
N TRP C 366 -24.13 -13.45 47.36
CA TRP C 366 -24.23 -13.58 45.87
C TRP C 366 -25.23 -14.64 45.50
N HIS C 367 -25.89 -14.42 44.37
CA HIS C 367 -26.96 -15.31 43.93
C HIS C 367 -26.82 -15.68 42.44
N ALA C 368 -27.25 -16.85 42.06
CA ALA C 368 -27.15 -17.31 40.62
C ALA C 368 -27.95 -16.42 39.72
N GLY C 369 -27.38 -16.17 38.55
CA GLY C 369 -28.11 -15.45 37.48
C GLY C 369 -28.86 -16.42 36.55
N PHE C 370 -28.91 -16.03 35.28
CA PHE C 370 -29.73 -16.63 34.30
C PHE C 370 -29.46 -15.98 32.94
N GLU C 371 -29.87 -16.63 31.85
CA GLU C 371 -29.71 -16.05 30.48
C GLU C 371 -30.63 -14.86 30.31
N LEU C 372 -30.11 -13.71 29.81
CA LEU C 372 -30.91 -12.53 29.60
C LEU C 372 -31.79 -12.67 28.35
N PRO C 373 -32.87 -11.89 28.30
CA PRO C 373 -33.72 -11.93 27.09
C PRO C 373 -32.91 -11.65 25.85
N ARG C 374 -33.19 -12.38 24.80
CA ARG C 374 -32.45 -12.25 23.56
C ARG C 374 -32.86 -11.03 22.73
N ALA C 375 -31.88 -10.17 22.39
CA ALA C 375 -32.20 -8.90 21.76
C ALA C 375 -32.91 -9.03 20.37
N SER D 15 14.58 13.45 -36.83
CA SER D 15 13.84 12.60 -35.78
C SER D 15 12.36 12.82 -35.76
N SER D 16 11.56 11.74 -35.47
CA SER D 16 10.15 11.93 -35.12
C SER D 16 9.61 11.20 -33.93
N GLN D 17 10.51 10.66 -33.09
CA GLN D 17 10.13 10.11 -31.75
C GLN D 17 10.87 10.81 -30.62
N PHE D 18 10.07 11.21 -29.61
CA PHE D 18 10.42 12.16 -28.59
C PHE D 18 10.08 11.65 -27.20
N HIS D 19 10.72 12.32 -26.23
CA HIS D 19 10.40 12.21 -24.83
C HIS D 19 10.51 13.64 -24.28
N GLY D 20 10.15 13.83 -23.00
CA GLY D 20 10.41 15.16 -22.35
C GLY D 20 9.68 16.33 -23.05
N LEU D 21 8.41 16.17 -23.39
CA LEU D 21 7.63 17.18 -24.00
C LEU D 21 7.48 18.41 -23.04
N ALA D 22 7.42 19.60 -23.61
CA ALA D 22 7.07 20.83 -22.90
C ALA D 22 6.16 21.62 -23.82
N ILE D 23 5.30 22.47 -23.25
CA ILE D 23 4.35 23.15 -24.11
C ILE D 23 4.39 24.60 -23.75
N GLY D 24 4.21 25.47 -24.75
CA GLY D 24 3.97 26.86 -24.45
C GLY D 24 3.23 27.51 -25.58
N ASN D 25 2.93 28.81 -25.41
CA ASN D 25 2.23 29.52 -26.50
C ASN D 25 3.18 30.53 -27.04
N GLY D 26 3.29 30.59 -28.36
CA GLY D 26 4.30 31.42 -28.99
C GLY D 26 3.59 32.57 -29.76
N ASN D 27 4.08 32.86 -30.96
CA ASN D 27 3.63 33.97 -31.78
C ASN D 27 2.15 33.84 -32.05
N SER D 28 1.45 34.97 -31.98
CA SER D 28 -0.04 34.94 -32.16
C SER D 28 -0.80 33.94 -31.23
N ASN D 29 -0.17 33.61 -30.13
CA ASN D 29 -0.54 32.60 -29.14
C ASN D 29 -0.65 31.16 -29.69
N TYR D 30 -0.02 30.88 -30.83
CA TYR D 30 -0.02 29.52 -31.41
C TYR D 30 0.63 28.56 -30.45
N LEU D 31 -0.03 27.45 -30.16
CA LEU D 31 0.50 26.42 -29.26
C LEU D 31 1.73 25.74 -29.87
N GLN D 32 2.76 25.58 -29.06
CA GLN D 32 3.99 25.00 -29.44
C GLN D 32 4.30 23.79 -28.60
N VAL D 33 4.63 22.68 -29.25
CA VAL D 33 5.01 21.46 -28.53
C VAL D 33 6.50 21.22 -28.72
N LEU D 34 7.24 21.30 -27.64
CA LEU D 34 8.65 21.10 -27.68
C LEU D 34 8.94 19.68 -27.19
N GLY D 35 10.09 19.11 -27.57
CA GLY D 35 10.43 17.82 -27.02
C GLY D 35 11.89 17.45 -27.30
N LEU D 36 12.30 16.32 -26.72
CA LEU D 36 13.67 15.84 -26.87
C LEU D 36 13.66 14.62 -27.72
N ALA D 37 14.42 14.64 -28.85
CA ALA D 37 14.51 13.45 -29.67
C ALA D 37 14.98 12.24 -28.84
N ASN D 38 14.34 11.12 -29.06
CA ASN D 38 14.84 9.86 -28.52
C ASN D 38 16.23 9.54 -29.07
N ILE D 39 17.04 9.02 -28.19
CA ILE D 39 18.40 8.53 -28.44
C ILE D 39 19.43 9.69 -28.46
N THR D 40 19.14 10.75 -29.24
CA THR D 40 20.07 11.88 -29.34
C THR D 40 19.87 13.01 -28.31
N ASP D 41 18.66 13.14 -27.74
CA ASP D 41 18.37 14.26 -26.81
C ASP D 41 18.56 15.64 -27.49
N THR D 42 18.23 15.71 -28.78
CA THR D 42 18.27 16.99 -29.53
C THR D 42 16.99 17.67 -29.25
N ALA D 43 17.10 18.99 -29.07
CA ALA D 43 15.85 19.77 -28.71
C ALA D 43 15.07 20.06 -30.00
N TYR D 44 13.77 19.81 -30.00
CA TYR D 44 12.88 19.98 -31.14
C TYR D 44 11.66 20.81 -30.79
N LEU D 45 11.22 21.56 -31.78
CA LEU D 45 9.82 21.89 -31.86
C LEU D 45 9.22 20.65 -32.54
N THR D 46 8.43 19.84 -31.84
CA THR D 46 7.77 18.66 -32.51
C THR D 46 6.69 19.11 -33.47
N ASP D 47 5.85 20.07 -33.02
CA ASP D 47 4.66 20.43 -33.75
C ASP D 47 4.17 21.77 -33.18
N TRP D 48 3.45 22.45 -34.01
CA TRP D 48 2.72 23.65 -33.55
C TRP D 48 1.33 23.68 -34.19
N GLN D 49 0.47 24.50 -33.57
CA GLN D 49 -0.87 24.57 -34.02
C GLN D 49 -1.30 26.03 -34.33
N ASP D 50 -1.90 26.22 -35.50
CA ASP D 50 -2.40 27.58 -35.87
C ASP D 50 -3.74 27.91 -35.23
N SER D 51 -4.25 29.15 -35.51
CA SER D 51 -5.45 29.65 -34.85
C SER D 51 -6.74 29.05 -35.40
N GLY D 52 -6.63 28.39 -36.54
CA GLY D 52 -7.69 27.57 -37.10
C GLY D 52 -7.79 26.17 -36.58
N GLY D 53 -6.79 25.74 -35.79
CA GLY D 53 -6.83 24.38 -35.18
C GLY D 53 -5.94 23.39 -35.89
N ASN D 54 -5.32 23.80 -37.00
CA ASN D 54 -4.56 22.81 -37.81
C ASN D 54 -3.14 22.71 -37.27
N TRP D 55 -2.60 21.50 -37.29
CA TRP D 55 -1.27 21.24 -36.75
C TRP D 55 -0.23 21.12 -37.86
N HIS D 56 1.01 21.39 -37.52
CA HIS D 56 2.12 21.59 -38.40
C HIS D 56 3.35 20.97 -37.79
N ALA D 57 4.08 20.26 -38.61
CA ALA D 57 5.35 19.68 -38.20
C ALA D 57 6.40 20.73 -37.83
N GLY D 58 7.15 20.43 -36.81
CA GLY D 58 8.26 21.15 -36.37
C GLY D 58 9.59 20.74 -36.97
N PHE D 59 10.63 21.03 -36.20
CA PHE D 59 12.02 20.87 -36.62
C PHE D 59 12.97 21.04 -35.45
N ALA D 60 14.29 20.79 -35.66
CA ALA D 60 15.23 20.92 -34.56
C ALA D 60 15.39 22.38 -34.20
N LEU D 61 15.38 22.68 -32.90
CA LEU D 61 15.54 24.07 -32.50
C LEU D 61 16.93 24.55 -32.79
N PRO D 62 17.09 25.85 -33.11
CA PRO D 62 18.46 26.37 -33.23
C PRO D 62 19.18 26.47 -31.87
N VAL D 63 20.35 25.89 -31.77
CA VAL D 63 20.95 25.80 -30.46
C VAL D 63 21.84 27.04 -30.22
N PRO D 64 22.24 27.25 -28.98
CA PRO D 64 23.12 28.39 -28.65
C PRO D 64 24.48 28.37 -29.35
N SER D 65 24.93 29.49 -29.88
CA SER D 65 26.17 29.43 -30.66
C SER D 65 27.36 29.06 -29.70
N ASP D 66 27.25 29.30 -28.38
CA ASP D 66 28.24 28.75 -27.43
C ASP D 66 28.12 27.26 -27.20
N TYR D 67 27.08 26.60 -27.70
CA TYR D 67 26.93 25.15 -27.49
C TYR D 67 26.41 24.58 -28.77
N PRO D 68 27.24 24.68 -29.85
CA PRO D 68 26.63 24.59 -31.19
C PRO D 68 26.22 23.25 -31.69
N LYS D 69 26.66 22.21 -31.03
CA LYS D 69 26.06 20.88 -31.31
C LYS D 69 25.47 20.39 -30.00
N GLY D 70 24.79 21.26 -29.28
CA GLY D 70 24.36 20.88 -27.94
C GLY D 70 23.15 19.96 -27.90
N HIS D 71 22.98 19.31 -26.76
CA HIS D 71 21.85 18.41 -26.43
C HIS D 71 21.46 18.62 -24.98
N PHE D 72 20.26 18.21 -24.63
CA PHE D 72 19.62 18.59 -23.38
C PHE D 72 18.85 17.43 -22.84
N PHE D 73 18.83 17.31 -21.50
CA PHE D 73 18.09 16.23 -20.89
C PHE D 73 16.72 16.63 -20.38
N GLN D 74 16.46 17.93 -20.30
CA GLN D 74 15.20 18.46 -19.92
C GLN D 74 14.98 19.82 -20.57
N LEU D 75 13.70 20.02 -20.91
CA LEU D 75 13.25 21.34 -21.42
C LEU D 75 12.10 21.88 -20.66
N THR D 76 12.01 23.21 -20.64
CA THR D 76 10.79 23.87 -20.14
C THR D 76 10.59 25.20 -20.90
N THR D 77 9.47 25.90 -20.69
CA THR D 77 9.32 27.14 -21.34
C THR D 77 8.91 28.23 -20.33
N GLY D 78 9.17 29.45 -20.75
CA GLY D 78 8.54 30.61 -20.09
C GLY D 78 8.34 31.77 -21.00
N VAL D 79 7.50 32.70 -20.55
CA VAL D 79 7.25 33.88 -21.34
C VAL D 79 8.25 34.95 -20.96
N GLY D 80 8.99 35.41 -21.93
CA GLY D 80 10.00 36.34 -21.73
C GLY D 80 9.58 37.78 -22.04
N ASN D 81 10.58 38.65 -22.18
CA ASN D 81 10.38 40.07 -22.53
C ASN D 81 9.65 40.10 -23.86
N SER D 82 8.72 41.05 -24.00
CA SER D 82 8.03 41.30 -25.26
C SER D 82 7.17 40.13 -25.70
N ASN D 83 6.76 39.35 -24.74
CA ASN D 83 5.96 38.17 -24.92
C ASN D 83 6.63 37.12 -25.79
N TYR D 84 7.97 37.13 -25.85
CA TYR D 84 8.70 36.11 -26.60
C TYR D 84 8.78 34.80 -25.85
N LEU D 85 8.40 33.71 -26.51
CA LEU D 85 8.50 32.41 -25.88
C LEU D 85 9.95 32.02 -25.74
N GLN D 86 10.31 31.54 -24.57
CA GLN D 86 11.69 31.13 -24.20
C GLN D 86 11.64 29.63 -23.93
N VAL D 87 12.59 28.92 -24.50
CA VAL D 87 12.72 27.44 -24.27
C VAL D 87 14.01 27.28 -23.51
N LEU D 88 13.92 26.82 -22.26
CA LEU D 88 15.07 26.65 -21.39
C LEU D 88 15.39 25.20 -21.43
N GLY D 89 16.63 24.87 -21.24
CA GLY D 89 17.10 23.48 -21.35
C GLY D 89 18.23 23.24 -20.41
N ALA D 90 18.24 22.02 -19.88
CA ALA D 90 19.30 21.53 -19.02
C ALA D 90 20.34 20.86 -19.89
N GLY D 91 21.49 21.51 -20.04
CA GLY D 91 22.48 21.02 -20.96
C GLY D 91 23.16 19.73 -20.52
N GLU D 92 23.41 18.84 -21.48
CA GLU D 92 24.19 17.60 -21.12
C GLU D 92 25.65 17.81 -20.80
N ASP D 93 26.13 19.04 -20.99
CA ASP D 93 27.36 19.56 -20.55
C ASP D 93 27.33 20.10 -19.15
N GLY D 94 26.21 19.98 -18.45
CA GLY D 94 26.14 20.45 -17.10
C GLY D 94 25.69 21.89 -16.93
N ASN D 95 25.38 22.57 -18.01
CA ASN D 95 25.06 24.00 -17.92
C ASN D 95 23.58 24.19 -18.22
N PRO D 96 22.95 25.14 -17.51
CA PRO D 96 21.61 25.58 -17.87
C PRO D 96 21.63 26.54 -19.02
N TYR D 97 20.68 26.39 -19.94
CA TYR D 97 20.61 27.24 -21.07
C TYR D 97 19.27 27.86 -21.38
N LEU D 98 19.28 28.97 -22.11
CA LEU D 98 18.15 29.36 -22.89
C LEU D 98 18.50 28.63 -24.16
N VAL D 99 17.77 27.57 -24.58
CA VAL D 99 18.09 26.88 -25.81
C VAL D 99 17.83 27.74 -27.01
N SER D 100 16.62 28.30 -27.05
CA SER D 100 16.19 29.14 -28.18
C SER D 100 15.09 30.06 -27.66
N TRP D 101 14.82 31.09 -28.44
CA TRP D 101 13.69 31.95 -28.17
C TRP D 101 13.00 32.27 -29.45
N GLN D 102 11.69 32.54 -29.37
CA GLN D 102 10.94 32.76 -30.55
C GLN D 102 10.46 34.24 -30.63
N ASP D 103 10.58 34.86 -31.77
CA ASP D 103 10.06 36.20 -31.88
C ASP D 103 8.56 36.19 -32.27
N GLY D 104 8.01 37.41 -32.36
CA GLY D 104 6.56 37.54 -32.56
C GLY D 104 6.15 37.17 -33.95
N SER D 105 7.08 36.96 -34.88
CA SER D 105 6.73 36.45 -36.23
C SER D 105 6.73 34.90 -36.32
N GLY D 106 7.18 34.26 -35.25
CA GLY D 106 7.34 32.81 -35.20
C GLY D 106 8.70 32.30 -35.49
N LYS D 107 9.63 33.15 -35.86
CA LYS D 107 11.00 32.67 -36.03
C LYS D 107 11.75 32.41 -34.74
N TRP D 108 12.47 31.30 -34.78
CA TRP D 108 13.27 30.85 -33.64
C TRP D 108 14.73 31.35 -33.71
N HIS D 109 15.35 31.63 -32.56
CA HIS D 109 16.69 32.16 -32.50
C HIS D 109 17.47 31.36 -31.54
N GLY D 110 18.69 31.02 -31.90
CA GLY D 110 19.54 30.30 -30.93
C GLY D 110 19.81 31.09 -29.66
N GLY D 111 19.88 30.41 -28.51
CA GLY D 111 19.97 31.04 -27.22
C GLY D 111 21.35 31.28 -26.68
N MET D 112 21.53 31.04 -25.40
CA MET D 112 22.79 31.34 -24.71
C MET D 112 22.84 30.58 -23.42
N PRO D 113 24.03 30.33 -22.89
CA PRO D 113 24.11 29.76 -21.56
C PRO D 113 23.55 30.79 -20.55
N LEU D 114 22.80 30.32 -19.53
CA LEU D 114 22.35 31.23 -18.52
C LEU D 114 23.51 31.59 -17.55
N PRO D 115 23.54 32.84 -17.09
CA PRO D 115 24.46 33.18 -16.00
C PRO D 115 23.89 32.39 -14.86
N LYS D 116 24.72 31.96 -13.94
CA LYS D 116 24.28 31.09 -12.85
C LYS D 116 25.06 31.40 -11.58
N PRO D 117 24.47 31.11 -10.43
CA PRO D 117 25.18 31.39 -9.17
C PRO D 117 26.16 30.31 -8.83
N SER D 118 27.12 30.68 -7.96
CA SER D 118 28.06 29.73 -7.37
C SER D 118 27.30 28.67 -6.64
N GLY D 119 27.65 27.42 -6.88
CA GLY D 119 27.03 26.25 -6.19
C GLY D 119 25.87 25.56 -6.91
N TYR D 120 25.29 26.23 -7.91
CA TYR D 120 24.20 25.62 -8.68
C TYR D 120 24.75 24.39 -9.38
N SER D 121 24.09 23.27 -9.24
CA SER D 121 24.48 21.98 -9.90
C SER D 121 23.44 21.63 -10.98
N GLY D 122 23.94 21.31 -12.16
CA GLY D 122 23.06 21.11 -13.34
C GLY D 122 21.91 20.16 -13.10
N GLY D 123 20.70 20.57 -13.51
CA GLY D 123 19.51 19.81 -13.34
C GLY D 123 18.35 20.39 -14.09
N PRO D 124 17.16 19.84 -13.85
CA PRO D 124 16.00 20.29 -14.58
C PRO D 124 15.58 21.70 -14.06
N LEU D 125 14.94 22.44 -14.94
CA LEU D 125 14.60 23.84 -14.64
C LEU D 125 13.08 24.02 -14.56
N VAL D 126 12.64 25.07 -13.81
CA VAL D 126 11.23 25.43 -13.82
C VAL D 126 11.23 26.94 -13.89
N THR D 127 10.24 27.52 -14.56
CA THR D 127 10.19 28.93 -14.64
C THR D 127 9.03 29.46 -13.81
N GLY D 128 9.10 30.72 -13.51
CA GLY D 128 7.94 31.49 -13.01
C GLY D 128 8.08 32.97 -13.34
N ILE D 129 6.98 33.69 -13.20
CA ILE D 129 6.99 35.11 -13.54
C ILE D 129 6.99 35.81 -12.18
N GLY D 130 8.04 36.63 -11.99
CA GLY D 130 8.25 37.31 -10.77
C GLY D 130 7.76 38.76 -10.73
N ASN D 131 8.27 39.50 -9.73
CA ASN D 131 8.03 40.94 -9.67
C ASN D 131 8.45 41.56 -10.98
N SER D 132 7.68 42.56 -11.41
CA SER D 132 7.99 43.33 -12.58
C SER D 132 7.87 42.44 -13.88
N ASN D 133 7.14 41.35 -13.76
CA ASN D 133 7.06 40.27 -14.77
C ASN D 133 8.43 39.78 -15.29
N TYR D 134 9.49 39.86 -14.46
CA TYR D 134 10.77 39.34 -14.86
C TYR D 134 10.68 37.81 -14.86
N LEU D 135 11.11 37.20 -15.94
CA LEU D 135 11.07 35.72 -15.99
C LEU D 135 12.16 35.19 -15.03
N GLN D 136 11.83 34.20 -14.25
CA GLN D 136 12.72 33.57 -13.26
C GLN D 136 12.90 32.13 -13.71
N VAL D 137 14.16 31.70 -13.80
CA VAL D 137 14.52 30.31 -14.06
C VAL D 137 15.13 29.78 -12.81
N ILE D 138 14.46 28.77 -12.27
CA ILE D 138 14.70 28.24 -10.91
C ILE D 138 15.13 26.77 -11.11
N GLY D 139 16.05 26.29 -10.27
CA GLY D 139 16.46 24.86 -10.31
C GLY D 139 15.29 24.04 -9.84
N ALA D 140 14.70 23.16 -10.67
CA ALA D 140 13.52 22.37 -10.30
C ALA D 140 13.79 21.22 -9.36
N ARG D 141 15.05 20.90 -9.15
CA ARG D 141 15.45 19.91 -8.10
C ARG D 141 16.44 20.63 -7.18
N VAL D 142 16.31 20.36 -5.89
CA VAL D 142 17.18 21.01 -4.91
C VAL D 142 18.05 20.02 -4.11
N GLU D 143 19.38 20.06 -4.31
CA GLU D 143 20.31 19.23 -3.61
C GLU D 143 20.86 19.94 -2.40
N SER D 144 20.99 21.28 -2.42
CA SER D 144 21.49 22.01 -1.25
C SER D 144 20.39 23.07 -0.88
N SER D 145 20.60 24.28 -1.38
CA SER D 145 19.62 25.38 -1.26
C SER D 145 18.89 25.51 -2.54
N PRO D 146 17.67 25.96 -2.48
CA PRO D 146 16.97 26.37 -3.71
C PRO D 146 17.75 27.46 -4.41
N TYR D 147 17.80 27.40 -5.75
CA TYR D 147 18.45 28.39 -6.52
C TYR D 147 17.60 29.07 -7.51
N LEU D 148 17.74 30.39 -7.57
CA LEU D 148 17.31 31.14 -8.75
C LEU D 148 18.53 31.03 -9.64
N VAL D 149 18.40 30.36 -10.77
CA VAL D 149 19.53 30.25 -11.71
C VAL D 149 19.79 31.55 -12.34
N ALA D 150 18.75 32.19 -12.91
CA ALA D 150 18.93 33.45 -13.64
C ALA D 150 17.56 34.11 -13.72
N TRP D 151 17.55 35.41 -13.93
CA TRP D 151 16.30 36.11 -14.23
C TRP D 151 16.55 37.04 -15.44
N GLN D 152 15.48 37.28 -16.21
CA GLN D 152 15.49 38.15 -17.33
C GLN D 152 14.84 39.50 -17.11
N ASP D 153 15.51 40.57 -17.57
CA ASP D 153 14.95 41.93 -17.31
C ASP D 153 14.00 42.26 -18.46
N ASN D 154 13.40 43.46 -18.36
CA ASN D 154 12.28 43.86 -19.24
C ASN D 154 12.84 44.09 -20.66
N GLY D 155 14.16 44.34 -20.75
CA GLY D 155 14.83 44.41 -22.06
C GLY D 155 15.46 43.16 -22.60
N GLY D 156 15.15 42.00 -22.03
CA GLY D 156 15.62 40.78 -22.52
C GLY D 156 16.96 40.32 -22.04
N ASN D 157 17.65 41.08 -21.22
CA ASN D 157 18.93 40.61 -20.72
C ASN D 157 18.87 39.72 -19.48
N TRP D 158 19.76 38.77 -19.47
CA TRP D 158 19.82 37.77 -18.37
C TRP D 158 20.77 38.13 -17.23
N HIS D 159 20.45 37.81 -15.99
CA HIS D 159 21.26 38.20 -14.84
C HIS D 159 21.37 37.00 -13.96
N ALA D 160 22.52 36.82 -13.32
CA ALA D 160 22.76 35.63 -12.50
C ALA D 160 21.88 35.69 -11.28
N GLY D 161 21.43 34.53 -10.88
CA GLY D 161 20.60 34.40 -9.75
C GLY D 161 21.36 34.31 -8.42
N MET D 162 20.85 33.51 -7.49
CA MET D 162 21.28 33.53 -6.10
C MET D 162 20.56 32.39 -5.41
N PRO D 163 21.08 31.91 -4.30
CA PRO D 163 20.26 31.02 -3.48
C PRO D 163 19.03 31.65 -2.92
N LEU D 164 17.94 30.84 -2.82
CA LEU D 164 16.70 31.24 -2.26
C LEU D 164 16.43 30.52 -0.90
N PRO D 165 15.56 31.09 -0.07
CA PRO D 165 15.23 30.48 1.19
C PRO D 165 14.67 29.12 1.10
N ASN D 166 14.85 28.44 2.24
CA ASN D 166 14.21 27.23 2.57
C ASN D 166 12.95 27.48 3.40
N PRO D 167 12.04 26.51 3.47
CA PRO D 167 10.91 26.62 4.43
C PRO D 167 11.35 26.51 5.90
N SER D 168 10.56 27.11 6.79
CA SER D 168 10.95 27.26 8.17
C SER D 168 11.49 25.99 8.79
N GLY D 169 12.76 25.95 9.00
CA GLY D 169 13.40 24.76 9.68
C GLY D 169 13.32 23.37 9.00
N TYR D 170 12.95 23.34 7.72
CA TYR D 170 13.27 22.18 6.94
C TYR D 170 14.36 22.56 5.93
N ALA D 171 15.42 21.74 5.85
CA ALA D 171 16.52 22.01 4.89
C ALA D 171 17.06 20.78 4.25
N GLY D 172 16.21 19.81 3.96
CA GLY D 172 16.62 18.51 3.45
C GLY D 172 16.66 18.36 1.95
N GLY D 173 16.47 19.45 1.23
CA GLY D 173 16.48 19.40 -0.24
C GLY D 173 15.09 19.05 -0.73
N PHE D 174 14.93 19.09 -2.03
CA PHE D 174 13.61 18.94 -2.66
C PHE D 174 13.75 18.12 -3.89
N GLN D 175 12.86 17.17 -4.04
CA GLN D 175 12.77 16.34 -5.24
C GLN D 175 12.30 17.13 -6.43
N GLN D 176 11.42 18.12 -6.20
CA GLN D 176 10.73 18.82 -7.22
C GLN D 176 10.16 20.12 -6.72
N LEU D 177 10.35 21.17 -7.50
CA LEU D 177 9.77 22.53 -7.28
C LEU D 177 8.82 22.84 -8.39
N ALA D 178 7.75 23.56 -8.06
CA ALA D 178 6.84 24.07 -9.02
C ALA D 178 6.51 25.50 -8.65
N THR D 179 5.98 26.25 -9.59
CA THR D 179 5.69 27.65 -9.30
C THR D 179 4.24 27.95 -9.55
N GLY D 180 3.75 28.98 -8.90
CA GLY D 180 2.50 29.54 -9.35
C GLY D 180 2.22 30.88 -8.72
N ASN D 181 1.15 31.55 -9.15
CA ASN D 181 0.89 32.91 -8.50
C ASN D 181 -0.45 32.99 -8.01
N GLY D 182 -0.73 33.68 -6.87
CA GLY D 182 -2.08 34.10 -6.49
C GLY D 182 -2.56 35.39 -7.22
N ASN D 183 -3.82 35.84 -7.04
CA ASN D 183 -4.28 37.17 -7.60
C ASN D 183 -3.51 38.39 -7.05
N ASP D 184 -2.92 38.13 -5.88
CA ASP D 184 -1.89 39.06 -5.28
C ASP D 184 -0.55 39.12 -5.98
N HIS D 185 -0.39 38.24 -6.93
CA HIS D 185 0.65 38.27 -7.91
C HIS D 185 1.87 37.60 -7.33
N PHE D 186 2.03 37.55 -6.00
CA PHE D 186 3.34 37.12 -5.51
C PHE D 186 3.68 35.72 -6.04
N LEU D 187 4.90 35.57 -6.48
CA LEU D 187 5.38 34.26 -6.99
C LEU D 187 5.60 33.33 -5.86
N GLN D 188 5.00 32.14 -5.97
CA GLN D 188 5.01 31.11 -4.97
C GLN D 188 5.81 29.92 -5.51
N VAL D 189 6.69 29.37 -4.68
CA VAL D 189 7.50 28.25 -5.12
C VAL D 189 7.14 27.11 -4.15
N VAL D 190 6.52 26.05 -4.64
CA VAL D 190 6.13 24.93 -3.82
C VAL D 190 7.07 23.76 -4.12
N GLY D 191 7.13 22.79 -3.20
CA GLY D 191 8.09 21.70 -3.42
C GLY D 191 7.70 20.46 -2.66
N VAL D 192 8.16 19.31 -3.18
CA VAL D 192 8.14 18.08 -2.47
C VAL D 192 9.50 17.89 -1.89
N GLY D 193 9.58 17.83 -0.58
CA GLY D 193 10.86 17.65 0.09
C GLY D 193 11.46 16.30 -0.16
N ASN D 194 12.75 16.16 0.12
CA ASN D 194 13.31 14.79 0.11
C ASN D 194 12.66 13.93 1.20
N ASP D 195 12.01 14.60 2.15
CA ASP D 195 11.15 13.95 3.13
C ASP D 195 9.74 13.48 2.64
N GLY D 196 9.38 13.77 1.39
CA GLY D 196 8.10 13.46 0.87
C GLY D 196 7.00 14.45 1.23
N ASN D 197 7.29 15.42 2.02
CA ASN D 197 6.26 16.41 2.48
C ASN D 197 6.14 17.53 1.49
N ALA D 198 4.95 18.14 1.45
CA ALA D 198 4.74 19.31 0.59
C ALA D 198 5.02 20.62 1.34
N TYR D 199 5.75 21.53 0.67
CA TYR D 199 6.13 22.79 1.21
C TYR D 199 5.79 23.96 0.33
N LEU D 200 5.45 25.08 0.96
CA LEU D 200 5.69 26.34 0.32
C LEU D 200 7.17 26.59 0.61
N VAL D 201 8.01 26.52 -0.42
CA VAL D 201 9.45 26.63 -0.17
C VAL D 201 9.83 28.05 0.16
N THR D 202 9.34 28.93 -0.72
CA THR D 202 9.65 30.36 -0.68
C THR D 202 8.68 31.10 -1.52
N TRP D 203 8.55 32.40 -1.22
CA TRP D 203 7.74 33.29 -2.09
C TRP D 203 8.43 34.62 -2.20
N GLN D 204 8.08 35.35 -3.25
CA GLN D 204 8.71 36.64 -3.52
C GLN D 204 7.71 37.77 -3.30
N ASN D 205 8.11 38.74 -2.48
CA ASN D 205 7.21 39.80 -2.09
C ASN D 205 7.24 40.96 -3.05
N ALA D 206 6.56 42.06 -2.68
CA ALA D 206 6.28 43.10 -3.67
C ALA D 206 7.52 43.90 -4.05
N GLN D 207 8.57 43.79 -3.26
CA GLN D 207 9.89 44.30 -3.65
C GLN D 207 10.83 43.34 -4.37
N GLY D 208 10.39 42.14 -4.69
CA GLY D 208 11.30 41.20 -5.34
C GLY D 208 12.15 40.43 -4.35
N GLN D 209 11.93 40.64 -3.06
CA GLN D 209 12.60 39.89 -2.00
C GLN D 209 11.96 38.55 -1.64
N TRP D 210 12.81 37.56 -1.43
CA TRP D 210 12.26 36.21 -1.13
C TRP D 210 12.20 35.88 0.35
N SER D 211 11.15 35.20 0.80
CA SER D 211 10.99 34.83 2.23
C SER D 211 10.91 33.33 2.45
N PRO D 212 11.30 32.87 3.63
CA PRO D 212 11.15 31.44 3.93
C PRO D 212 9.70 31.06 4.00
N GLY D 213 9.40 29.87 3.47
CA GLY D 213 8.07 29.36 3.50
C GLY D 213 7.82 28.45 4.68
N PHE D 214 7.09 27.41 4.42
CA PHE D 214 6.56 26.55 5.52
C PHE D 214 5.90 25.35 4.94
N ALA D 215 5.62 24.34 5.75
CA ALA D 215 4.86 23.15 5.30
C ALA D 215 3.48 23.57 4.90
N LEU D 216 3.03 23.10 3.77
CA LEU D 216 1.63 23.27 3.30
C LEU D 216 0.73 22.49 4.26
N PRO D 217 -0.50 22.98 4.44
CA PRO D 217 -1.60 22.20 5.00
C PRO D 217 -1.69 20.86 4.33
N LYS D 218 -1.99 19.80 5.07
CA LYS D 218 -2.16 18.48 4.48
C LYS D 218 -3.59 18.27 4.12
N PRO D 219 -3.84 17.51 3.06
CA PRO D 219 -5.20 17.25 2.62
C PRO D 219 -5.96 16.46 3.71
N SER D 220 -7.20 16.85 3.93
CA SER D 220 -8.08 16.10 4.81
C SER D 220 -8.08 14.65 4.36
N GLY D 221 -7.96 13.78 5.36
CA GLY D 221 -8.07 12.33 5.13
C GLY D 221 -6.77 11.67 4.67
N TYR D 222 -5.68 12.43 4.54
CA TYR D 222 -4.39 11.79 4.13
C TYR D 222 -3.25 12.54 4.72
N SER D 223 -2.51 11.90 5.62
CA SER D 223 -1.39 12.54 6.23
C SER D 223 -0.06 12.01 5.70
N GLY D 224 -0.10 11.22 4.61
CA GLY D 224 1.10 10.59 4.08
C GLY D 224 1.87 11.54 3.18
N THR D 225 2.88 10.96 2.55
CA THR D 225 3.81 11.75 1.71
C THR D 225 3.39 11.79 0.26
N PHE D 226 4.16 12.56 -0.54
CA PHE D 226 3.89 12.88 -1.94
C PHE D 226 5.15 12.64 -2.79
N THR D 227 4.87 12.33 -4.05
CA THR D 227 5.95 12.10 -5.04
C THR D 227 6.05 13.21 -6.06
N GLN D 228 4.97 14.01 -6.22
CA GLN D 228 5.00 15.04 -7.30
C GLN D 228 3.92 16.04 -6.93
N LEU D 229 4.18 17.29 -7.24
CA LEU D 229 3.16 18.34 -7.14
C LEU D 229 2.98 18.97 -8.50
N ALA D 230 1.85 19.68 -8.71
CA ALA D 230 1.68 20.55 -9.85
C ALA D 230 0.76 21.68 -9.42
N THR D 231 0.92 22.86 -9.93
CA THR D 231 -0.04 23.97 -9.62
C THR D 231 -1.06 24.11 -10.70
N GLY D 232 -2.19 24.71 -10.35
CA GLY D 232 -3.19 25.00 -11.28
C GLY D 232 -3.95 26.25 -10.81
N VAL D 233 -4.40 27.00 -11.75
CA VAL D 233 -5.25 28.16 -11.46
C VAL D 233 -6.74 27.75 -11.52
N GLY D 234 -7.42 27.81 -10.38
CA GLY D 234 -8.81 27.39 -10.35
C GLY D 234 -9.77 28.57 -10.29
N ASN D 235 -10.86 28.32 -9.56
CA ASN D 235 -12.03 29.22 -9.47
C ASN D 235 -11.58 30.50 -8.84
N GLY D 236 -12.04 31.63 -9.38
CA GLY D 236 -11.56 32.93 -8.88
C GLY D 236 -10.06 33.18 -9.04
N ASN D 237 -9.44 32.43 -9.96
CA ASN D 237 -7.95 32.39 -10.11
C ASN D 237 -7.16 31.95 -8.87
N PHE D 238 -7.78 31.20 -8.01
CA PHE D 238 -7.19 30.79 -6.78
C PHE D 238 -6.13 29.73 -7.16
N LEU D 239 -4.99 29.83 -6.52
CA LEU D 239 -3.90 28.92 -6.78
C LEU D 239 -4.14 27.63 -6.02
N GLN D 240 -3.97 26.51 -6.72
CA GLN D 240 -4.25 25.18 -6.18
C GLN D 240 -2.98 24.41 -6.32
N VAL D 241 -2.66 23.62 -5.35
CA VAL D 241 -1.51 22.73 -5.43
C VAL D 241 -2.05 21.33 -5.44
N LEU D 242 -1.86 20.67 -6.55
CA LEU D 242 -2.20 19.27 -6.70
C LEU D 242 -0.96 18.38 -6.43
N GLY D 243 -1.23 17.17 -6.06
CA GLY D 243 -0.16 16.20 -5.73
C GLY D 243 -0.58 14.76 -6.03
N ILE D 244 0.45 13.92 -6.19
CA ILE D 244 0.36 12.50 -6.28
C ILE D 244 0.99 12.02 -4.99
N GLY D 245 0.20 11.27 -4.23
CA GLY D 245 0.56 10.72 -2.98
C GLY D 245 1.44 9.50 -3.21
N THR D 246 2.31 9.24 -2.24
CA THR D 246 3.07 7.94 -2.26
C THR D 246 2.12 6.74 -2.18
N ASP D 247 0.85 6.98 -1.82
CA ASP D 247 -0.24 6.01 -1.94
C ASP D 247 -0.77 5.80 -3.34
N GLY D 248 -0.19 6.54 -4.31
CA GLY D 248 -0.67 6.64 -5.70
C GLY D 248 -1.97 7.35 -6.01
N ASN D 249 -2.54 8.07 -5.05
CA ASN D 249 -3.79 8.70 -5.29
C ASN D 249 -3.51 10.18 -5.59
N ALA D 250 -4.44 10.82 -6.27
CA ALA D 250 -4.38 12.23 -6.55
C ALA D 250 -5.10 13.08 -5.51
N TYR D 251 -4.45 14.16 -5.08
CA TYR D 251 -4.96 15.07 -4.09
C TYR D 251 -4.97 16.52 -4.50
N LEU D 252 -5.95 17.29 -4.05
CA LEU D 252 -5.71 18.70 -3.89
C LEU D 252 -4.98 18.79 -2.57
N VAL D 253 -3.68 19.17 -2.60
CA VAL D 253 -2.94 19.24 -1.33
C VAL D 253 -3.40 20.41 -0.50
N ALA D 254 -3.43 21.58 -1.12
CA ALA D 254 -3.83 22.78 -0.43
C ALA D 254 -4.18 23.82 -1.47
N TRP D 255 -4.92 24.83 -1.07
CA TRP D 255 -5.18 25.93 -1.96
C TRP D 255 -5.02 27.25 -1.21
N GLN D 256 -4.74 28.29 -2.01
CA GLN D 256 -4.43 29.59 -1.47
C GLN D 256 -5.60 30.57 -1.70
N ASP D 257 -5.96 31.29 -0.63
CA ASP D 257 -7.08 32.24 -0.73
C ASP D 257 -6.61 33.62 -1.20
N ASN D 258 -7.56 34.55 -1.40
CA ASN D 258 -7.15 35.89 -1.82
C ASN D 258 -6.42 36.70 -0.75
N GLY D 259 -6.42 36.23 0.49
CA GLY D 259 -5.58 36.87 1.52
C GLY D 259 -4.21 36.23 1.57
N GLY D 260 -3.92 35.33 0.62
CA GLY D 260 -2.67 34.55 0.67
C GLY D 260 -2.55 33.46 1.75
N ASN D 261 -3.63 33.19 2.45
CA ASN D 261 -3.63 32.11 3.46
C ASN D 261 -3.83 30.77 2.70
N TRP D 262 -3.22 29.72 3.23
CA TRP D 262 -3.34 28.37 2.68
C TRP D 262 -4.30 27.52 3.48
N HIS D 263 -5.06 26.68 2.80
CA HIS D 263 -6.07 25.81 3.33
C HIS D 263 -5.83 24.39 2.89
N PRO D 264 -6.16 23.42 3.74
CA PRO D 264 -5.99 22.02 3.35
C PRO D 264 -6.97 21.59 2.28
N GLY D 265 -6.52 20.67 1.45
CA GLY D 265 -7.35 20.09 0.44
C GLY D 265 -7.93 18.75 0.87
N PHE D 266 -7.90 17.79 -0.04
CA PHE D 266 -8.60 16.52 0.10
C PHE D 266 -8.25 15.64 -1.11
N ALA D 267 -8.60 14.37 -1.03
CA ALA D 267 -8.42 13.49 -2.19
C ALA D 267 -9.33 13.97 -3.33
N LEU D 268 -8.83 13.97 -4.57
CA LEU D 268 -9.65 14.34 -5.70
C LEU D 268 -10.69 13.28 -5.95
N PRO D 269 -11.89 13.68 -6.47
CA PRO D 269 -12.90 12.74 -6.90
C PRO D 269 -12.42 12.03 -8.13
N LYS D 270 -12.33 10.71 -8.03
CA LYS D 270 -11.76 9.93 -9.13
C LYS D 270 -12.80 9.69 -10.23
N PRO D 271 -12.36 9.37 -11.46
CA PRO D 271 -13.30 8.97 -12.49
C PRO D 271 -14.17 7.76 -12.00
N SER D 272 -15.46 7.83 -12.27
CA SER D 272 -16.33 6.83 -11.68
C SER D 272 -15.91 5.46 -12.19
N GLY D 273 -15.86 4.51 -11.30
CA GLY D 273 -15.53 3.20 -11.75
C GLY D 273 -14.08 2.91 -11.59
N TYR D 274 -13.22 3.94 -11.50
CA TYR D 274 -11.77 3.69 -11.59
C TYR D 274 -11.17 3.50 -10.20
N ASN D 275 -10.47 2.37 -10.01
CA ASN D 275 -9.87 2.04 -8.77
C ASN D 275 -8.35 1.90 -8.69
N GLY D 276 -7.61 2.34 -9.66
CA GLY D 276 -6.20 2.23 -9.63
C GLY D 276 -5.55 3.56 -9.15
N THR D 277 -4.29 3.70 -9.49
CA THR D 277 -3.46 4.83 -9.05
C THR D 277 -3.27 5.78 -10.20
N PHE D 278 -2.69 6.95 -9.90
CA PHE D 278 -2.30 7.93 -10.88
C PHE D 278 -0.85 8.34 -10.71
N ALA D 279 -0.26 8.70 -11.84
CA ALA D 279 1.09 9.28 -11.83
C ALA D 279 1.12 10.30 -12.96
N LYS D 280 2.17 11.07 -12.98
CA LYS D 280 2.44 11.94 -14.16
C LYS D 280 1.34 12.98 -14.30
N LEU D 281 1.04 13.59 -13.17
CA LEU D 281 -0.07 14.53 -13.10
C LEU D 281 0.28 15.85 -13.77
N VAL D 282 -0.65 16.38 -14.60
CA VAL D 282 -0.52 17.74 -15.15
C VAL D 282 -1.88 18.42 -15.14
N THR D 283 -1.81 19.70 -15.10
CA THR D 283 -3.06 20.51 -15.15
C THR D 283 -3.26 21.23 -16.44
N GLY D 284 -4.51 21.65 -16.67
CA GLY D 284 -4.84 22.45 -17.83
C GLY D 284 -6.08 23.27 -17.57
N ILE D 285 -6.20 24.29 -18.34
CA ILE D 285 -7.36 25.19 -18.18
C ILE D 285 -8.34 24.86 -19.28
N GLY D 286 -9.49 24.37 -18.91
CA GLY D 286 -10.43 23.88 -19.87
C GLY D 286 -11.53 24.90 -20.22
N ASN D 287 -12.63 24.34 -20.74
CA ASN D 287 -13.86 25.12 -21.00
C ASN D 287 -14.27 25.94 -19.83
N SER D 288 -14.75 27.19 -20.09
CA SER D 288 -15.17 28.08 -19.00
C SER D 288 -14.08 28.34 -17.97
N ASN D 289 -12.80 28.17 -18.34
CA ASN D 289 -11.60 28.27 -17.44
C ASN D 289 -11.69 27.28 -16.29
N TYR D 290 -12.45 26.20 -16.46
CA TYR D 290 -12.52 25.19 -15.41
C TYR D 290 -11.18 24.45 -15.34
N LEU D 291 -10.60 24.41 -14.14
CA LEU D 291 -9.32 23.73 -13.93
C LEU D 291 -9.51 22.22 -14.20
N GLN D 292 -8.57 21.60 -14.96
CA GLN D 292 -8.61 20.19 -15.32
C GLN D 292 -7.34 19.57 -14.74
N VAL D 293 -7.49 18.34 -14.21
CA VAL D 293 -6.32 17.61 -13.71
C VAL D 293 -6.22 16.32 -14.47
N PHE D 294 -5.03 16.02 -14.99
CA PHE D 294 -4.87 14.80 -15.85
C PHE D 294 -3.86 13.89 -15.24
N GLY D 295 -3.95 12.61 -15.57
CA GLY D 295 -2.88 11.71 -15.12
C GLY D 295 -2.98 10.42 -15.80
N ILE D 296 -1.95 9.61 -15.57
CA ILE D 296 -1.81 8.29 -16.22
C ILE D 296 -2.07 7.20 -15.22
N GLY D 297 -3.00 6.31 -15.56
CA GLY D 297 -3.42 5.27 -14.63
C GLY D 297 -2.46 4.05 -14.56
N SER D 298 -2.71 3.21 -13.57
CA SER D 298 -1.93 2.01 -13.39
C SER D 298 -2.36 0.92 -14.38
N ASN D 299 -3.50 1.08 -15.05
CA ASN D 299 -3.88 0.36 -16.18
C ASN D 299 -3.29 0.85 -17.52
N GLY D 300 -2.48 1.91 -17.48
CA GLY D 300 -1.86 2.55 -18.62
C GLY D 300 -2.71 3.58 -19.35
N VAL D 301 -3.91 3.85 -18.81
CA VAL D 301 -4.85 4.70 -19.52
C VAL D 301 -4.65 6.15 -19.09
N ALA D 302 -4.90 7.03 -20.04
CA ALA D 302 -4.87 8.44 -19.83
C ALA D 302 -6.20 8.93 -19.38
N TYR D 303 -6.22 9.68 -18.29
CA TYR D 303 -7.43 10.15 -17.69
C TYR D 303 -7.44 11.65 -17.47
N LEU D 304 -8.64 12.23 -17.49
CA LEU D 304 -8.96 13.45 -16.81
C LEU D 304 -9.26 12.91 -15.42
N VAL D 305 -8.46 13.21 -14.41
CA VAL D 305 -8.72 12.76 -13.08
C VAL D 305 -9.96 13.45 -12.53
N SER D 306 -9.94 14.77 -12.59
CA SER D 306 -11.02 15.59 -12.00
C SER D 306 -11.06 16.90 -12.67
N TRP D 307 -12.17 17.66 -12.49
CA TRP D 307 -12.23 19.01 -13.02
C TRP D 307 -13.00 19.87 -12.00
N GLN D 308 -12.76 21.17 -12.00
CA GLN D 308 -13.32 22.03 -10.93
C GLN D 308 -14.23 23.11 -11.55
N ASP D 309 -15.41 23.32 -10.96
CA ASP D 309 -16.34 24.27 -11.58
C ASP D 309 -16.13 25.70 -11.01
N SER D 310 -16.98 26.66 -11.46
CA SER D 310 -16.81 28.03 -10.97
C SER D 310 -17.18 28.29 -9.51
N GLY D 311 -17.91 27.37 -8.86
CA GLY D 311 -18.15 27.43 -7.39
C GLY D 311 -17.04 26.80 -6.57
N GLY D 312 -16.03 26.24 -7.28
CA GLY D 312 -14.87 25.74 -6.66
C GLY D 312 -15.07 24.27 -6.37
N ASN D 313 -16.14 23.68 -6.82
CA ASN D 313 -16.43 22.29 -6.48
C ASN D 313 -15.71 21.37 -7.51
N TRP D 314 -15.14 20.30 -7.01
CA TRP D 314 -14.54 19.28 -7.88
C TRP D 314 -15.45 18.13 -8.29
N HIS D 315 -15.21 17.60 -9.49
CA HIS D 315 -16.02 16.63 -10.12
C HIS D 315 -15.16 15.50 -10.65
N GLY D 316 -15.69 14.30 -10.58
CA GLY D 316 -14.96 13.13 -11.07
C GLY D 316 -14.74 13.23 -12.55
N GLY D 317 -13.62 12.66 -12.99
CA GLY D 317 -13.21 12.78 -14.40
C GLY D 317 -13.70 11.64 -15.27
N LEU D 318 -12.90 11.30 -16.27
CA LEU D 318 -13.26 10.35 -17.31
C LEU D 318 -12.03 9.84 -18.03
N THR D 319 -12.25 8.77 -18.76
CA THR D 319 -11.20 8.27 -19.66
C THR D 319 -11.08 9.22 -20.85
N LEU D 320 -9.90 9.73 -21.11
CA LEU D 320 -9.74 10.55 -22.33
C LEU D 320 -10.00 9.70 -23.59
N PRO D 321 -10.79 10.18 -24.55
CA PRO D 321 -11.17 9.44 -25.74
C PRO D 321 -9.93 9.10 -26.51
N GLN D 322 -9.72 7.80 -26.75
CA GLN D 322 -8.51 7.33 -27.38
C GLN D 322 -8.33 7.92 -28.79
N PRO D 323 -7.13 8.36 -29.13
CA PRO D 323 -6.93 8.96 -30.42
C PRO D 323 -7.05 7.92 -31.62
N SER D 324 -7.35 8.45 -32.78
CA SER D 324 -7.45 7.68 -34.01
C SER D 324 -6.12 6.98 -34.26
N GLY D 325 -6.17 5.71 -34.49
CA GLY D 325 -5.02 4.95 -34.98
C GLY D 325 -4.14 4.38 -33.89
N TYR D 326 -4.49 4.55 -32.61
CA TYR D 326 -3.62 4.01 -31.54
C TYR D 326 -4.43 3.65 -30.33
N ASN D 327 -4.41 2.39 -29.93
CA ASN D 327 -5.09 2.00 -28.73
C ASN D 327 -4.20 1.64 -27.53
N GLY D 328 -2.92 1.98 -27.60
CA GLY D 328 -2.00 1.83 -26.50
C GLY D 328 -1.99 2.96 -25.48
N SER D 329 -0.93 2.96 -24.70
CA SER D 329 -0.75 3.85 -23.59
C SER D 329 0.13 5.04 -23.97
N PHE D 330 -0.03 6.14 -23.25
CA PHE D 330 0.91 7.28 -23.36
C PHE D 330 1.83 7.29 -22.17
N SER D 331 3.08 7.61 -22.43
CA SER D 331 4.09 7.72 -21.43
C SER D 331 4.26 9.12 -20.80
N GLN D 332 3.62 10.12 -21.34
CA GLN D 332 3.63 11.47 -20.79
C GLN D 332 2.39 12.14 -21.42
N LEU D 333 1.73 12.99 -20.65
CA LEU D 333 0.72 13.90 -21.08
C LEU D 333 1.19 15.32 -20.86
N ALA D 334 0.89 16.19 -21.77
CA ALA D 334 1.11 17.67 -21.58
C ALA D 334 -0.11 18.39 -22.08
N ALA D 335 -0.45 19.53 -21.48
CA ALA D 335 -1.73 20.18 -21.81
C ALA D 335 -1.49 21.64 -22.07
N GLY D 336 -2.22 22.19 -23.06
CA GLY D 336 -2.20 23.61 -23.32
C GLY D 336 -3.34 24.08 -24.13
N ASN D 337 -3.57 25.41 -24.10
CA ASN D 337 -4.72 25.91 -24.82
C ASN D 337 -4.30 26.30 -26.21
N GLY D 338 -5.08 25.89 -27.17
CA GLY D 338 -4.78 26.17 -28.54
C GLY D 338 -5.85 27.05 -29.12
N ASN D 339 -6.29 26.69 -30.34
CA ASN D 339 -7.22 27.51 -31.12
C ASN D 339 -8.53 27.76 -30.35
N SER D 340 -8.96 29.02 -30.32
CA SER D 340 -10.16 29.40 -29.57
C SER D 340 -10.15 28.93 -28.13
N HIS D 341 -8.97 28.83 -27.54
CA HIS D 341 -8.76 28.38 -26.17
C HIS D 341 -8.97 26.86 -25.96
N TYR D 342 -9.33 26.11 -27.00
CA TYR D 342 -9.65 24.66 -26.84
C TYR D 342 -8.44 23.97 -26.20
N LEU D 343 -8.73 23.25 -25.12
CA LEU D 343 -7.70 22.57 -24.40
C LEU D 343 -7.22 21.32 -25.21
N GLN D 344 -5.90 21.24 -25.42
CA GLN D 344 -5.23 20.16 -26.15
C GLN D 344 -4.44 19.35 -25.12
N VAL D 345 -4.63 18.01 -25.17
CA VAL D 345 -3.79 17.13 -24.37
C VAL D 345 -2.99 16.30 -25.38
N VAL D 346 -1.70 16.55 -25.36
CA VAL D 346 -0.73 15.87 -26.27
C VAL D 346 0.04 14.83 -25.44
N GLY D 347 0.67 13.90 -26.14
CA GLY D 347 1.34 12.85 -25.44
C GLY D 347 2.26 12.11 -26.35
N THR D 348 3.15 11.37 -25.75
CA THR D 348 4.05 10.41 -26.46
C THR D 348 3.58 9.00 -26.30
N ASP D 349 3.32 8.36 -27.42
CA ASP D 349 3.00 6.95 -27.41
C ASP D 349 4.22 6.12 -26.95
N ALA D 350 4.05 4.82 -26.91
CA ALA D 350 5.09 3.94 -26.40
C ALA D 350 6.38 4.05 -27.16
N GLN D 351 6.30 4.26 -28.47
CA GLN D 351 7.49 4.47 -29.32
C GLN D 351 8.15 5.85 -29.17
N GLY D 352 7.33 6.81 -28.70
CA GLY D 352 7.70 8.24 -28.74
C GLY D 352 7.02 9.09 -29.79
N ASN D 353 6.09 8.55 -30.57
CA ASN D 353 5.43 9.36 -31.59
C ASN D 353 4.54 10.35 -30.85
N VAL D 354 4.48 11.59 -31.32
CA VAL D 354 3.66 12.57 -30.61
C VAL D 354 2.21 12.51 -31.17
N TYR D 355 1.22 12.40 -30.28
CA TYR D 355 -0.18 12.37 -30.58
C TYR D 355 -0.83 13.60 -29.90
N LEU D 356 -1.83 14.13 -30.58
CA LEU D 356 -2.93 14.81 -29.86
C LEU D 356 -3.78 13.66 -29.25
N VAL D 357 -3.76 13.48 -27.93
CA VAL D 357 -4.44 12.40 -27.28
C VAL D 357 -5.94 12.74 -27.44
N SER D 358 -6.30 13.96 -27.02
CA SER D 358 -7.73 14.33 -27.06
C SER D 358 -7.73 15.85 -27.01
N TRP D 359 -8.77 16.44 -27.49
CA TRP D 359 -8.97 17.87 -27.36
C TRP D 359 -10.39 18.10 -26.79
N GLN D 360 -10.56 19.22 -26.11
CA GLN D 360 -11.86 19.51 -25.48
C GLN D 360 -12.53 20.72 -26.19
N ASP D 361 -13.84 20.59 -26.51
CA ASP D 361 -14.55 21.72 -27.10
C ASP D 361 -15.04 22.68 -26.04
N SER D 362 -15.73 23.70 -26.51
CA SER D 362 -16.19 24.84 -25.72
C SER D 362 -17.12 24.47 -24.62
N GLU D 363 -17.81 23.37 -24.87
CA GLU D 363 -18.85 22.84 -24.00
C GLU D 363 -18.25 21.83 -22.97
N GLY D 364 -16.95 21.60 -23.02
CA GLY D 364 -16.29 20.66 -22.06
C GLY D 364 -16.32 19.23 -22.54
N LYS D 365 -16.80 18.99 -23.78
CA LYS D 365 -16.87 17.59 -24.27
C LYS D 365 -15.50 17.27 -24.91
N TRP D 366 -14.98 16.10 -24.56
CA TRP D 366 -13.68 15.67 -25.11
C TRP D 366 -13.82 14.86 -26.38
N HIS D 367 -12.86 15.02 -27.22
CA HIS D 367 -12.84 14.41 -28.53
C HIS D 367 -11.52 13.68 -28.75
N ALA D 368 -11.61 12.54 -29.45
CA ALA D 368 -10.43 11.76 -29.86
C ALA D 368 -9.45 12.55 -30.71
N GLY D 369 -8.19 12.45 -30.34
CA GLY D 369 -7.18 12.98 -31.19
C GLY D 369 -6.64 12.10 -32.27
N PHE D 370 -5.38 12.36 -32.59
CA PHE D 370 -4.73 11.73 -33.74
C PHE D 370 -3.26 11.94 -33.66
N GLU D 371 -2.50 11.19 -34.46
CA GLU D 371 -1.10 11.37 -34.50
C GLU D 371 -0.74 12.71 -35.18
N LEU D 372 0.16 13.45 -34.57
CA LEU D 372 0.62 14.72 -35.12
C LEU D 372 1.55 14.60 -36.26
N PRO D 373 1.63 15.67 -37.08
CA PRO D 373 2.66 15.67 -38.13
C PRO D 373 4.06 15.42 -37.62
N ARG D 374 4.84 14.61 -38.34
CA ARG D 374 6.17 14.30 -37.84
C ARG D 374 7.18 15.38 -38.11
N ALA D 375 7.95 15.74 -37.08
CA ALA D 375 8.95 16.79 -37.20
C ALA D 375 10.00 16.40 -38.28
N SER D 376 10.52 17.40 -39.00
CA SER D 376 11.40 17.17 -40.18
C SER D 376 12.83 17.39 -39.76
S SO4 E . 22.39 -1.75 -20.43
O1 SO4 E . 23.09 -2.70 -21.46
O2 SO4 E . 22.34 -0.32 -20.98
O3 SO4 E . 20.99 -2.25 -20.18
O4 SO4 E . 23.22 -1.94 -19.18
S SO4 F . 46.41 6.56 -17.13
O1 SO4 F . 46.37 5.56 -18.25
O2 SO4 F . 47.55 7.45 -17.43
O3 SO4 F . 46.59 5.92 -15.82
O4 SO4 F . 45.20 7.35 -16.99
C1 EDO G . 15.61 10.20 1.14
O1 EDO G . 15.82 10.52 2.51
C2 EDO G . 14.50 9.13 1.04
O2 EDO G . 13.23 9.83 0.71
S SO4 H . -8.66 -18.25 8.77
O1 SO4 H . -9.29 -19.14 7.73
O2 SO4 H . -7.33 -17.98 8.10
O3 SO4 H . -8.54 -19.19 9.90
O4 SO4 H . -9.61 -17.10 9.02
S SO4 I . -23.63 -42.66 12.70
O1 SO4 I . -23.94 -42.88 11.28
O2 SO4 I . -22.17 -42.93 12.84
O3 SO4 I . -24.41 -43.74 13.39
O4 SO4 I . -24.19 -41.32 13.15
S SO4 J . 10.67 -6.63 6.22
O1 SO4 J . 10.52 -7.49 5.03
O2 SO4 J . 10.37 -5.25 5.78
O3 SO4 J . 9.72 -6.86 7.38
O4 SO4 J . 12.09 -6.86 6.62
C1 EDO K . -8.00 -24.48 -6.44
O1 EDO K . -9.00 -25.44 -6.12
C2 EDO K . -8.56 -23.29 -7.17
O2 EDO K . -7.94 -22.94 -8.43
C1 PEG L . 7.33 -4.94 23.89
O1 PEG L . 6.60 -4.26 22.87
C2 PEG L . 6.62 -6.28 24.24
O2 PEG L . 5.90 -6.10 25.48
C3 PEG L . 6.04 -7.06 26.59
C4 PEG L . 5.54 -6.36 27.88
O4 PEG L . 5.79 -6.91 29.22
C1 PEG M . -19.74 -15.62 -18.16
O1 PEG M . -19.40 -14.30 -17.70
C2 PEG M . -20.30 -16.54 -17.07
O2 PEG M . -20.14 -17.96 -17.43
C3 PEG M . -18.69 -18.34 -17.45
C4 PEG M . -18.33 -19.69 -18.01
O4 PEG M . -17.13 -20.34 -17.53
OH2 1PE N . 3.56 -32.15 3.90
C12 1PE N . 3.15 -32.12 5.25
C22 1PE N . 1.80 -31.46 5.05
OH3 1PE N . 1.38 -30.92 6.26
C13 1PE N . -0.43 -29.47 5.55
C23 1PE N . -0.02 -30.70 6.37
OH4 1PE N . -1.37 -29.89 4.60
C14 1PE N . -3.11 -29.40 3.04
C24 1PE N . -2.06 -28.79 3.97
OH5 1PE N . -3.66 -30.63 3.57
C15 1PE N . -5.46 -32.25 3.08
C25 1PE N . -4.22 -31.50 2.57
OH6 1PE N . -5.31 -32.77 4.39
C16 1PE N . -5.36 -34.96 5.37
C26 1PE N . -4.60 -33.94 4.60
OH7 1PE N . -4.85 -36.21 4.88
S SO4 O . -17.76 0.13 29.99
O1 SO4 O . -16.74 -0.13 28.83
O2 SO4 O . -18.89 1.13 29.64
O3 SO4 O . -18.41 -1.10 30.51
O4 SO4 O . -17.18 0.82 31.21
S SO4 P . -4.50 11.53 53.42
O1 SO4 P . -3.97 11.61 52.05
O2 SO4 P . -5.43 12.67 53.64
O3 SO4 P . -5.19 10.24 53.85
O4 SO4 P . -3.24 11.64 54.20
S SO4 Q . -14.35 23.55 20.42
O1 SO4 Q . -14.77 22.34 19.68
O2 SO4 Q . -14.38 24.59 19.35
O3 SO4 Q . -15.14 23.98 21.60
O4 SO4 Q . -13.04 23.38 21.07
S SO4 R . -10.15 -13.20 54.63
O1 SO4 R . -9.37 -13.35 53.31
O2 SO4 R . -11.60 -13.43 54.57
O3 SO4 R . -9.45 -14.14 55.58
O4 SO4 R . -10.05 -11.89 55.28
C1 PEG S . -16.09 16.79 40.19
O1 PEG S . -16.84 18.01 40.25
C2 PEG S . -16.60 15.88 39.09
O2 PEG S . -15.70 14.75 38.88
C3 PEG S . -16.00 13.60 39.70
C4 PEG S . -17.10 12.75 39.17
O4 PEG S . -17.44 11.68 40.07
S SO4 T . 6.53 23.09 -19.46
O1 SO4 T . 7.07 24.14 -20.38
O2 SO4 T . 5.57 22.28 -20.28
O3 SO4 T . 5.77 23.84 -18.39
O4 SO4 T . 7.60 22.30 -18.80
S SO4 U . -16.24 0.29 -19.28
O1 SO4 U . -15.84 0.53 -20.68
O2 SO4 U . -17.61 0.78 -18.85
O3 SO4 U . -16.20 -1.17 -19.06
O4 SO4 U . -15.16 0.91 -18.49
#